data_6BRI
# 
_entry.id   6BRI 
# 
_audit_conform.dict_name       mmcif_pdbx.dic 
_audit_conform.dict_version    5.379 
_audit_conform.dict_location   http://mmcif.pdb.org/dictionaries/ascii/mmcif_pdbx.dic 
# 
loop_
_database_2.database_id 
_database_2.database_code 
_database_2.pdbx_database_accession 
_database_2.pdbx_DOI 
PDB   6BRI         pdb_00006bri 10.2210/pdb6bri/pdb 
WWPDB D_1000231209 ?            ?                   
# 
_pdbx_database_status.status_code                     REL 
_pdbx_database_status.status_code_sf                  REL 
_pdbx_database_status.status_code_mr                  ? 
_pdbx_database_status.entry_id                        6BRI 
_pdbx_database_status.recvd_initial_deposition_date   2017-11-30 
_pdbx_database_status.SG_entry                        N 
_pdbx_database_status.deposit_site                    RCSB 
_pdbx_database_status.process_site                    RCSB 
_pdbx_database_status.status_code_cs                  ? 
_pdbx_database_status.methods_development_category    ? 
_pdbx_database_status.pdb_format_compatible           Y 
_pdbx_database_status.status_code_nmr_data            ? 
# 
loop_
_audit_author.name 
_audit_author.pdbx_ordinal 
_audit_author.identifier_ORCID 
'McDougall, M.' 1 ? 
'Trieu, B.'     2 ? 
'Stetefeld, J.' 3 ? 
# 
_citation.abstract                  ? 
_citation.abstract_id_CAS           ? 
_citation.book_id_ISBN              ? 
_citation.book_publisher            ? 
_citation.book_publisher_city       ? 
_citation.book_title                ? 
_citation.coordinate_linkage        ? 
_citation.country                   US 
_citation.database_id_Medline       ? 
_citation.details                   ? 
_citation.id                        primary 
_citation.journal_abbrev            'J. Struct. Biol.' 
_citation.journal_id_ASTM           JSBIEM 
_citation.journal_id_CSD            0803 
_citation.journal_id_ISSN           1095-8657 
_citation.journal_full              ? 
_citation.journal_issue             ? 
_citation.journal_volume            203 
_citation.language                  ? 
_citation.page_first                281 
_citation.page_last                 287 
_citation.title                     
;Reductive power of the archaea right-handed coiled coil nanotube (RHCC-NT) and incorporation of mercury clusters inside protein cages.
;
_citation.year                      2018 
_citation.database_id_CSD           ? 
_citation.pdbx_database_id_DOI      10.1016/j.jsb.2018.05.013 
_citation.pdbx_database_id_PubMed   29879486 
_citation.unpublished_flag          ? 
# 
loop_
_citation_author.citation_id 
_citation_author.name 
_citation_author.ordinal 
_citation_author.identifier_ORCID 
primary 'McDougall, M.' 1 ? 
primary 'McEleney, K.'  2 ? 
primary 'Francisco, O.' 3 ? 
primary 'Trieu, B.'     4 ? 
primary 'Ogbomo, E.K.'  5 ? 
primary 'Tomy, G.'      6 ? 
primary 'Stetefeld, J.' 7 ? 
# 
_cell.angle_alpha                  90.00 
_cell.angle_alpha_esd              ? 
_cell.angle_beta                   90.00 
_cell.angle_beta_esd               ? 
_cell.angle_gamma                  120.00 
_cell.angle_gamma_esd              ? 
_cell.entry_id                     6BRI 
_cell.details                      ? 
_cell.formula_units_Z              ? 
_cell.length_a                     108.823 
_cell.length_a_esd                 ? 
_cell.length_b                     108.823 
_cell.length_b_esd                 ? 
_cell.length_c                     70.388 
_cell.length_c_esd                 ? 
_cell.volume                       ? 
_cell.volume_esd                   ? 
_cell.Z_PDB                        24 
_cell.reciprocal_angle_alpha       ? 
_cell.reciprocal_angle_beta        ? 
_cell.reciprocal_angle_gamma       ? 
_cell.reciprocal_angle_alpha_esd   ? 
_cell.reciprocal_angle_beta_esd    ? 
_cell.reciprocal_angle_gamma_esd   ? 
_cell.reciprocal_length_a          ? 
_cell.reciprocal_length_b          ? 
_cell.reciprocal_length_c          ? 
_cell.reciprocal_length_a_esd      ? 
_cell.reciprocal_length_b_esd      ? 
_cell.reciprocal_length_c_esd      ? 
_cell.pdbx_unique_axis             ? 
# 
_symmetry.entry_id                         6BRI 
_symmetry.cell_setting                     ? 
_symmetry.Int_Tables_number                152 
_symmetry.space_group_name_Hall            ? 
_symmetry.space_group_name_H-M             'P 31 2 1' 
_symmetry.pdbx_full_space_group_name_H-M   ? 
# 
loop_
_entity.id 
_entity.type 
_entity.src_method 
_entity.pdbx_description 
_entity.formula_weight 
_entity.pdbx_number_of_molecules 
_entity.pdbx_ec 
_entity.pdbx_mutation 
_entity.pdbx_fragment 
_entity.details 
1 polymer     man 'Right Handed Coiled Coil' 5898.720 4  ? ? ? ? 
2 non-polymer syn 'MERCURY (II) ION'         200.590  3  ? ? ? ? 
3 non-polymer syn 'IODIDE ION'               126.904  13 ? ? ? ? 
4 non-polymer syn mercuriomercury            401.180  2  ? ? ? ? 
5 non-polymer syn 'SODIUM ION'               22.990   2  ? ? ? ? 
6 non-polymer syn 'SULFATE ION'              96.063   1  ? ? ? ? 
7 non-polymer syn 'POTASSIUM ION'            39.098   6  ? ? ? ? 
8 non-polymer syn GLYCEROL                   92.094   2  ? ? ? ? 
9 non-polymer syn 'MERCURY (II) IODIDE'      454.399  1  ? ? ? ? 
# 
_entity_poly.entity_id                      1 
_entity_poly.type                           'polypeptide(L)' 
_entity_poly.nstd_linkage                   no 
_entity_poly.nstd_monomer                   no 
_entity_poly.pdbx_seq_one_letter_code       GSIINETADDIVYRLTVIIDDRYESLKNLITLRADRLEMIINDNVSTILASI 
_entity_poly.pdbx_seq_one_letter_code_can   GSIINETADDIVYRLTVIIDDRYESLKNLITLRADRLEMIINDNVSTILASI 
_entity_poly.pdbx_strand_id                 A,B,C,D 
_entity_poly.pdbx_target_identifier         ? 
# 
loop_
_entity_poly_seq.entity_id 
_entity_poly_seq.num 
_entity_poly_seq.mon_id 
_entity_poly_seq.hetero 
1 1  GLY n 
1 2  SER n 
1 3  ILE n 
1 4  ILE n 
1 5  ASN n 
1 6  GLU n 
1 7  THR n 
1 8  ALA n 
1 9  ASP n 
1 10 ASP n 
1 11 ILE n 
1 12 VAL n 
1 13 TYR n 
1 14 ARG n 
1 15 LEU n 
1 16 THR n 
1 17 VAL n 
1 18 ILE n 
1 19 ILE n 
1 20 ASP n 
1 21 ASP n 
1 22 ARG n 
1 23 TYR n 
1 24 GLU n 
1 25 SER n 
1 26 LEU n 
1 27 LYS n 
1 28 ASN n 
1 29 LEU n 
1 30 ILE n 
1 31 THR n 
1 32 LEU n 
1 33 ARG n 
1 34 ALA n 
1 35 ASP n 
1 36 ARG n 
1 37 LEU n 
1 38 GLU n 
1 39 MET n 
1 40 ILE n 
1 41 ILE n 
1 42 ASN n 
1 43 ASP n 
1 44 ASN n 
1 45 VAL n 
1 46 SER n 
1 47 THR n 
1 48 ILE n 
1 49 LEU n 
1 50 ALA n 
1 51 SER n 
1 52 ILE n 
# 
_entity_src_gen.entity_id                          1 
_entity_src_gen.pdbx_src_id                        1 
_entity_src_gen.pdbx_alt_source_flag               sample 
_entity_src_gen.pdbx_seq_type                      'Biological sequence' 
_entity_src_gen.pdbx_beg_seq_num                   1 
_entity_src_gen.pdbx_end_seq_num                   52 
_entity_src_gen.gene_src_common_name               ? 
_entity_src_gen.gene_src_genus                     ? 
_entity_src_gen.pdbx_gene_src_gene                 Smar_1008 
_entity_src_gen.gene_src_species                   ? 
_entity_src_gen.gene_src_strain                    'ATCC 43588 / DSM 3639 / JCM 9404 / F1' 
_entity_src_gen.gene_src_tissue                    ? 
_entity_src_gen.gene_src_tissue_fraction           ? 
_entity_src_gen.gene_src_details                   ? 
_entity_src_gen.pdbx_gene_src_fragment             ? 
_entity_src_gen.pdbx_gene_src_scientific_name      'Staphylothermus marinus F1' 
_entity_src_gen.pdbx_gene_src_ncbi_taxonomy_id     399550 
_entity_src_gen.pdbx_gene_src_variant              ? 
_entity_src_gen.pdbx_gene_src_cell_line            ? 
_entity_src_gen.pdbx_gene_src_atcc                 ? 
_entity_src_gen.pdbx_gene_src_organ                ? 
_entity_src_gen.pdbx_gene_src_organelle            ? 
_entity_src_gen.pdbx_gene_src_cell                 ? 
_entity_src_gen.pdbx_gene_src_cellular_location    ? 
_entity_src_gen.host_org_common_name               ? 
_entity_src_gen.pdbx_host_org_scientific_name      'Escherichia coli' 
_entity_src_gen.pdbx_host_org_ncbi_taxonomy_id     562 
_entity_src_gen.host_org_genus                     ? 
_entity_src_gen.pdbx_host_org_gene                 ? 
_entity_src_gen.pdbx_host_org_organ                ? 
_entity_src_gen.host_org_species                   ? 
_entity_src_gen.pdbx_host_org_tissue               ? 
_entity_src_gen.pdbx_host_org_tissue_fraction      ? 
_entity_src_gen.pdbx_host_org_strain               ? 
_entity_src_gen.pdbx_host_org_variant              ? 
_entity_src_gen.pdbx_host_org_cell_line            ? 
_entity_src_gen.pdbx_host_org_atcc                 ? 
_entity_src_gen.pdbx_host_org_culture_collection   ? 
_entity_src_gen.pdbx_host_org_cell                 ? 
_entity_src_gen.pdbx_host_org_organelle            ? 
_entity_src_gen.pdbx_host_org_cellular_location    ? 
_entity_src_gen.pdbx_host_org_vector_type          ? 
_entity_src_gen.pdbx_host_org_vector               ? 
_entity_src_gen.host_org_details                   ? 
_entity_src_gen.expression_system_id               ? 
_entity_src_gen.plasmid_name                       ? 
_entity_src_gen.plasmid_details                    ? 
_entity_src_gen.pdbx_description                   ? 
# 
_struct_ref.id                         1 
_struct_ref.db_name                    UNP 
_struct_ref.db_code                    A3DN96_STAMF 
_struct_ref.pdbx_db_accession          A3DN96 
_struct_ref.pdbx_db_isoform            ? 
_struct_ref.entity_id                  1 
_struct_ref.pdbx_seq_one_letter_code   IINETADDIVYRLTVIIDDRYESLKNLITLRADRLEMIINDNVSTILASI 
_struct_ref.pdbx_align_begin           1238 
# 
loop_
_struct_ref_seq.align_id 
_struct_ref_seq.ref_id 
_struct_ref_seq.pdbx_PDB_id_code 
_struct_ref_seq.pdbx_strand_id 
_struct_ref_seq.seq_align_beg 
_struct_ref_seq.pdbx_seq_align_beg_ins_code 
_struct_ref_seq.seq_align_end 
_struct_ref_seq.pdbx_seq_align_end_ins_code 
_struct_ref_seq.pdbx_db_accession 
_struct_ref_seq.db_align_beg 
_struct_ref_seq.pdbx_db_align_beg_ins_code 
_struct_ref_seq.db_align_end 
_struct_ref_seq.pdbx_db_align_end_ins_code 
_struct_ref_seq.pdbx_auth_seq_align_beg 
_struct_ref_seq.pdbx_auth_seq_align_end 
1 1 6BRI A 3 ? 52 ? A3DN96 1238 ? 1287 ? 3 52 
2 1 6BRI B 3 ? 52 ? A3DN96 1238 ? 1287 ? 3 52 
3 1 6BRI C 3 ? 52 ? A3DN96 1238 ? 1287 ? 3 52 
4 1 6BRI D 3 ? 52 ? A3DN96 1238 ? 1287 ? 3 52 
# 
loop_
_struct_ref_seq_dif.align_id 
_struct_ref_seq_dif.pdbx_pdb_id_code 
_struct_ref_seq_dif.mon_id 
_struct_ref_seq_dif.pdbx_pdb_strand_id 
_struct_ref_seq_dif.seq_num 
_struct_ref_seq_dif.pdbx_pdb_ins_code 
_struct_ref_seq_dif.pdbx_seq_db_name 
_struct_ref_seq_dif.pdbx_seq_db_accession_code 
_struct_ref_seq_dif.db_mon_id 
_struct_ref_seq_dif.pdbx_seq_db_seq_num 
_struct_ref_seq_dif.details 
_struct_ref_seq_dif.pdbx_auth_seq_num 
_struct_ref_seq_dif.pdbx_ordinal 
1 6BRI GLY A 1 ? UNP A3DN96 ? ? 'expression tag' 1 1 
1 6BRI SER A 2 ? UNP A3DN96 ? ? 'expression tag' 2 2 
2 6BRI GLY B 1 ? UNP A3DN96 ? ? 'expression tag' 1 3 
2 6BRI SER B 2 ? UNP A3DN96 ? ? 'expression tag' 2 4 
3 6BRI GLY C 1 ? UNP A3DN96 ? ? 'expression tag' 1 5 
3 6BRI SER C 2 ? UNP A3DN96 ? ? 'expression tag' 2 6 
4 6BRI GLY D 1 ? UNP A3DN96 ? ? 'expression tag' 1 7 
4 6BRI SER D 2 ? UNP A3DN96 ? ? 'expression tag' 2 8 
# 
loop_
_chem_comp.id 
_chem_comp.type 
_chem_comp.mon_nstd_flag 
_chem_comp.name 
_chem_comp.pdbx_synonyms 
_chem_comp.formula 
_chem_comp.formula_weight 
ALA 'L-peptide linking' y ALANINE               ?                               'C3 H7 N O2'     89.093  
ARG 'L-peptide linking' y ARGININE              ?                               'C6 H15 N4 O2 1' 175.209 
ASN 'L-peptide linking' y ASPARAGINE            ?                               'C4 H8 N2 O3'    132.118 
ASP 'L-peptide linking' y 'ASPARTIC ACID'       ?                               'C4 H7 N O4'     133.103 
GLU 'L-peptide linking' y 'GLUTAMIC ACID'       ?                               'C5 H9 N O4'     147.129 
GLY 'peptide linking'   y GLYCINE               ?                               'C2 H5 N O2'     75.067  
GOL non-polymer         . GLYCEROL              'GLYCERIN; PROPANE-1,2,3-TRIOL' 'C3 H8 O3'       92.094  
HG  non-polymer         . 'MERCURY (II) ION'    ?                               'Hg 2'           200.590 
HGI non-polymer         . 'MERCURY (II) IODIDE' 'MERCURY DIIODIDE'              'Hg I2'          454.399 
HGN non-polymer         . mercuriomercury       ?                               Hg2              401.180 
ILE 'L-peptide linking' y ISOLEUCINE            ?                               'C6 H13 N O2'    131.173 
IOD non-polymer         . 'IODIDE ION'          ?                               'I -1'           126.904 
K   non-polymer         . 'POTASSIUM ION'       ?                               'K 1'            39.098  
LEU 'L-peptide linking' y LEUCINE               ?                               'C6 H13 N O2'    131.173 
LYS 'L-peptide linking' y LYSINE                ?                               'C6 H15 N2 O2 1' 147.195 
MET 'L-peptide linking' y METHIONINE            ?                               'C5 H11 N O2 S'  149.211 
NA  non-polymer         . 'SODIUM ION'          ?                               'Na 1'           22.990  
SER 'L-peptide linking' y SERINE                ?                               'C3 H7 N O3'     105.093 
SO4 non-polymer         . 'SULFATE ION'         ?                               'O4 S -2'        96.063  
THR 'L-peptide linking' y THREONINE             ?                               'C4 H9 N O3'     119.119 
TYR 'L-peptide linking' y TYROSINE              ?                               'C9 H11 N O3'    181.189 
VAL 'L-peptide linking' y VALINE                ?                               'C5 H11 N O2'    117.146 
# 
_exptl.absorpt_coefficient_mu     ? 
_exptl.absorpt_correction_T_max   ? 
_exptl.absorpt_correction_T_min   ? 
_exptl.absorpt_correction_type    ? 
_exptl.absorpt_process_details    ? 
_exptl.entry_id                   6BRI 
_exptl.crystals_number            1 
_exptl.details                    ? 
_exptl.method                     'X-RAY DIFFRACTION' 
_exptl.method_details             ? 
# 
_exptl_crystal.colour                      ? 
_exptl_crystal.density_diffrn              ? 
_exptl_crystal.density_Matthews            5.24 
_exptl_crystal.density_method              ? 
_exptl_crystal.density_percent_sol         76.52 
_exptl_crystal.description                 ? 
_exptl_crystal.F_000                       ? 
_exptl_crystal.id                          1 
_exptl_crystal.preparation                 ? 
_exptl_crystal.size_max                    ? 
_exptl_crystal.size_mid                    ? 
_exptl_crystal.size_min                    ? 
_exptl_crystal.size_rad                    ? 
_exptl_crystal.colour_lustre               ? 
_exptl_crystal.colour_modifier             ? 
_exptl_crystal.colour_primary              ? 
_exptl_crystal.density_meas                ? 
_exptl_crystal.density_meas_esd            ? 
_exptl_crystal.density_meas_gt             ? 
_exptl_crystal.density_meas_lt             ? 
_exptl_crystal.density_meas_temp           ? 
_exptl_crystal.density_meas_temp_esd       ? 
_exptl_crystal.density_meas_temp_gt        ? 
_exptl_crystal.density_meas_temp_lt        ? 
_exptl_crystal.pdbx_crystal_image_url      ? 
_exptl_crystal.pdbx_crystal_image_format   ? 
_exptl_crystal.pdbx_mosaicity              ? 
_exptl_crystal.pdbx_mosaicity_esd          ? 
# 
_exptl_crystal_grow.apparatus       ? 
_exptl_crystal_grow.atmosphere      ? 
_exptl_crystal_grow.crystal_id      1 
_exptl_crystal_grow.details         ? 
_exptl_crystal_grow.method          'VAPOR DIFFUSION, HANGING DROP' 
_exptl_crystal_grow.method_ref      ? 
_exptl_crystal_grow.pH              7.9 
_exptl_crystal_grow.pressure        ? 
_exptl_crystal_grow.pressure_esd    ? 
_exptl_crystal_grow.seeding         ? 
_exptl_crystal_grow.seeding_ref     ? 
_exptl_crystal_grow.temp            277.15 
_exptl_crystal_grow.temp_details    ? 
_exptl_crystal_grow.temp_esd        ? 
_exptl_crystal_grow.time            ? 
_exptl_crystal_grow.pdbx_details    
;2M Ammonium Sulfate
200 mM Tris pH 7.9
0.7mM K2HgI4 soaked in 4 days prior to collection
;
_exptl_crystal_grow.pdbx_pH_range   ? 
# 
_diffrn.ambient_environment    ? 
_diffrn.ambient_temp           100 
_diffrn.ambient_temp_details   ? 
_diffrn.ambient_temp_esd       ? 
_diffrn.crystal_id             1 
_diffrn.crystal_support        ? 
_diffrn.crystal_treatment      ? 
_diffrn.details                ? 
_diffrn.id                     1 
_diffrn.ambient_pressure       ? 
_diffrn.ambient_pressure_esd   ? 
_diffrn.ambient_pressure_gt    ? 
_diffrn.ambient_pressure_lt    ? 
_diffrn.ambient_temp_gt        ? 
_diffrn.ambient_temp_lt        ? 
# 
_diffrn_detector.details                      ? 
_diffrn_detector.detector                     'IMAGE PLATE' 
_diffrn_detector.diffrn_id                    1 
_diffrn_detector.type                         'MAR scanner 345 mm plate' 
_diffrn_detector.area_resol_mean              ? 
_diffrn_detector.dtime                        ? 
_diffrn_detector.pdbx_frames_total            ? 
_diffrn_detector.pdbx_collection_time_total   ? 
_diffrn_detector.pdbx_collection_date         1999-04-07 
# 
_diffrn_radiation.collimation                      ? 
_diffrn_radiation.diffrn_id                        1 
_diffrn_radiation.filter_edge                      ? 
_diffrn_radiation.inhomogeneity                    ? 
_diffrn_radiation.monochromator                    ? 
_diffrn_radiation.polarisn_norm                    ? 
_diffrn_radiation.polarisn_ratio                   ? 
_diffrn_radiation.probe                            ? 
_diffrn_radiation.type                             ? 
_diffrn_radiation.xray_symbol                      ? 
_diffrn_radiation.wavelength_id                    1 
_diffrn_radiation.pdbx_monochromatic_or_laue_m_l   M 
_diffrn_radiation.pdbx_wavelength_list             ? 
_diffrn_radiation.pdbx_wavelength                  ? 
_diffrn_radiation.pdbx_diffrn_protocol             'SINGLE WAVELENGTH' 
_diffrn_radiation.pdbx_analyzer                    ? 
_diffrn_radiation.pdbx_scattering_type             x-ray 
# 
_diffrn_radiation_wavelength.id           1 
_diffrn_radiation_wavelength.wavelength   0.8472 
_diffrn_radiation_wavelength.wt           1.0 
# 
_diffrn_source.current                     ? 
_diffrn_source.details                     ? 
_diffrn_source.diffrn_id                   1 
_diffrn_source.power                       ? 
_diffrn_source.size                        ? 
_diffrn_source.source                      SYNCHROTRON 
_diffrn_source.target                      ? 
_diffrn_source.type                        'EMBL/DESY, HAMBURG BEAMLINE BW7B' 
_diffrn_source.voltage                     ? 
_diffrn_source.take-off_angle              ? 
_diffrn_source.pdbx_wavelength_list        0.8472 
_diffrn_source.pdbx_wavelength             ? 
_diffrn_source.pdbx_synchrotron_beamline   BW7B 
_diffrn_source.pdbx_synchrotron_site       'EMBL/DESY, HAMBURG' 
# 
_reflns.B_iso_Wilson_estimate            ? 
_reflns.entry_id                         6BRI 
_reflns.data_reduction_details           ? 
_reflns.data_reduction_method            ? 
_reflns.d_resolution_high                3.266 
_reflns.d_resolution_low                 28.69 
_reflns.details                          ? 
_reflns.limit_h_max                      ? 
_reflns.limit_h_min                      ? 
_reflns.limit_k_max                      ? 
_reflns.limit_k_min                      ? 
_reflns.limit_l_max                      ? 
_reflns.limit_l_min                      ? 
_reflns.number_all                       ? 
_reflns.number_obs                       7550 
_reflns.observed_criterion               ? 
_reflns.observed_criterion_F_max         ? 
_reflns.observed_criterion_F_min         ? 
_reflns.observed_criterion_I_max         ? 
_reflns.observed_criterion_I_min         ? 
_reflns.observed_criterion_sigma_F       ? 
_reflns.observed_criterion_sigma_I       ? 
_reflns.percent_possible_obs             98.7 
_reflns.R_free_details                   ? 
_reflns.Rmerge_F_all                     ? 
_reflns.Rmerge_F_obs                     ? 
_reflns.Friedel_coverage                 ? 
_reflns.number_gt                        ? 
_reflns.threshold_expression             ? 
_reflns.pdbx_redundancy                  3.7 
_reflns.pdbx_Rmerge_I_obs                0.071 
_reflns.pdbx_Rmerge_I_all                ? 
_reflns.pdbx_Rsym_value                  ? 
_reflns.pdbx_netI_over_av_sigmaI         ? 
_reflns.pdbx_netI_over_sigmaI            3.8 
_reflns.pdbx_res_netI_over_av_sigmaI_2   ? 
_reflns.pdbx_res_netI_over_sigmaI_2      ? 
_reflns.pdbx_chi_squared                 ? 
_reflns.pdbx_scaling_rejects             ? 
_reflns.pdbx_d_res_high_opt              ? 
_reflns.pdbx_d_res_low_opt               ? 
_reflns.pdbx_d_res_opt_method            ? 
_reflns.phase_calculation_details        ? 
_reflns.pdbx_Rrim_I_all                  ? 
_reflns.pdbx_Rpim_I_all                  ? 
_reflns.pdbx_d_opt                       ? 
_reflns.pdbx_number_measured_all         ? 
_reflns.pdbx_diffrn_id                   1 
_reflns.pdbx_ordinal                     1 
_reflns.pdbx_CC_half                     ? 
_reflns.pdbx_R_split                     ? 
# 
_reflns_shell.d_res_high                  3.266 
_reflns_shell.d_res_low                   3.35 
_reflns_shell.meanI_over_sigI_all         ? 
_reflns_shell.meanI_over_sigI_obs         2.8 
_reflns_shell.number_measured_all         ? 
_reflns_shell.number_measured_obs         ? 
_reflns_shell.number_possible             ? 
_reflns_shell.number_unique_all           ? 
_reflns_shell.number_unique_obs           ? 
_reflns_shell.percent_possible_all        95.1 
_reflns_shell.percent_possible_obs        ? 
_reflns_shell.Rmerge_F_all                ? 
_reflns_shell.Rmerge_F_obs                ? 
_reflns_shell.Rmerge_I_all                ? 
_reflns_shell.Rmerge_I_obs                0.78 
_reflns_shell.meanI_over_sigI_gt          ? 
_reflns_shell.meanI_over_uI_all           ? 
_reflns_shell.meanI_over_uI_gt            ? 
_reflns_shell.number_measured_gt          ? 
_reflns_shell.number_unique_gt            ? 
_reflns_shell.percent_possible_gt         ? 
_reflns_shell.Rmerge_F_gt                 ? 
_reflns_shell.Rmerge_I_gt                 ? 
_reflns_shell.pdbx_redundancy             3.4 
_reflns_shell.pdbx_Rsym_value             ? 
_reflns_shell.pdbx_chi_squared            ? 
_reflns_shell.pdbx_netI_over_sigmaI_all   ? 
_reflns_shell.pdbx_netI_over_sigmaI_obs   ? 
_reflns_shell.pdbx_Rrim_I_all             ? 
_reflns_shell.pdbx_Rpim_I_all             ? 
_reflns_shell.pdbx_rejects                ? 
_reflns_shell.pdbx_ordinal                1 
_reflns_shell.pdbx_diffrn_id              1 
_reflns_shell.pdbx_CC_half                ? 
_reflns_shell.pdbx_R_split                ? 
# 
_refine.aniso_B[1][1]                            ? 
_refine.aniso_B[1][2]                            ? 
_refine.aniso_B[1][3]                            ? 
_refine.aniso_B[2][2]                            ? 
_refine.aniso_B[2][3]                            ? 
_refine.aniso_B[3][3]                            ? 
_refine.B_iso_max                                ? 
_refine.B_iso_mean                               ? 
_refine.B_iso_min                                ? 
_refine.correlation_coeff_Fo_to_Fc               ? 
_refine.correlation_coeff_Fo_to_Fc_free          ? 
_refine.details                                  ? 
_refine.diff_density_max                         ? 
_refine.diff_density_max_esd                     ? 
_refine.diff_density_min                         ? 
_refine.diff_density_min_esd                     ? 
_refine.diff_density_rms                         ? 
_refine.diff_density_rms_esd                     ? 
_refine.entry_id                                 6BRI 
_refine.pdbx_refine_id                           'X-RAY DIFFRACTION' 
_refine.ls_abs_structure_details                 ? 
_refine.ls_abs_structure_Flack                   ? 
_refine.ls_abs_structure_Flack_esd               ? 
_refine.ls_abs_structure_Rogers                  ? 
_refine.ls_abs_structure_Rogers_esd              ? 
_refine.ls_d_res_high                            3.266 
_refine.ls_d_res_low                             28.687 
_refine.ls_extinction_coef                       ? 
_refine.ls_extinction_coef_esd                   ? 
_refine.ls_extinction_expression                 ? 
_refine.ls_extinction_method                     ? 
_refine.ls_goodness_of_fit_all                   ? 
_refine.ls_goodness_of_fit_all_esd               ? 
_refine.ls_goodness_of_fit_obs                   ? 
_refine.ls_goodness_of_fit_obs_esd               ? 
_refine.ls_hydrogen_treatment                    ? 
_refine.ls_matrix_type                           ? 
_refine.ls_number_constraints                    ? 
_refine.ls_number_parameters                     ? 
_refine.ls_number_reflns_all                     ? 
_refine.ls_number_reflns_obs                     7494 
_refine.ls_number_reflns_R_free                  785 
_refine.ls_number_reflns_R_work                  ? 
_refine.ls_number_restraints                     ? 
_refine.ls_percent_reflns_obs                    97.14 
_refine.ls_percent_reflns_R_free                 10.48 
_refine.ls_R_factor_all                          ? 
_refine.ls_R_factor_obs                          0.2836 
_refine.ls_R_factor_R_free                       0.2998 
_refine.ls_R_factor_R_free_error                 ? 
_refine.ls_R_factor_R_free_error_details         ? 
_refine.ls_R_factor_R_work                       0.2817 
_refine.ls_R_Fsqd_factor_obs                     ? 
_refine.ls_R_I_factor_obs                        ? 
_refine.ls_redundancy_reflns_all                 ? 
_refine.ls_redundancy_reflns_obs                 ? 
_refine.ls_restrained_S_all                      ? 
_refine.ls_restrained_S_obs                      ? 
_refine.ls_shift_over_esd_max                    ? 
_refine.ls_shift_over_esd_mean                   ? 
_refine.ls_structure_factor_coef                 ? 
_refine.ls_weighting_details                     ? 
_refine.ls_weighting_scheme                      ? 
_refine.ls_wR_factor_all                         ? 
_refine.ls_wR_factor_obs                         ? 
_refine.ls_wR_factor_R_free                      ? 
_refine.ls_wR_factor_R_work                      ? 
_refine.occupancy_max                            ? 
_refine.occupancy_min                            ? 
_refine.solvent_model_details                    'FLAT BULK SOLVENT MODEL' 
_refine.solvent_model_param_bsol                 ? 
_refine.solvent_model_param_ksol                 ? 
_refine.ls_R_factor_gt                           ? 
_refine.ls_goodness_of_fit_gt                    ? 
_refine.ls_goodness_of_fit_ref                   ? 
_refine.ls_shift_over_su_max                     ? 
_refine.ls_shift_over_su_max_lt                  ? 
_refine.ls_shift_over_su_mean                    ? 
_refine.ls_shift_over_su_mean_lt                 ? 
_refine.pdbx_ls_sigma_I                          ? 
_refine.pdbx_ls_sigma_F                          1.35 
_refine.pdbx_ls_sigma_Fsqd                       ? 
_refine.pdbx_data_cutoff_high_absF               ? 
_refine.pdbx_data_cutoff_high_rms_absF           ? 
_refine.pdbx_data_cutoff_low_absF                ? 
_refine.pdbx_isotropic_thermal_model             ? 
_refine.pdbx_ls_cross_valid_method               'FREE R-VALUE' 
_refine.pdbx_method_to_determine_struct          'MOLECULAR REPLACEMENT' 
_refine.pdbx_starting_model                      1YBK 
_refine.pdbx_stereochemistry_target_values       ML 
_refine.pdbx_R_Free_selection_details            ? 
_refine.pdbx_stereochem_target_val_spec_case     ? 
_refine.pdbx_overall_ESU_R                       ? 
_refine.pdbx_overall_ESU_R_Free                  ? 
_refine.pdbx_solvent_vdw_probe_radii             1.11 
_refine.pdbx_solvent_ion_probe_radii             ? 
_refine.pdbx_solvent_shrinkage_radii             0.90 
_refine.pdbx_real_space_R                        ? 
_refine.pdbx_density_correlation                 ? 
_refine.pdbx_pd_number_of_powder_patterns        ? 
_refine.pdbx_pd_number_of_points                 ? 
_refine.pdbx_pd_meas_number_of_points            ? 
_refine.pdbx_pd_proc_ls_prof_R_factor            ? 
_refine.pdbx_pd_proc_ls_prof_wR_factor           ? 
_refine.pdbx_pd_Marquardt_correlation_coeff      ? 
_refine.pdbx_pd_Fsqrd_R_factor                   ? 
_refine.pdbx_pd_ls_matrix_band_width             ? 
_refine.pdbx_overall_phase_error                 30.09 
_refine.pdbx_overall_SU_R_free_Cruickshank_DPI   ? 
_refine.pdbx_overall_SU_R_free_Blow_DPI          ? 
_refine.pdbx_overall_SU_R_Blow_DPI               ? 
_refine.pdbx_TLS_residual_ADP_flag               ? 
_refine.pdbx_diffrn_id                           1 
_refine.overall_SU_B                             ? 
_refine.overall_SU_ML                            0.56 
_refine.overall_SU_R_Cruickshank_DPI             ? 
_refine.overall_SU_R_free                        ? 
_refine.overall_FOM_free_R_set                   ? 
_refine.overall_FOM_work_R_set                   ? 
_refine.pdbx_average_fsc_overall                 ? 
_refine.pdbx_average_fsc_work                    ? 
_refine.pdbx_average_fsc_free                    ? 
# 
_refine_hist.pdbx_refine_id                   'X-RAY DIFFRACTION' 
_refine_hist.cycle_id                         LAST 
_refine_hist.pdbx_number_atoms_protein        1532 
_refine_hist.pdbx_number_atoms_nucleic_acid   0 
_refine_hist.pdbx_number_atoms_ligand         48 
_refine_hist.number_atoms_solvent             0 
_refine_hist.number_atoms_total               1580 
_refine_hist.d_res_high                       3.266 
_refine_hist.d_res_low                        28.687 
# 
loop_
_refine_ls_restr.pdbx_refine_id 
_refine_ls_restr.criterion 
_refine_ls_restr.dev_ideal 
_refine_ls_restr.dev_ideal_target 
_refine_ls_restr.number 
_refine_ls_restr.rejects 
_refine_ls_restr.type 
_refine_ls_restr.weight 
_refine_ls_restr.pdbx_restraint_function 
'X-RAY DIFFRACTION' ? 0.002  ? 1558 ? f_bond_d           ? ? 
'X-RAY DIFFRACTION' ? 0.505  ? 2108 ? f_angle_d          ? ? 
'X-RAY DIFFRACTION' ? 26.651 ? 565  ? f_dihedral_angle_d ? ? 
'X-RAY DIFFRACTION' ? 0.035  ? 276  ? f_chiral_restr     ? ? 
'X-RAY DIFFRACTION' ? 0.002  ? 266  ? f_plane_restr      ? ? 
# 
loop_
_refine_ls_shell.pdbx_refine_id 
_refine_ls_shell.d_res_high 
_refine_ls_shell.d_res_low 
_refine_ls_shell.number_reflns_all 
_refine_ls_shell.number_reflns_obs 
_refine_ls_shell.number_reflns_R_free 
_refine_ls_shell.number_reflns_R_work 
_refine_ls_shell.percent_reflns_obs 
_refine_ls_shell.percent_reflns_R_free 
_refine_ls_shell.R_factor_all 
_refine_ls_shell.R_factor_obs 
_refine_ls_shell.R_factor_R_free 
_refine_ls_shell.R_factor_R_free_error 
_refine_ls_shell.R_factor_R_work 
_refine_ls_shell.redundancy_reflns_all 
_refine_ls_shell.redundancy_reflns_obs 
_refine_ls_shell.wR_factor_all 
_refine_ls_shell.wR_factor_obs 
_refine_ls_shell.wR_factor_R_free 
_refine_ls_shell.wR_factor_R_work 
_refine_ls_shell.pdbx_total_number_of_bins_used 
_refine_ls_shell.pdbx_phase_error 
_refine_ls_shell.pdbx_fsc_work 
_refine_ls_shell.pdbx_fsc_free 
'X-RAY DIFFRACTION' 3.2657 3.4700  . . 120 1019 90.00  . . . 0.3865 . 0.3482 . . . . . . . . . . 
'X-RAY DIFFRACTION' 3.4700 3.7374  . . 124 1119 99.00  . . . 0.3715 . 0.3267 . . . . . . . . . . 
'X-RAY DIFFRACTION' 3.7374 4.1126  . . 154 1109 99.00  . . . 0.3197 . 0.3163 . . . . . . . . . . 
'X-RAY DIFFRACTION' 4.1126 4.7054  . . 126 1154 100.00 . . . 0.3500 . 0.2786 . . . . . . . . . . 
'X-RAY DIFFRACTION' 4.7054 5.9197  . . 132 1163 100.00 . . . 0.2503 . 0.2641 . . . . . . . . . . 
'X-RAY DIFFRACTION' 5.9197 28.6882 . . 129 1145 95.00  . . . 0.2123 . 0.2213 . . . . . . . . . . 
# 
_struct.entry_id                     6BRI 
_struct.title                        'RHCC with unreduced and reduced Mercury complexes' 
_struct.pdbx_model_details           ? 
_struct.pdbx_formula_weight          ? 
_struct.pdbx_formula_weight_method   ? 
_struct.pdbx_model_type_details      ? 
_struct.pdbx_CASP_flag               N 
# 
_struct_keywords.entry_id        6BRI 
_struct_keywords.text            'Archaea, Coiled-Coil, Nanotube, Nanoparticle, Mercury, METAL BINDING PROTEIN' 
_struct_keywords.pdbx_keywords   'METAL BINDING PROTEIN' 
# 
loop_
_struct_asym.id 
_struct_asym.pdbx_blank_PDB_chainid_flag 
_struct_asym.pdbx_modified 
_struct_asym.entity_id 
_struct_asym.details 
A  N N 1 ? 
B  N N 1 ? 
C  N N 1 ? 
D  N N 1 ? 
E  N N 2 ? 
F  N N 3 ? 
G  N N 3 ? 
H  N N 3 ? 
I  N N 4 ? 
J  N N 5 ? 
K  N N 5 ? 
L  N N 2 ? 
M  N N 3 ? 
N  N N 3 ? 
O  N N 3 ? 
P  N N 3 ? 
Q  N N 3 ? 
R  N N 6 ? 
S  N N 7 ? 
T  N N 7 ? 
U  N N 7 ? 
V  N N 7 ? 
W  N N 8 ? 
X  N N 2 ? 
Y  N N 3 ? 
Z  N N 3 ? 
AA N N 3 ? 
BA N N 3 ? 
CA N N 3 ? 
DA N N 4 ? 
EA N N 7 ? 
FA N N 7 ? 
GA N N 8 ? 
HA N N 9 ? 
# 
loop_
_struct_conf.conf_type_id 
_struct_conf.id 
_struct_conf.pdbx_PDB_helix_id 
_struct_conf.beg_label_comp_id 
_struct_conf.beg_label_asym_id 
_struct_conf.beg_label_seq_id 
_struct_conf.pdbx_beg_PDB_ins_code 
_struct_conf.end_label_comp_id 
_struct_conf.end_label_asym_id 
_struct_conf.end_label_seq_id 
_struct_conf.pdbx_end_PDB_ins_code 
_struct_conf.beg_auth_comp_id 
_struct_conf.beg_auth_asym_id 
_struct_conf.beg_auth_seq_id 
_struct_conf.end_auth_comp_id 
_struct_conf.end_auth_asym_id 
_struct_conf.end_auth_seq_id 
_struct_conf.pdbx_PDB_helix_class 
_struct_conf.details 
_struct_conf.pdbx_PDB_helix_length 
HELX_P HELX_P1 AA1 ILE A 3  ? ILE A 40 ? ILE A 3  ILE A 40 1 ? 38 
HELX_P HELX_P2 AA2 ILE A 41 ? ILE A 52 ? ILE A 41 ILE A 52 1 ? 12 
HELX_P HELX_P3 AA3 ASP B 9  ? LEU B 49 ? ASP B 9  LEU B 49 1 ? 41 
HELX_P HELX_P4 AA4 ASP C 9  ? ILE C 40 ? ASP C 9  ILE C 40 1 ? 32 
HELX_P HELX_P5 AA5 ILE C 41 ? ALA C 50 ? ILE C 41 ALA C 50 1 ? 10 
HELX_P HELX_P6 AA6 ILE D 3  ? ILE D 40 ? ILE D 3  ILE D 40 1 ? 38 
HELX_P HELX_P7 AA7 ILE D 41 ? LEU D 49 ? ILE D 41 LEU D 49 1 ? 9  
# 
_struct_conf_type.id          HELX_P 
_struct_conf_type.criteria    ? 
_struct_conf_type.reference   ? 
# 
loop_
_struct_site.id 
_struct_site.pdbx_evidence_code 
_struct_site.pdbx_auth_asym_id 
_struct_site.pdbx_auth_comp_id 
_struct_site.pdbx_auth_seq_id 
_struct_site.pdbx_auth_ins_code 
_struct_site.pdbx_num_residues 
_struct_site.details 
AC1 Software A HG  101 ? 4 'binding site for residue HG A 101'  
AC2 Software A IOD 102 ? 3 'binding site for residue IOD A 102' 
AC3 Software A IOD 103 ? 1 'binding site for residue IOD A 103' 
AC4 Software A IOD 104 ? 3 'binding site for residue IOD A 104' 
AC5 Software A HGN 105 ? 3 'binding site for residue HGN A 105' 
AC6 Software A NA  106 ? 1 'binding site for residue NA A 106'  
AC7 Software A NA  107 ? 1 'binding site for residue NA A 107'  
AC8 Software B HG  101 ? 3 'binding site for residue HG B 101'  
AC9 Software B IOD 102 ? 2 'binding site for residue IOD B 102' 
AD1 Software B IOD 103 ? 3 'binding site for residue IOD B 103' 
AD2 Software B IOD 104 ? 2 'binding site for residue IOD B 104' 
AD3 Software B SO4 107 ? 2 'binding site for residue SO4 B 107' 
AD4 Software B K   108 ? 2 'binding site for residue K B 108'   
AD5 Software B K   110 ? 3 'binding site for residue K B 110'   
AD6 Software C GOL 102 ? 2 'binding site for residue GOL C 102' 
AD7 Software D HG  101 ? 3 'binding site for residue HG D 101'  
AD8 Software D IOD 102 ? 3 'binding site for residue IOD D 102' 
AD9 Software D IOD 104 ? 2 'binding site for residue IOD D 104' 
AE1 Software D IOD 105 ? 3 'binding site for residue IOD D 105' 
AE2 Software D HGN 107 ? 2 'binding site for residue HGN D 107' 
AE3 Software D K   108 ? 1 'binding site for residue K D 108'   
AE4 Software D GOL 110 ? 3 'binding site for residue GOL D 110' 
AE5 Software D HGI 111 ? 2 'binding site for residue HGI D 111' 
# 
loop_
_struct_site_gen.id 
_struct_site_gen.site_id 
_struct_site_gen.pdbx_num_res 
_struct_site_gen.label_comp_id 
_struct_site_gen.label_asym_id 
_struct_site_gen.label_seq_id 
_struct_site_gen.pdbx_auth_ins_code 
_struct_site_gen.auth_comp_id 
_struct_site_gen.auth_asym_id 
_struct_site_gen.auth_seq_id 
_struct_site_gen.label_atom_id 
_struct_site_gen.label_alt_id 
_struct_site_gen.symmetry 
_struct_site_gen.details 
1  AC1 4 IOD F  .  ? IOD A 102 . ? 1_555 ? 
2  AC1 4 IOD G  .  ? IOD A 103 . ? 1_555 ? 
3  AC1 4 IOD H  .  ? IOD A 104 . ? 1_555 ? 
4  AC1 4 IOD Y  .  ? IOD D 102 . ? 1_555 ? 
5  AC2 3 HG  E  .  ? HG  A 101 . ? 1_555 ? 
6  AC2 3 ILE D  11 ? ILE D 11  . ? 1_555 ? 
7  AC2 3 IOD Y  .  ? IOD D 102 . ? 1_555 ? 
8  AC3 1 HG  E  .  ? HG  A 101 . ? 1_555 ? 
9  AC4 3 ILE A  4  ? ILE A 4   . ? 1_555 ? 
10 AC4 3 HG  E  .  ? HG  A 101 . ? 1_555 ? 
11 AC4 3 K   S  .  ? K   B 108 . ? 1_555 ? 
12 AC5 3 LEU A  26 ? LEU A 26  . ? 1_555 ? 
13 AC5 3 LEU C  26 ? LEU C 26  . ? 1_555 ? 
14 AC5 3 LEU D  26 ? LEU D 26  . ? 1_555 ? 
15 AC6 1 ASP A  21 ? ASP A 21  . ? 1_555 ? 
16 AC7 1 ASP A  21 ? ASP A 21  . ? 1_555 ? 
17 AC8 3 MET B  39 ? MET B 39  . ? 1_555 ? 
18 AC8 3 IOD N  .  ? IOD B 103 . ? 1_555 ? 
19 AC8 3 IOD O  .  ? IOD B 104 . ? 1_555 ? 
20 AC9 2 SER B  25 ? SER B 25  . ? 1_555 ? 
21 AC9 2 ASN B  28 ? ASN B 28  . ? 1_555 ? 
22 AD1 3 ARG B  36 ? ARG B 36  . ? 1_555 ? 
23 AD1 3 ILE B  40 ? ILE B 40  . ? 1_555 ? 
24 AD1 3 HG  L  .  ? HG  B 101 . ? 1_555 ? 
25 AD2 2 MET B  39 ? MET B 39  . ? 1_555 ? 
26 AD2 2 HG  L  .  ? HG  B 101 . ? 1_555 ? 
27 AD3 2 ASN A  5  ? ASN A 5   . ? 4_455 ? 
28 AD3 2 ARG B  36 ? ARG B 36  . ? 1_555 ? 
29 AD4 2 IOD H  .  ? IOD A 104 . ? 1_555 ? 
30 AD4 2 ILE B  4  ? ILE B 4   . ? 1_555 ? 
31 AD5 3 MET B  39 ? MET B 39  . ? 1_555 ? 
32 AD5 3 GLU D  24 ? GLU D 24  . ? 3_454 ? 
33 AD5 3 K   EA .  ? K   D 108 . ? 3_454 ? 
34 AD6 2 TYR C  13 ? TYR C 13  . ? 1_555 ? 
35 AD6 2 ASN D  5  ? ASN D 5   . ? 6_555 ? 
36 AD7 3 LEU A  32 ? LEU A 32  . ? 2_565 ? 
37 AD7 3 IOD AA .  ? IOD D 104 . ? 1_555 ? 
38 AD7 3 IOD BA .  ? IOD D 105 . ? 1_555 ? 
39 AD8 3 HG  E  .  ? HG  A 101 . ? 1_555 ? 
40 AD8 3 IOD F  .  ? IOD A 102 . ? 1_555 ? 
41 AD8 3 ILE D  4  ? ILE D 4   . ? 1_555 ? 
42 AD9 2 MET D  39 ? MET D 39  . ? 1_555 ? 
43 AD9 2 HG  X  .  ? HG  D 101 . ? 1_555 ? 
44 AE1 3 ASN A  28 ? ASN A 28  . ? 2_565 ? 
45 AE1 3 LEU A  29 ? LEU A 29  . ? 2_565 ? 
46 AE1 3 HG  X  .  ? HG  D 101 . ? 1_555 ? 
47 AE2 2 ALA A  34 ? ALA A 34  . ? 1_555 ? 
48 AE2 2 LEU D  37 ? LEU D 37  . ? 1_555 ? 
49 AE3 1 K   U  .  ? K   B 110 . ? 2_565 ? 
50 AE4 3 ARG C  22 ? ARG C 22  . ? 6_555 ? 
51 AE4 3 GLU D  6  ? GLU D 6   . ? 1_555 ? 
52 AE4 3 ASP D  20 ? ASP D 20  . ? 6_555 ? 
53 AE5 2 VAL A  45 ? VAL A 45  . ? 1_555 ? 
54 AE5 2 ASN D  44 ? ASN D 44  . ? 1_555 ? 
# 
_atom_sites.entry_id                    6BRI 
_atom_sites.fract_transf_matrix[1][1]   0.00594492 
_atom_sites.fract_transf_matrix[1][2]   0.00271425 
_atom_sites.fract_transf_matrix[1][3]   -0.00835891 
_atom_sites.fract_transf_matrix[2][1]   -0.00392085 
_atom_sites.fract_transf_matrix[2][2]   -0.00090912 
_atom_sites.fract_transf_matrix[2][3]   -0.00981803 
_atom_sites.fract_transf_matrix[3][1]   -0.00499013 
_atom_sites.fract_transf_matrix[3][2]   0.01327987 
_atom_sites.fract_transf_matrix[3][3]   0.00076314 
_atom_sites.fract_transf_vector[1]      -0.256227 
_atom_sites.fract_transf_vector[2]      0.301911 
_atom_sites.fract_transf_vector[3]      0.028292 
# 
loop_
_atom_type.symbol 
C  
H  
HG 
I  
K  
N  
NA 
O  
S  
# 
loop_
_atom_site.group_PDB 
_atom_site.id 
_atom_site.type_symbol 
_atom_site.label_atom_id 
_atom_site.label_alt_id 
_atom_site.label_comp_id 
_atom_site.label_asym_id 
_atom_site.label_entity_id 
_atom_site.label_seq_id 
_atom_site.pdbx_PDB_ins_code 
_atom_site.Cartn_x 
_atom_site.Cartn_y 
_atom_site.Cartn_z 
_atom_site.occupancy 
_atom_site.B_iso_or_equiv 
_atom_site.pdbx_formal_charge 
_atom_site.auth_seq_id 
_atom_site.auth_comp_id 
_atom_site.auth_asym_id 
_atom_site.auth_atom_id 
_atom_site.pdbx_PDB_model_num 
ATOM   1    N  N   . SER A  1 2  ? 20.714  4.670   -30.849 1.00 28.29  ? 2   SER A N   1 
ATOM   2    C  CA  . SER A  1 2  ? 21.833  5.418   -30.285 1.00 22.61  ? 2   SER A CA  1 
ATOM   3    C  C   . SER A  1 2  ? 22.663  4.538   -29.356 1.00 35.08  ? 2   SER A C   1 
ATOM   4    O  O   . SER A  1 2  ? 22.482  3.324   -29.326 1.00 47.60  ? 2   SER A O   1 
ATOM   5    C  CB  . SER A  1 2  ? 21.330  6.650   -29.536 1.00 27.17  ? 2   SER A CB  1 
ATOM   6    O  OG  . SER A  1 2  ? 22.382  7.272   -28.820 1.00 29.26  ? 2   SER A OG  1 
ATOM   7    N  N   . ILE A  1 3  ? 23.578  5.150   -28.604 1.00 38.18  ? 3   ILE A N   1 
ATOM   8    C  CA  . ILE A  1 3  ? 24.408  4.433   -27.647 1.00 36.22  ? 3   ILE A CA  1 
ATOM   9    C  C   . ILE A  1 3  ? 24.048  4.804   -26.207 1.00 40.72  ? 3   ILE A C   1 
ATOM   10   O  O   . ILE A  1 3  ? 24.070  3.944   -25.325 1.00 32.27  ? 3   ILE A O   1 
ATOM   11   C  CB  . ILE A  1 3  ? 25.913  4.666   -27.918 1.00 31.63  ? 3   ILE A CB  1 
ATOM   12   C  CG1 . ILE A  1 3  ? 26.757  3.614   -27.198 1.00 28.36  ? 3   ILE A CG1 1 
ATOM   13   C  CG2 . ILE A  1 3  ? 26.360  6.067   -27.493 1.00 22.81  ? 3   ILE A CG2 1 
ATOM   14   C  CD1 . ILE A  1 3  ? 26.560  2.210   -27.726 1.00 24.64  ? 3   ILE A CD1 1 
ATOM   15   N  N   . ILE A  1 4  ? 23.708  6.065   -25.960 1.00 46.12  ? 4   ILE A N   1 
ATOM   16   C  CA  . ILE A  1 4  ? 23.280  6.466   -24.626 1.00 42.11  ? 4   ILE A CA  1 
ATOM   17   C  C   . ILE A  1 4  ? 21.768  6.391   -24.491 1.00 40.53  ? 4   ILE A C   1 
ATOM   18   O  O   . ILE A  1 4  ? 21.260  6.286   -23.365 1.00 45.02  ? 4   ILE A O   1 
ATOM   19   C  CB  . ILE A  1 4  ? 23.791  7.879   -24.283 1.00 28.93  ? 4   ILE A CB  1 
ATOM   20   C  CG1 . ILE A  1 4  ? 24.104  7.990   -22.791 1.00 19.23  ? 4   ILE A CG1 1 
ATOM   21   C  CG2 . ILE A  1 4  ? 22.765  8.933   -24.670 1.00 44.47  ? 4   ILE A CG2 1 
ATOM   22   C  CD1 . ILE A  1 4  ? 24.699  9.319   -22.389 1.00 33.36  ? 4   ILE A CD1 1 
ATOM   23   N  N   . ASN A  1 5  ? 21.032  6.418   -25.605 1.00 31.60  ? 5   ASN A N   1 
ATOM   24   C  CA  . ASN A  1 5  ? 19.594  6.200   -25.548 1.00 44.38  ? 5   ASN A CA  1 
ATOM   25   C  C   . ASN A  1 5  ? 19.269  4.735   -25.281 1.00 40.83  ? 5   ASN A C   1 
ATOM   26   O  O   . ASN A  1 5  ? 18.202  4.428   -24.739 1.00 41.82  ? 5   ASN A O   1 
ATOM   27   C  CB  . ASN A  1 5  ? 18.938  6.672   -26.847 1.00 48.19  ? 5   ASN A CB  1 
ATOM   28   C  CG  . ASN A  1 5  ? 17.426  6.718   -26.756 1.00 61.69  ? 5   ASN A CG  1 
ATOM   29   O  OD1 . ASN A  1 5  ? 16.852  7.694   -26.273 1.00 49.70  ? 5   ASN A OD1 1 
ATOM   30   N  ND2 . ASN A  1 5  ? 16.773  5.659   -27.221 1.00 72.72  ? 5   ASN A ND2 1 
ATOM   31   N  N   . GLU A  1 6  ? 20.178  3.822   -25.635 1.00 33.02  ? 6   GLU A N   1 
ATOM   32   C  CA  . GLU A  1 6  ? 19.954  2.408   -25.361 1.00 41.07  ? 6   GLU A CA  1 
ATOM   33   C  C   . GLU A  1 6  ? 20.334  2.034   -23.934 1.00 40.36  ? 6   GLU A C   1 
ATOM   34   O  O   . GLU A  1 6  ? 19.752  1.100   -23.372 1.00 37.53  ? 6   GLU A O   1 
ATOM   35   C  CB  . GLU A  1 6  ? 20.726  1.546   -26.361 1.00 39.71  ? 6   GLU A CB  1 
ATOM   36   C  CG  . GLU A  1 6  ? 20.209  1.656   -27.787 1.00 37.35  ? 6   GLU A CG  1 
ATOM   37   C  CD  . GLU A  1 6  ? 20.966  0.768   -28.753 1.00 43.99  ? 6   GLU A CD  1 
ATOM   38   O  OE1 . GLU A  1 6  ? 20.398  0.412   -29.806 1.00 60.99  ? 6   GLU A OE1 1 
ATOM   39   O  OE2 . GLU A  1 6  ? 22.131  0.426   -28.458 1.00 37.84  ? 6   GLU A OE2 1 
ATOM   40   N  N   . THR A  1 7  ? 21.299  2.737   -23.334 1.00 40.15  ? 7   THR A N   1 
ATOM   41   C  CA  . THR A  1 7  ? 21.584  2.551   -21.916 1.00 43.73  ? 7   THR A CA  1 
ATOM   42   C  C   . THR A  1 7  ? 20.625  3.328   -21.024 1.00 41.88  ? 7   THR A C   1 
ATOM   43   O  O   . THR A  1 7  ? 20.415  2.934   -19.871 1.00 42.50  ? 7   THR A O   1 
ATOM   44   C  CB  . THR A  1 7  ? 23.025  2.958   -21.600 1.00 44.32  ? 7   THR A CB  1 
ATOM   45   O  OG1 . THR A  1 7  ? 23.465  3.943   -22.543 1.00 47.21  ? 7   THR A OG1 1 
ATOM   46   C  CG2 . THR A  1 7  ? 23.945  1.749   -21.662 1.00 61.24  ? 7   THR A CG2 1 
ATOM   47   N  N   . ALA A  1 8  ? 20.045  4.419   -21.527 1.00 37.25  ? 8   ALA A N   1 
ATOM   48   C  CA  . ALA A  1 8  ? 18.979  5.092   -20.794 1.00 37.09  ? 8   ALA A CA  1 
ATOM   49   C  C   . ALA A  1 8  ? 17.690  4.282   -20.840 1.00 39.20  ? 8   ALA A C   1 
ATOM   50   O  O   . ALA A  1 8  ? 16.986  4.170   -19.831 1.00 35.40  ? 8   ALA A O   1 
ATOM   51   C  CB  . ALA A  1 8  ? 18.753  6.495   -21.356 1.00 40.60  ? 8   ALA A CB  1 
ATOM   52   N  N   . ASP A  1 9  ? 17.364  3.709   -22.004 1.00 33.79  ? 9   ASP A N   1 
ATOM   53   C  CA  . ASP A  1 9  ? 16.189  2.850   -22.102 1.00 36.16  ? 9   ASP A CA  1 
ATOM   54   C  C   . ASP A  1 9  ? 16.386  1.521   -21.391 1.00 43.86  ? 9   ASP A C   1 
ATOM   55   O  O   . ASP A  1 9  ? 15.397  0.855   -21.070 1.00 42.88  ? 9   ASP A O   1 
ATOM   56   C  CB  . ASP A  1 9  ? 15.831  2.593   -23.567 1.00 36.96  ? 9   ASP A CB  1 
ATOM   57   C  CG  . ASP A  1 9  ? 15.293  3.828   -24.260 1.00 52.55  ? 9   ASP A CG  1 
ATOM   58   O  OD1 . ASP A  1 9  ? 14.717  4.692   -23.569 1.00 64.40  ? 9   ASP A OD1 1 
ATOM   59   O  OD2 . ASP A  1 9  ? 15.447  3.938   -25.497 1.00 51.45  ? 9   ASP A OD2 1 
ATOM   60   N  N   . ASP A  1 10 ? 17.633  1.119   -21.143 1.00 36.28  ? 10  ASP A N   1 
ATOM   61   C  CA  . ASP A  1 10 ? 17.878  -0.140  -20.449 1.00 32.77  ? 10  ASP A CA  1 
ATOM   62   C  C   . ASP A  1 10 ? 17.526  -0.020  -18.972 1.00 41.26  ? 10  ASP A C   1 
ATOM   63   O  O   . ASP A  1 10 ? 16.681  -0.765  -18.459 1.00 55.10  ? 10  ASP A O   1 
ATOM   64   C  CB  . ASP A  1 10 ? 19.338  -0.563  -20.624 1.00 33.28  ? 10  ASP A CB  1 
ATOM   65   C  CG  . ASP A  1 10 ? 19.544  -2.053  -20.419 1.00 34.10  ? 10  ASP A CG  1 
ATOM   66   O  OD1 . ASP A  1 10 ? 18.571  -2.820  -20.586 1.00 32.33  ? 10  ASP A OD1 1 
ATOM   67   O  OD2 . ASP A  1 10 ? 20.677  -2.456  -20.085 1.00 30.58  ? 10  ASP A OD2 1 
ATOM   68   N  N   . ILE A  1 11 ? 18.156  0.928   -18.273 1.00 48.88  ? 11  ILE A N   1 
ATOM   69   C  CA  . ILE A  1 11 ? 17.900  1.082   -16.845 1.00 45.14  ? 11  ILE A CA  1 
ATOM   70   C  C   . ILE A  1 11 ? 16.457  1.506   -16.599 1.00 29.44  ? 11  ILE A C   1 
ATOM   71   O  O   . ILE A  1 11 ? 15.839  1.096   -15.609 1.00 27.17  ? 11  ILE A O   1 
ATOM   72   C  CB  . ILE A  1 11 ? 18.902  2.070   -16.218 1.00 32.19  ? 11  ILE A CB  1 
ATOM   73   C  CG1 . ILE A  1 11 ? 18.751  3.466   -16.823 1.00 31.43  ? 11  ILE A CG1 1 
ATOM   74   C  CG2 . ILE A  1 11 ? 20.324  1.569   -16.400 1.00 36.15  ? 11  ILE A CG2 1 
ATOM   75   C  CD1 . ILE A  1 11 ? 19.678  4.488   -16.216 1.00 39.66  ? 11  ILE A CD1 1 
ATOM   76   N  N   . VAL A  1 12 ? 15.889  2.318   -17.492 1.00 21.31  ? 12  VAL A N   1 
ATOM   77   C  CA  . VAL A  1 12 ? 14.489  2.708   -17.341 1.00 24.55  ? 12  VAL A CA  1 
ATOM   78   C  C   . VAL A  1 12 ? 13.587  1.487   -17.468 1.00 37.78  ? 12  VAL A C   1 
ATOM   79   O  O   . VAL A  1 12 ? 12.702  1.260   -16.634 1.00 50.59  ? 12  VAL A O   1 
ATOM   80   C  CB  . VAL A  1 12 ? 14.115  3.801   -18.357 1.00 16.21  ? 12  VAL A CB  1 
ATOM   81   C  CG1 . VAL A  1 12 ? 12.605  3.871   -18.529 1.00 28.71  ? 12  VAL A CG1 1 
ATOM   82   C  CG2 . VAL A  1 12 ? 14.653  5.149   -17.900 1.00 25.01  ? 12  VAL A CG2 1 
ATOM   83   N  N   . TYR A  1 13 ? 13.808  0.672   -18.502 1.00 35.65  ? 13  TYR A N   1 
ATOM   84   C  CA  . TYR A  1 13 ? 13.009  -0.538  -18.668 1.00 45.51  ? 13  TYR A CA  1 
ATOM   85   C  C   . TYR A  1 13 ? 13.261  -1.524  -17.535 1.00 41.07  ? 13  TYR A C   1 
ATOM   86   O  O   . TYR A  1 13 ? 12.316  -2.073  -16.956 1.00 44.29  ? 13  TYR A O   1 
ATOM   87   C  CB  . TYR A  1 13 ? 13.302  -1.193  -20.019 1.00 53.34  ? 13  TYR A CB  1 
ATOM   88   C  CG  . TYR A  1 13 ? 12.535  -2.477  -20.262 1.00 47.00  ? 13  TYR A CG  1 
ATOM   89   C  CD1 . TYR A  1 13 ? 11.277  -2.455  -20.852 1.00 42.43  ? 13  TYR A CD1 1 
ATOM   90   C  CD2 . TYR A  1 13 ? 13.068  -3.710  -19.905 1.00 43.45  ? 13  TYR A CD2 1 
ATOM   91   C  CE1 . TYR A  1 13 ? 10.571  -3.623  -21.078 1.00 38.92  ? 13  TYR A CE1 1 
ATOM   92   C  CE2 . TYR A  1 13 ? 12.368  -4.884  -20.125 1.00 48.20  ? 13  TYR A CE2 1 
ATOM   93   C  CZ  . TYR A  1 13 ? 11.121  -4.834  -20.712 1.00 42.26  ? 13  TYR A CZ  1 
ATOM   94   O  OH  . TYR A  1 13 ? 10.420  -5.997  -20.935 1.00 59.89  ? 13  TYR A OH  1 
ATOM   95   N  N   . ARG A  1 14 ? 14.536  -1.768  -17.211 1.00 30.65  ? 14  ARG A N   1 
ATOM   96   C  CA  . ARG A  1 14 ? 14.861  -2.721  -16.155 1.00 46.00  ? 14  ARG A CA  1 
ATOM   97   C  C   . ARG A  1 14 ? 14.243  -2.308  -14.825 1.00 38.31  ? 14  ARG A C   1 
ATOM   98   O  O   . ARG A  1 14 ? 13.818  -3.161  -14.038 1.00 26.27  ? 14  ARG A O   1 
ATOM   99   C  CB  . ARG A  1 14 ? 16.378  -2.870  -16.024 1.00 31.12  ? 14  ARG A CB  1 
ATOM   100  C  CG  . ARG A  1 14 ? 17.014  -3.649  -17.163 1.00 33.03  ? 14  ARG A CG  1 
ATOM   101  C  CD  . ARG A  1 14 ? 18.446  -4.063  -16.846 1.00 42.02  ? 14  ARG A CD  1 
ATOM   102  N  NE  . ARG A  1 14 ? 19.356  -2.924  -16.749 1.00 61.61  ? 14  ARG A NE  1 
ATOM   103  C  CZ  . ARG A  1 14 ? 20.682  -3.029  -16.739 1.00 61.28  ? 14  ARG A CZ  1 
ATOM   104  N  NH1 . ARG A  1 14 ? 21.439  -1.944  -16.649 1.00 53.10  ? 14  ARG A NH1 1 
ATOM   105  N  NH2 . ARG A  1 14 ? 21.253  -4.224  -16.827 1.00 43.70  ? 14  ARG A NH2 1 
ATOM   106  N  N   . LEU A  1 15 ? 14.169  -1.003  -14.561 1.00 41.31  ? 15  LEU A N   1 
ATOM   107  C  CA  . LEU A  1 15 ? 13.484  -0.545  -13.359 1.00 31.45  ? 15  LEU A CA  1 
ATOM   108  C  C   . LEU A  1 15 ? 11.971  -0.513  -13.551 1.00 27.05  ? 15  LEU A C   1 
ATOM   109  O  O   . LEU A  1 15 ? 11.225  -0.780  -12.603 1.00 28.16  ? 15  LEU A O   1 
ATOM   110  C  CB  . LEU A  1 15 ? 13.999  0.834   -12.940 1.00 32.02  ? 15  LEU A CB  1 
ATOM   111  C  CG  . LEU A  1 15 ? 15.155  0.879   -11.935 1.00 27.59  ? 15  LEU A CG  1 
ATOM   112  C  CD1 . LEU A  1 15 ? 16.482  0.555   -12.597 1.00 23.01  ? 15  LEU A CD1 1 
ATOM   113  C  CD2 . LEU A  1 15 ? 15.219  2.230   -11.229 1.00 37.49  ? 15  LEU A CD2 1 
ATOM   114  N  N   . THR A  1 16 ? 11.500  -0.201  -14.765 1.00 22.24  ? 16  THR A N   1 
ATOM   115  C  CA  . THR A  1 16 ? 10.061  -0.074  -14.998 1.00 24.87  ? 16  THR A CA  1 
ATOM   116  C  C   . THR A  1 16 ? 9.324   -1.357  -14.638 1.00 33.53  ? 16  THR A C   1 
ATOM   117  O  O   . THR A  1 16 ? 8.268   -1.323  -13.998 1.00 28.21  ? 16  THR A O   1 
ATOM   118  C  CB  . THR A  1 16 ? 9.784   0.302   -16.457 1.00 33.12  ? 16  THR A CB  1 
ATOM   119  O  OG1 . THR A  1 16 ? 10.305  1.610   -16.725 1.00 42.66  ? 16  THR A OG1 1 
ATOM   120  C  CG2 . THR A  1 16 ? 8.287   0.295   -16.740 1.00 40.46  ? 16  THR A CG2 1 
ATOM   121  N  N   . VAL A  1 17 ? 9.869   -2.504  -15.043 1.00 45.99  ? 17  VAL A N   1 
ATOM   122  C  CA  . VAL A  1 17 ? 9.248   -3.770  -14.673 1.00 33.23  ? 17  VAL A CA  1 
ATOM   123  C  C   . VAL A  1 17 ? 9.521   -4.109  -13.209 1.00 27.26  ? 17  VAL A C   1 
ATOM   124  O  O   . VAL A  1 17 ? 8.687   -4.746  -12.556 1.00 37.35  ? 17  VAL A O   1 
ATOM   125  C  CB  . VAL A  1 17 ? 9.718   -4.893  -15.615 1.00 35.34  ? 17  VAL A CB  1 
ATOM   126  C  CG1 . VAL A  1 17 ? 9.144   -4.687  -17.012 1.00 20.35  ? 17  VAL A CG1 1 
ATOM   127  C  CG2 . VAL A  1 17 ? 11.234  -4.946  -15.669 1.00 37.22  ? 17  VAL A CG2 1 
ATOM   128  N  N   . ILE A  1 18 ? 10.669  -3.686  -12.669 1.00 25.99  ? 18  ILE A N   1 
ATOM   129  C  CA  . ILE A  1 18 ? 10.958  -3.907  -11.251 1.00 25.31  ? 18  ILE A CA  1 
ATOM   130  C  C   . ILE A  1 18 ? 9.986   -3.121  -10.386 1.00 34.05  ? 18  ILE A C   1 
ATOM   131  O  O   . ILE A  1 18 ? 9.470   -3.624  -9.379  1.00 36.73  ? 18  ILE A O   1 
ATOM   132  C  CB  . ILE A  1 18 ? 12.417  -3.533  -10.928 1.00 30.38  ? 18  ILE A CB  1 
ATOM   133  C  CG1 . ILE A  1 18 ? 13.368  -4.682  -11.258 1.00 38.41  ? 18  ILE A CG1 1 
ATOM   134  C  CG2 . ILE A  1 18 ? 12.559  -3.159  -9.464  1.00 36.97  ? 18  ILE A CG2 1 
ATOM   135  C  CD1 . ILE A  1 18 ? 14.813  -4.360  -10.952 1.00 23.48  ? 18  ILE A CD1 1 
ATOM   136  N  N   . ILE A  1 19 ? 9.734   -1.862  -10.750 1.00 40.40  ? 19  ILE A N   1 
ATOM   137  C  CA  . ILE A  1 19 ? 8.715   -1.090  -10.051 1.00 24.12  ? 19  ILE A CA  1 
ATOM   138  C  C   . ILE A  1 19 ? 7.341   -1.708  -10.290 1.00 26.63  ? 19  ILE A C   1 
ATOM   139  O  O   . ILE A  1 19 ? 6.520   -1.804  -9.370  1.00 35.79  ? 19  ILE A O   1 
ATOM   140  C  CB  . ILE A  1 19 ? 8.775   0.391   -10.477 1.00 30.53  ? 19  ILE A CB  1 
ATOM   141  C  CG1 . ILE A  1 19 ? 9.782   1.164   -9.618  1.00 30.55  ? 19  ILE A CG1 1 
ATOM   142  C  CG2 . ILE A  1 19 ? 7.410   1.045   -10.376 1.00 37.81  ? 19  ILE A CG2 1 
ATOM   143  C  CD1 . ILE A  1 19 ? 11.231  0.893   -9.946  1.00 31.99  ? 19  ILE A CD1 1 
ATOM   144  N  N   . ASP A  1 20 ? 7.083   -2.166  -11.520 1.00 23.99  ? 20  ASP A N   1 
ATOM   145  C  CA  . ASP A  1 20 ? 5.861   -2.919  -11.791 1.00 35.68  ? 20  ASP A CA  1 
ATOM   146  C  C   . ASP A  1 20 ? 5.824   -4.226  -11.012 1.00 36.30  ? 20  ASP A C   1 
ATOM   147  O  O   . ASP A  1 20 ? 4.740   -4.718  -10.679 1.00 34.09  ? 20  ASP A O   1 
ATOM   148  C  CB  . ASP A  1 20 ? 5.733   -3.200  -13.288 1.00 48.49  ? 20  ASP A CB  1 
ATOM   149  C  CG  . ASP A  1 20 ? 5.091   -2.056  -14.044 1.00 45.30  ? 20  ASP A CG  1 
ATOM   150  O  OD1 . ASP A  1 20 ? 4.011   -1.596  -13.617 1.00 32.75  ? 20  ASP A OD1 1 
ATOM   151  O  OD2 . ASP A  1 20 ? 5.667   -1.618  -15.062 1.00 34.63  ? 20  ASP A OD2 1 
ATOM   152  N  N   . ASP A  1 21 ? 6.990   -4.810  -10.727 1.00 41.58  ? 21  ASP A N   1 
ATOM   153  C  CA  . ASP A  1 21 ? 7.035   -5.990  -9.870  1.00 53.86  ? 21  ASP A CA  1 
ATOM   154  C  C   . ASP A  1 21 ? 6.579   -5.643  -8.460  1.00 46.37  ? 21  ASP A C   1 
ATOM   155  O  O   . ASP A  1 21 ? 5.694   -6.298  -7.898  1.00 45.54  ? 21  ASP A O   1 
ATOM   156  C  CB  . ASP A  1 21 ? 8.450   -6.574  -9.854  1.00 53.34  ? 21  ASP A CB  1 
ATOM   157  C  CG  . ASP A  1 21 ? 8.473   -8.054  -9.510  1.00 60.97  ? 21  ASP A CG  1 
ATOM   158  O  OD1 . ASP A  1 21 ? 7.445   -8.733  -9.718  1.00 80.87  ? 21  ASP A OD1 1 
ATOM   159  O  OD2 . ASP A  1 21 ? 9.522   -8.536  -9.030  1.00 46.74  ? 21  ASP A OD2 1 
ATOM   160  N  N   . ARG A  1 22 ? 7.166   -4.594  -7.878  1.00 38.38  ? 22  ARG A N   1 
ATOM   161  C  CA  . ARG A  1 22 ? 6.773   -4.167  -6.541  1.00 27.39  ? 22  ARG A CA  1 
ATOM   162  C  C   . ARG A  1 22 ? 5.352   -3.616  -6.528  1.00 35.88  ? 22  ARG A C   1 
ATOM   163  O  O   . ARG A  1 22 ? 4.580   -3.902  -5.605  1.00 41.23  ? 22  ARG A O   1 
ATOM   164  C  CB  . ARG A  1 22 ? 7.756   -3.122  -6.017  1.00 24.66  ? 22  ARG A CB  1 
ATOM   165  N  N   . TYR A  1 23 ? 4.990   -2.822  -7.540  1.00 26.82  ? 23  TYR A N   1 
ATOM   166  C  CA  . TYR A  1 23 ? 3.661   -2.219  -7.567  1.00 31.74  ? 23  TYR A CA  1 
ATOM   167  C  C   . TYR A  1 23 ? 2.574   -3.281  -7.661  1.00 40.11  ? 23  TYR A C   1 
ATOM   168  O  O   . TYR A  1 23 ? 1.636   -3.296  -6.856  1.00 49.56  ? 23  TYR A O   1 
ATOM   169  C  CB  . TYR A  1 23 ? 3.544   -1.234  -8.731  1.00 23.24  ? 23  TYR A CB  1 
ATOM   170  C  CG  . TYR A  1 23 ? 2.114   -0.974  -9.153  1.00 29.25  ? 23  TYR A CG  1 
ATOM   171  C  CD1 . TYR A  1 23 ? 1.245   -0.267  -8.332  1.00 27.75  ? 23  TYR A CD1 1 
ATOM   172  C  CD2 . TYR A  1 23 ? 1.631   -1.437  -10.370 1.00 28.49  ? 23  TYR A CD2 1 
ATOM   173  C  CE1 . TYR A  1 23 ? -0.063  -0.031  -8.711  1.00 26.90  ? 23  TYR A CE1 1 
ATOM   174  C  CE2 . TYR A  1 23 ? 0.325   -1.202  -10.758 1.00 30.11  ? 23  TYR A CE2 1 
ATOM   175  C  CZ  . TYR A  1 23 ? -0.518  -0.498  -9.925  1.00 33.83  ? 23  TYR A CZ  1 
ATOM   176  O  OH  . TYR A  1 23 ? -1.819  -0.264  -10.309 1.00 37.82  ? 23  TYR A OH  1 
ATOM   177  N  N   . GLU A  1 24 ? 2.680   -4.177  -8.644  1.00 34.91  ? 24  GLU A N   1 
ATOM   178  C  CA  . GLU A  1 24 ? 1.653   -5.202  -8.797  1.00 43.83  ? 24  GLU A CA  1 
ATOM   179  C  C   . GLU A  1 24 ? 1.650   -6.164  -7.617  1.00 34.99  ? 24  GLU A C   1 
ATOM   180  O  O   . GLU A  1 24 ? 0.601   -6.716  -7.270  1.00 34.77  ? 24  GLU A O   1 
ATOM   181  C  CB  . GLU A  1 24 ? 1.848   -5.955  -10.115 1.00 56.15  ? 24  GLU A CB  1 
ATOM   182  C  CG  . GLU A  1 24 ? 0.558   -6.517  -10.714 1.00 69.00  ? 24  GLU A CG  1 
ATOM   183  C  CD  . GLU A  1 24 ? -0.210  -5.500  -11.549 1.00 50.97  ? 24  GLU A CD  1 
ATOM   184  O  OE1 . GLU A  1 24 ? -0.804  -5.896  -12.574 1.00 48.32  ? 24  GLU A OE1 1 
ATOM   185  O  OE2 . GLU A  1 24 ? -0.217  -4.305  -11.187 1.00 49.82  ? 24  GLU A OE2 1 
ATOM   186  N  N   . SER A  1 25 ? 2.806   -6.369  -6.980  1.00 25.02  ? 25  SER A N   1 
ATOM   187  C  CA  . SER A  1 25 ? 2.840   -7.162  -5.756  1.00 41.80  ? 25  SER A CA  1 
ATOM   188  C  C   . SER A  1 25 ? 2.130   -6.438  -4.619  1.00 46.58  ? 25  SER A C   1 
ATOM   189  O  O   . SER A  1 25 ? 1.306   -7.031  -3.911  1.00 47.00  ? 25  SER A O   1 
ATOM   190  C  CB  . SER A  1 25 ? 4.284   -7.483  -5.375  1.00 38.74  ? 25  SER A CB  1 
ATOM   191  O  OG  . SER A  1 25 ? 4.345   -8.238  -4.178  1.00 39.08  ? 25  SER A OG  1 
ATOM   192  N  N   . LEU A  1 26 ? 2.441   -5.152  -4.427  1.00 45.01  ? 26  LEU A N   1 
ATOM   193  C  CA  . LEU A  1 26 ? 1.723   -4.352  -3.438  1.00 30.94  ? 26  LEU A CA  1 
ATOM   194  C  C   . LEU A  1 26 ? 0.232   -4.319  -3.744  1.00 39.55  ? 26  LEU A C   1 
ATOM   195  O  O   . LEU A  1 26 ? -0.599  -4.391  -2.832  1.00 38.70  ? 26  LEU A O   1 
ATOM   196  C  CB  . LEU A  1 26 ? 2.288   -2.932  -3.392  1.00 26.46  ? 26  LEU A CB  1 
ATOM   197  C  CG  . LEU A  1 26 ? 3.672   -2.728  -2.769  1.00 44.86  ? 26  LEU A CG  1 
ATOM   198  C  CD1 . LEU A  1 26 ? 4.170   -1.310  -3.005  1.00 38.89  ? 26  LEU A CD1 1 
ATOM   199  C  CD2 . LEU A  1 26 ? 3.655   -3.051  -1.282  1.00 46.14  ? 26  LEU A CD2 1 
ATOM   200  N  N   . LYS A  1 27 ? -0.122  -4.210  -5.027  1.00 41.10  ? 27  LYS A N   1 
ATOM   201  C  CA  . LYS A  1 27 ? -1.524  -4.260  -5.424  1.00 38.50  ? 27  LYS A CA  1 
ATOM   202  C  C   . LYS A  1 27 ? -2.165  -5.577  -5.008  1.00 47.25  ? 27  LYS A C   1 
ATOM   203  O  O   . LYS A  1 27 ? -3.340  -5.612  -4.624  1.00 32.66  ? 27  LYS A O   1 
ATOM   204  C  CB  . LYS A  1 27 ? -1.640  -4.064  -6.935  1.00 37.27  ? 27  LYS A CB  1 
ATOM   205  C  CG  . LYS A  1 27 ? -3.055  -4.151  -7.481  1.00 35.21  ? 27  LYS A CG  1 
ATOM   206  C  CD  . LYS A  1 27 ? -3.043  -4.551  -8.947  1.00 45.79  ? 27  LYS A CD  1 
ATOM   207  C  CE  . LYS A  1 27 ? -4.399  -4.340  -9.597  1.00 61.26  ? 27  LYS A CE  1 
ATOM   208  N  NZ  . LYS A  1 27 ? -4.712  -2.893  -9.752  1.00 47.19  ? 27  LYS A NZ  1 
ATOM   209  N  N   . ASN A  1 28 ? -1.403  -6.672  -5.071  1.00 43.83  ? 28  ASN A N   1 
ATOM   210  C  CA  . ASN A  1 28 ? -1.945  -7.974  -4.703  1.00 40.16  ? 28  ASN A CA  1 
ATOM   211  C  C   . ASN A  1 28 ? -2.134  -8.092  -3.195  1.00 43.59  ? 28  ASN A C   1 
ATOM   212  O  O   . ASN A  1 28 ? -3.145  -8.632  -2.734  1.00 44.41  ? 28  ASN A O   1 
ATOM   213  C  CB  . ASN A  1 28 ? -1.033  -9.085  -5.219  1.00 34.19  ? 28  ASN A CB  1 
ATOM   214  C  CG  . ASN A  1 28 ? -1.031  -9.188  -6.730  1.00 45.13  ? 28  ASN A CG  1 
ATOM   215  O  OD1 . ASN A  1 28 ? -1.691  -8.409  -7.419  1.00 41.74  ? 28  ASN A OD1 1 
ATOM   216  N  ND2 . ASN A  1 28 ? -0.280  -10.147 -7.256  1.00 41.24  ? 28  ASN A ND2 1 
ATOM   217  N  N   . LEU A  1 29 ? -1.170  -7.599  -2.413  1.00 40.27  ? 29  LEU A N   1 
ATOM   218  C  CA  . LEU A  1 29 ? -1.308  -7.621  -0.960  1.00 38.13  ? 29  LEU A CA  1 
ATOM   219  C  C   . LEU A  1 29 ? -2.523  -6.817  -0.516  1.00 39.04  ? 29  LEU A C   1 
ATOM   220  O  O   . LEU A  1 29 ? -3.353  -7.301  0.262   1.00 50.09  ? 29  LEU A O   1 
ATOM   221  C  CB  . LEU A  1 29 ? -0.040  -7.075  -0.300  1.00 43.53  ? 29  LEU A CB  1 
ATOM   222  C  CG  . LEU A  1 29 ? 0.817   -8.028  0.538   1.00 40.53  ? 29  LEU A CG  1 
ATOM   223  C  CD1 . LEU A  1 29 ? 1.693   -8.894  -0.349  1.00 39.18  ? 29  LEU A CD1 1 
ATOM   224  C  CD2 . LEU A  1 29 ? 1.665   -7.256  1.538   1.00 24.03  ? 29  LEU A CD2 1 
ATOM   225  N  N   . ILE A  1 30 ? -2.641  -5.580  -1.006  1.00 51.05  ? 30  ILE A N   1 
ATOM   226  C  CA  . ILE A  1 30 ? -3.764  -4.725  -0.630  1.00 44.21  ? 30  ILE A CA  1 
ATOM   227  C  C   . ILE A  1 30 ? -5.083  -5.385  -1.006  1.00 46.42  ? 30  ILE A C   1 
ATOM   228  O  O   . ILE A  1 30 ? -6.005  -5.476  -0.187  1.00 68.22  ? 30  ILE A O   1 
ATOM   229  C  CB  . ILE A  1 30 ? -3.626  -3.337  -1.280  1.00 42.77  ? 30  ILE A CB  1 
ATOM   230  C  CG1 . ILE A  1 30 ? -2.331  -2.666  -0.824  1.00 36.68  ? 30  ILE A CG1 1 
ATOM   231  C  CG2 . ILE A  1 30 ? -4.826  -2.466  -0.934  1.00 32.49  ? 30  ILE A CG2 1 
ATOM   232  C  CD1 . ILE A  1 30 ? -1.843  -1.586  -1.757  1.00 42.66  ? 30  ILE A CD1 1 
ATOM   233  N  N   . THR A  1 31 ? -5.190  -5.868  -2.246  1.00 45.10  ? 31  THR A N   1 
ATOM   234  C  CA  . THR A  1 31 ? -6.436  -6.484  -2.691  1.00 49.55  ? 31  THR A CA  1 
ATOM   235  C  C   . THR A  1 31 ? -6.746  -7.739  -1.884  1.00 57.55  ? 31  THR A C   1 
ATOM   236  O  O   . THR A  1 31 ? -7.878  -7.929  -1.431  1.00 55.26  ? 31  THR A O   1 
ATOM   237  C  CB  . THR A  1 31 ? -6.375  -6.798  -4.188  1.00 56.21  ? 31  THR A CB  1 
ATOM   238  O  OG1 . THR A  1 31 ? -5.129  -7.433  -4.504  1.00 35.61  ? 31  THR A OG1 1 
ATOM   239  C  CG2 . THR A  1 31 ? -6.528  -5.522  -5.013  1.00 51.04  ? 31  THR A CG2 1 
ATOM   240  N  N   . LEU A  1 32 ? -5.743  -8.597  -1.673  1.00 61.01  ? 32  LEU A N   1 
ATOM   241  C  CA  . LEU A  1 32 ? -5.954  -9.838  -0.929  1.00 70.33  ? 32  LEU A CA  1 
ATOM   242  C  C   . LEU A  1 32 ? -6.543  -9.558  0.450   1.00 72.94  ? 32  LEU A C   1 
ATOM   243  O  O   . LEU A  1 32 ? -7.643  -10.018 0.777   1.00 63.66  ? 32  LEU A O   1 
ATOM   244  C  CB  . LEU A  1 32 ? -4.632  -10.606 -0.809  1.00 63.17  ? 32  LEU A CB  1 
ATOM   245  C  CG  . LEU A  1 32 ? -4.579  -12.084 -0.384  1.00 46.01  ? 32  LEU A CG  1 
ATOM   246  C  CD1 . LEU A  1 32 ? -3.227  -12.678 -0.758  1.00 26.46  ? 32  LEU A CD1 1 
ATOM   247  C  CD2 . LEU A  1 32 ? -4.833  -12.286 1.106   1.00 50.44  ? 32  LEU A CD2 1 
ATOM   248  N  N   . ARG A  1 33 ? -5.816  -8.798  1.271   1.00 71.09  ? 33  ARG A N   1 
ATOM   249  C  CA  . ARG A  1 33 ? -6.253  -8.560  2.642   1.00 56.25  ? 33  ARG A CA  1 
ATOM   250  C  C   . ARG A  1 33 ? -7.535  -7.738  2.678   1.00 63.61  ? 33  ARG A C   1 
ATOM   251  O  O   . ARG A  1 33 ? -8.438  -8.024  3.474   1.00 63.46  ? 33  ARG A O   1 
ATOM   252  C  CB  . ARG A  1 33 ? -5.139  -7.870  3.427   1.00 58.46  ? 33  ARG A CB  1 
ATOM   253  C  CG  . ARG A  1 33 ? -3.741  -8.416  3.131   1.00 47.64  ? 33  ARG A CG  1 
ATOM   254  C  CD  . ARG A  1 33 ? -3.574  -9.880  3.532   1.00 42.27  ? 33  ARG A CD  1 
ATOM   255  N  NE  . ARG A  1 33 ? -3.045  -10.017 4.885   1.00 45.04  ? 33  ARG A NE  1 
ATOM   256  C  CZ  . ARG A  1 33 ? -1.759  -9.884  5.198   1.00 51.70  ? 33  ARG A CZ  1 
ATOM   257  N  NH1 . ARG A  1 33 ? -0.873  -9.612  4.251   1.00 50.07  ? 33  ARG A NH1 1 
ATOM   258  N  NH2 . ARG A  1 33 ? -1.360  -10.017 6.456   1.00 45.65  ? 33  ARG A NH2 1 
ATOM   259  N  N   . ALA A  1 34 ? -7.642  -6.721  1.820   1.00 50.14  ? 34  ALA A N   1 
ATOM   260  C  CA  . ALA A  1 34 ? -8.883  -5.961  1.745   1.00 48.81  ? 34  ALA A CA  1 
ATOM   261  C  C   . ALA A  1 34 ? -9.992  -6.735  1.047   1.00 58.80  ? 34  ALA A C   1 
ATOM   262  O  O   . ALA A  1 34 ? -11.115 -6.229  0.965   1.00 68.66  ? 34  ALA A O   1 
ATOM   263  C  CB  . ALA A  1 34 ? -8.654  -4.619  1.045   1.00 54.47  ? 34  ALA A CB  1 
ATOM   264  N  N   . ASP A  1 35 ? -9.701  -7.931  0.529   1.00 55.55  ? 35  ASP A N   1 
ATOM   265  C  CA  . ASP A  1 35 ? -10.747 -8.871  0.150   1.00 74.60  ? 35  ASP A CA  1 
ATOM   266  C  C   . ASP A  1 35 ? -11.053 -9.869  1.254   1.00 67.85  ? 35  ASP A C   1 
ATOM   267  O  O   . ASP A  1 35 ? -12.120 -10.493 1.231   1.00 67.78  ? 35  ASP A O   1 
ATOM   268  C  CB  . ASP A  1 35 ? -10.369 -9.638  -1.122  1.00 69.86  ? 35  ASP A CB  1 
ATOM   269  C  CG  . ASP A  1 35 ? -10.509 -8.800  -2.377  1.00 71.95  ? 35  ASP A CG  1 
ATOM   270  O  OD1 . ASP A  1 35 ? -11.370 -7.894  -2.408  1.00 67.72  ? 35  ASP A OD1 1 
ATOM   271  O  OD2 . ASP A  1 35 ? -9.751  -9.051  -3.337  1.00 76.69  ? 35  ASP A OD2 1 
ATOM   272  N  N   . ARG A  1 36 ? -10.140 -10.039 2.212   1.00 65.84  ? 36  ARG A N   1 
ATOM   273  C  CA  . ARG A  1 36 ? -10.417 -10.894 3.357   1.00 61.26  ? 36  ARG A CA  1 
ATOM   274  C  C   . ARG A  1 36 ? -11.337 -10.214 4.355   1.00 61.19  ? 36  ARG A C   1 
ATOM   275  O  O   . ARG A  1 36 ? -12.147 -10.885 5.002   1.00 60.25  ? 36  ARG A O   1 
ATOM   276  C  CB  . ARG A  1 36 ? -9.113  -11.295 4.048   1.00 52.23  ? 36  ARG A CB  1 
ATOM   277  C  CG  . ARG A  1 36 ? -8.183  -12.133 3.196   1.00 51.37  ? 36  ARG A CG  1 
ATOM   278  C  CD  . ARG A  1 36 ? -7.762  -13.392 3.933   1.00 34.90  ? 36  ARG A CD  1 
ATOM   279  N  NE  . ARG A  1 36 ? -6.311  -13.549 3.960   1.00 50.33  ? 36  ARG A NE  1 
ATOM   280  C  CZ  . ARG A  1 36 ? -5.525  -13.109 4.940   1.00 58.37  ? 36  ARG A CZ  1 
ATOM   281  N  NH1 . ARG A  1 36 ? -4.216  -13.301 4.870   1.00 44.09  ? 36  ARG A NH1 1 
ATOM   282  N  NH2 . ARG A  1 36 ? -6.045  -12.480 5.987   1.00 58.79  ? 36  ARG A NH2 1 
ATOM   283  N  N   . LEU A  1 37 ? -11.242 -8.890  4.481   1.00 61.64  ? 37  LEU A N   1 
ATOM   284  C  CA  . LEU A  1 37 ? -11.991 -8.187  5.514   1.00 57.91  ? 37  LEU A CA  1 
ATOM   285  C  C   . LEU A  1 37 ? -13.498 -8.253  5.296   1.00 60.50  ? 37  LEU A C   1 
ATOM   286  O  O   . LEU A  1 37 ? -14.252 -8.029  6.246   1.00 60.29  ? 37  LEU A O   1 
ATOM   287  C  CB  . LEU A  1 37 ? -11.521 -6.736  5.604   1.00 42.46  ? 37  LEU A CB  1 
ATOM   288  C  CG  . LEU A  1 37 ? -10.131 -6.586  6.227   1.00 50.21  ? 37  LEU A CG  1 
ATOM   289  C  CD1 . LEU A  1 37 ? -9.625  -5.153  6.126   1.00 33.24  ? 37  LEU A CD1 1 
ATOM   290  C  CD2 . LEU A  1 37 ? -10.134 -7.061  7.679   1.00 59.26  ? 37  LEU A CD2 1 
ATOM   291  N  N   . GLU A  1 38 ? -13.957 -8.555  4.083   1.00 58.84  ? 38  GLU A N   1 
ATOM   292  C  CA  . GLU A  1 38 ? -15.360 -8.908  3.898   1.00 68.47  ? 38  GLU A CA  1 
ATOM   293  C  C   . GLU A  1 38 ? -15.609 -10.393 4.123   1.00 74.48  ? 38  GLU A C   1 
ATOM   294  O  O   . GLU A  1 38 ? -16.725 -10.776 4.492   1.00 63.92  ? 38  GLU A O   1 
ATOM   295  C  CB  . GLU A  1 38 ? -15.853 -8.505  2.501   1.00 68.28  ? 38  GLU A CB  1 
ATOM   296  C  CG  . GLU A  1 38 ? -14.922 -8.852  1.356   1.00 68.47  ? 38  GLU A CG  1 
ATOM   297  C  CD  . GLU A  1 38 ? -13.798 -7.853  1.210   1.00 53.18  ? 38  GLU A CD  1 
ATOM   298  O  OE1 . GLU A  1 38 ? -13.706 -7.197  0.151   1.00 57.39  ? 38  GLU A OE1 1 
ATOM   299  O  OE2 . GLU A  1 38 ? -13.013 -7.715  2.171   1.00 53.78  ? 38  GLU A OE2 1 
ATOM   300  N  N   . MET A  1 39 ? -14.592 -11.237 3.923   1.00 80.09  ? 39  MET A N   1 
ATOM   301  C  CA  . MET A  1 39 ? -14.712 -12.631 4.336   1.00 74.52  ? 39  MET A CA  1 
ATOM   302  C  C   . MET A  1 39 ? -14.721 -12.755 5.851   1.00 80.85  ? 39  MET A C   1 
ATOM   303  O  O   . MET A  1 39 ? -15.245 -13.735 6.391   1.00 85.06  ? 39  MET A O   1 
ATOM   304  C  CB  . MET A  1 39 ? -13.576 -13.469 3.751   1.00 56.48  ? 39  MET A CB  1 
ATOM   305  C  CG  . MET A  1 39 ? -13.691 -13.717 2.260   1.00 60.76  ? 39  MET A CG  1 
ATOM   306  S  SD  . MET A  1 39 ? -12.718 -15.151 1.763   1.00 39.61  ? 39  MET A SD  1 
ATOM   307  C  CE  . MET A  1 39 ? -13.534 -16.443 2.700   1.00 26.76  ? 39  MET A CE  1 
ATOM   308  N  N   . ILE A  1 40 ? -14.139 -11.780 6.550   1.00 71.50  ? 40  ILE A N   1 
ATOM   309  C  CA  . ILE A  1 40 ? -14.190 -11.736 8.004   1.00 57.54  ? 40  ILE A CA  1 
ATOM   310  C  C   . ILE A  1 40 ? -15.249 -10.754 8.492   1.00 52.77  ? 40  ILE A C   1 
ATOM   311  O  O   . ILE A  1 40 ? -15.275 -10.405 9.678   1.00 77.91  ? 40  ILE A O   1 
ATOM   312  C  CB  . ILE A  1 40 ? -12.804 -11.421 8.597   1.00 58.76  ? 40  ILE A CB  1 
ATOM   313  C  CG1 . ILE A  1 40 ? -11.713 -12.077 7.756   1.00 45.74  ? 40  ILE A CG1 1 
ATOM   314  C  CG2 . ILE A  1 40 ? -12.687 -11.957 10.023  1.00 62.37  ? 40  ILE A CG2 1 
ATOM   315  C  CD1 . ILE A  1 40 ? -10.307 -11.814 8.239   1.00 22.54  ? 40  ILE A CD1 1 
ATOM   316  N  N   . ILE A  1 41 ? -16.131 -10.299 7.601   1.00 43.48  ? 41  ILE A N   1 
ATOM   317  C  CA  . ILE A  1 41 ? -17.289 -9.511  8.004   1.00 46.57  ? 41  ILE A CA  1 
ATOM   318  C  C   . ILE A  1 41 ? -18.560 -10.200 7.527   1.00 63.97  ? 41  ILE A C   1 
ATOM   319  O  O   . ILE A  1 41 ? -19.430 -10.533 8.338   1.00 77.73  ? 41  ILE A O   1 
ATOM   320  C  CB  . ILE A  1 41 ? -17.208 -8.062  7.488   1.00 41.53  ? 41  ILE A CB  1 
ATOM   321  C  CG1 . ILE A  1 41 ? -16.315 -7.236  8.414   1.00 42.23  ? 41  ILE A CG1 1 
ATOM   322  C  CG2 . ILE A  1 41 ? -18.593 -7.436  7.431   1.00 45.33  ? 41  ILE A CG2 1 
ATOM   323  C  CD1 . ILE A  1 41 ? -16.197 -5.774  8.034   1.00 39.52  ? 41  ILE A CD1 1 
ATOM   324  N  N   . ASN A  1 42 ? -18.675 -10.438 6.216   1.00 81.95  ? 42  ASN A N   1 
ATOM   325  C  CA  . ASN A  1 42 ? -19.879 -11.082 5.697   1.00 91.83  ? 42  ASN A CA  1 
ATOM   326  C  C   . ASN A  1 42 ? -20.065 -12.474 6.285   1.00 94.36  ? 42  ASN A C   1 
ATOM   327  O  O   . ASN A  1 42 ? -21.202 -12.923 6.472   1.00 98.34  ? 42  ASN A O   1 
ATOM   328  C  CB  . ASN A  1 42 ? -19.833 -11.147 4.169   1.00 100.15 ? 42  ASN A CB  1 
ATOM   329  N  N   . ASP A  1 43 ? -18.967 -13.166 6.593   1.00 92.98  ? 43  ASP A N   1 
ATOM   330  C  CA  . ASP A  1 43 ? -19.043 -14.435 7.300   1.00 103.75 ? 43  ASP A CA  1 
ATOM   331  C  C   . ASP A  1 43 ? -19.097 -14.262 8.813   1.00 89.70  ? 43  ASP A C   1 
ATOM   332  O  O   . ASP A  1 43 ? -19.480 -15.204 9.516   1.00 90.86  ? 43  ASP A O   1 
ATOM   333  C  CB  . ASP A  1 43 ? -17.849 -15.323 6.928   1.00 90.36  ? 43  ASP A CB  1 
ATOM   334  C  CG  . ASP A  1 43 ? -17.606 -15.385 5.427   1.00 76.44  ? 43  ASP A CG  1 
ATOM   335  O  OD1 . ASP A  1 43 ? -18.336 -14.716 4.664   1.00 80.17  ? 43  ASP A OD1 1 
ATOM   336  O  OD2 . ASP A  1 43 ? -16.676 -16.106 5.005   1.00 52.70  ? 43  ASP A OD2 1 
ATOM   337  N  N   . ASN A  1 44 ? -18.724 -13.089 9.330   1.00 84.42  ? 44  ASN A N   1 
ATOM   338  C  CA  . ASN A  1 44 ? -18.796 -12.825 10.763  1.00 85.43  ? 44  ASN A CA  1 
ATOM   339  C  C   . ASN A  1 44 ? -20.090 -12.133 11.169  1.00 81.53  ? 44  ASN A C   1 
ATOM   340  O  O   . ASN A  1 44 ? -20.578 -12.352 12.284  1.00 90.52  ? 44  ASN A O   1 
ATOM   341  C  CB  . ASN A  1 44 ? -17.602 -11.974 11.215  1.00 70.99  ? 44  ASN A CB  1 
ATOM   342  C  CG  . ASN A  1 44 ? -16.335 -12.792 11.416  1.00 61.38  ? 44  ASN A CG  1 
ATOM   343  O  OD1 . ASN A  1 44 ? -16.177 -13.863 10.830  1.00 64.91  ? 44  ASN A OD1 1 
ATOM   344  N  ND2 . ASN A  1 44 ? -15.430 -12.291 12.250  1.00 40.38  ? 44  ASN A ND2 1 
ATOM   345  N  N   . VAL A  1 45 ? -20.658 -11.298 10.294  1.00 78.09  ? 45  VAL A N   1 
ATOM   346  C  CA  . VAL A  1 45 ? -21.941 -10.667 10.588  1.00 59.73  ? 45  VAL A CA  1 
ATOM   347  C  C   . VAL A  1 45 ? -23.033 -11.715 10.748  1.00 79.42  ? 45  VAL A C   1 
ATOM   348  O  O   . VAL A  1 45 ? -23.945 -11.553 11.569  1.00 88.89  ? 45  VAL A O   1 
ATOM   349  C  CB  . VAL A  1 45 ? -22.303 -9.639  9.495   1.00 57.19  ? 45  VAL A CB  1 
ATOM   350  C  CG1 . VAL A  1 45 ? -23.744 -9.178  9.655   1.00 58.89  ? 45  VAL A CG1 1 
ATOM   351  C  CG2 . VAL A  1 45 ? -21.371 -8.446  9.557   1.00 53.72  ? 45  VAL A CG2 1 
ATOM   352  N  N   . SER A  1 46 ? -22.949 -12.813 9.993   1.00 87.23  ? 46  SER A N   1 
ATOM   353  C  CA  . SER A  1 46 ? -23.990 -13.835 10.041  1.00 96.58  ? 46  SER A CA  1 
ATOM   354  C  C   . SER A  1 46 ? -24.106 -14.465 11.423  1.00 88.06  ? 46  SER A C   1 
ATOM   355  O  O   . SER A  1 46 ? -25.180 -14.954 11.795  1.00 84.32  ? 46  SER A O   1 
ATOM   356  C  CB  . SER A  1 46 ? -23.713 -14.911 8.990   1.00 90.72  ? 46  SER A CB  1 
ATOM   357  O  OG  . SER A  1 46 ? -23.679 -14.351 7.689   1.00 67.90  ? 46  SER A OG  1 
ATOM   358  N  N   . THR A  1 47 ? -23.022 -14.460 12.203  1.00 89.66  ? 47  THR A N   1 
ATOM   359  C  CA  . THR A  1 47 ? -23.096 -15.000 13.558  1.00 99.43  ? 47  THR A CA  1 
ATOM   360  C  C   . THR A  1 47 ? -23.850 -14.054 14.488  1.00 97.34  ? 47  THR A C   1 
ATOM   361  O  O   . THR A  1 47 ? -24.664 -14.498 15.307  1.00 97.20  ? 47  THR A O   1 
ATOM   362  C  CB  . THR A  1 47 ? -21.692 -15.283 14.092  1.00 89.00  ? 47  THR A CB  1 
ATOM   363  O  OG1 . THR A  1 47 ? -20.904 -14.090 14.029  1.00 98.98  ? 47  THR A OG1 1 
ATOM   364  C  CG2 . THR A  1 47 ? -21.016 -16.363 13.262  1.00 67.67  ? 47  THR A CG2 1 
ATOM   365  N  N   . ILE A  1 48 ? -23.599 -12.746 14.375  1.00 85.59  ? 48  ILE A N   1 
ATOM   366  C  CA  . ILE A  1 48 ? -24.362 -11.777 15.157  1.00 77.36  ? 48  ILE A CA  1 
ATOM   367  C  C   . ILE A  1 48 ? -25.807 -11.715 14.679  1.00 76.42  ? 48  ILE A C   1 
ATOM   368  O  O   . ILE A  1 48 ? -26.706 -11.342 15.443  1.00 82.73  ? 48  ILE A O   1 
ATOM   369  C  CB  . ILE A  1 48 ? -23.697 -10.390 15.103  1.00 77.39  ? 48  ILE A CB  1 
ATOM   370  N  N   . LEU A  1 49 ? -26.057 -12.065 13.415  1.00 69.24  ? 49  LEU A N   1 
ATOM   371  C  CA  . LEU A  1 49 ? -27.427 -12.147 12.922  1.00 76.79  ? 49  LEU A CA  1 
ATOM   372  C  C   . LEU A  1 49 ? -28.123 -13.418 13.393  1.00 82.88  ? 49  LEU A C   1 
ATOM   373  O  O   . LEU A  1 49 ? -29.351 -13.432 13.531  1.00 81.76  ? 49  LEU A O   1 
ATOM   374  C  CB  . LEU A  1 49 ? -27.444 -12.079 11.395  1.00 69.97  ? 49  LEU A CB  1 
ATOM   375  C  CG  . LEU A  1 49 ? -26.933 -10.793 10.742  1.00 63.56  ? 49  LEU A CG  1 
ATOM   376  C  CD1 . LEU A  1 49 ? -26.926 -10.935 9.227   1.00 62.73  ? 49  LEU A CD1 1 
ATOM   377  C  CD2 . LEU A  1 49 ? -27.769 -9.595  11.167  1.00 64.89  ? 49  LEU A CD2 1 
ATOM   378  N  N   . ALA A  1 50 ? -27.361 -14.486 13.641  1.00 84.64  ? 50  ALA A N   1 
ATOM   379  C  CA  . ALA A  1 50 ? -27.954 -15.751 14.059  1.00 80.23  ? 50  ALA A CA  1 
ATOM   380  C  C   . ALA A  1 50 ? -28.328 -15.739 15.536  1.00 90.97  ? 50  ALA A C   1 
ATOM   381  O  O   . ALA A  1 50 ? -29.422 -16.183 15.904  1.00 93.59  ? 50  ALA A O   1 
ATOM   382  C  CB  . ALA A  1 50 ? -26.994 -16.903 13.763  1.00 52.19  ? 50  ALA A CB  1 
ATOM   383  N  N   . SER A  1 51 ? -27.439 -15.243 16.395  1.00 81.52  ? 51  SER A N   1 
ATOM   384  C  CA  . SER A  1 51 ? -27.696 -15.186 17.827  1.00 72.31  ? 51  SER A CA  1 
ATOM   385  C  C   . SER A  1 51 ? -28.467 -13.941 18.247  1.00 78.25  ? 51  SER A C   1 
ATOM   386  O  O   . SER A  1 51 ? -28.957 -13.890 19.381  1.00 75.16  ? 51  SER A O   1 
ATOM   387  C  CB  . SER A  1 51 ? -26.378 -15.256 18.605  1.00 73.63  ? 51  SER A CB  1 
ATOM   388  O  OG  . SER A  1 51 ? -25.531 -14.172 18.269  1.00 79.33  ? 51  SER A OG  1 
ATOM   389  N  N   . ILE A  1 52 ? -28.583 -12.946 17.374  1.00 73.65  ? 52  ILE A N   1 
ATOM   390  C  CA  . ILE A  1 52 ? -29.322 -11.730 17.688  1.00 70.35  ? 52  ILE A CA  1 
ATOM   391  C  C   . ILE A  1 52 ? -29.853 -11.099 16.408  1.00 68.37  ? 52  ILE A C   1 
ATOM   392  O  O   . ILE A  1 52 ? -30.817 -11.582 15.815  1.00 71.86  ? 52  ILE A O   1 
ATOM   393  C  CB  . ILE A  1 52 ? -28.451 -10.732 18.470  1.00 63.43  ? 52  ILE A CB  1 
ATOM   394  O  OXT . ILE A  1 52 ? -29.330 -10.090 15.934  1.00 82.96  ? 52  ILE A OXT 1 
ATOM   395  N  N   . ILE B  1 4  ? 34.538  3.724   -19.703 1.00 65.08  ? 4   ILE B N   1 
ATOM   396  C  CA  . ILE B  1 4  ? 33.168  3.564   -19.235 1.00 79.09  ? 4   ILE B CA  1 
ATOM   397  C  C   . ILE B  1 4  ? 32.716  2.129   -19.457 1.00 82.08  ? 4   ILE B C   1 
ATOM   398  O  O   . ILE B  1 4  ? 31.792  1.650   -18.799 1.00 93.02  ? 4   ILE B O   1 
ATOM   399  C  CB  . ILE B  1 4  ? 32.216  4.548   -19.936 1.00 70.49  ? 4   ILE B CB  1 
ATOM   400  N  N   . ASN B  1 5  ? 33.386  1.456   -20.386 1.00 76.67  ? 5   ASN B N   1 
ATOM   401  C  CA  . ASN B  1 5  ? 33.029  0.102   -20.831 1.00 77.65  ? 5   ASN B CA  1 
ATOM   402  C  C   . ASN B  1 5  ? 31.580  0.115   -21.331 1.00 72.41  ? 5   ASN B C   1 
ATOM   403  O  O   . ASN B  1 5  ? 31.113  1.115   -21.896 1.00 70.98  ? 5   ASN B O   1 
ATOM   404  C  CB  . ASN B  1 5  ? 33.301  -0.905  -19.735 1.00 80.10  ? 5   ASN B CB  1 
ATOM   405  C  CG  . ASN B  1 5  ? 34.776  -1.046  -19.424 1.00 64.77  ? 5   ASN B CG  1 
ATOM   406  O  OD1 . ASN B  1 5  ? 35.503  -0.057  -19.319 1.00 54.04  ? 5   ASN B OD1 1 
ATOM   407  N  ND2 . ASN B  1 5  ? 35.231  -2.287  -19.287 1.00 58.57  ? 5   ASN B ND2 1 
ATOM   408  N  N   . GLU B  1 6  ? 30.856  -0.984  -21.122 1.00 73.70  ? 6   GLU B N   1 
ATOM   409  C  CA  . GLU B  1 6  ? 29.526  -1.144  -21.703 1.00 71.78  ? 6   GLU B CA  1 
ATOM   410  C  C   . GLU B  1 6  ? 28.412  -0.797  -20.716 1.00 64.65  ? 6   GLU B C   1 
ATOM   411  O  O   . GLU B  1 6  ? 27.562  0.053   -20.999 1.00 53.31  ? 6   GLU B O   1 
ATOM   412  C  CB  . GLU B  1 6  ? 29.352  -2.578  -22.217 1.00 69.72  ? 6   GLU B CB  1 
ATOM   413  N  N   . THR B  1 7  ? 28.406  -1.447  -19.557 1.00 71.39  ? 7   THR B N   1 
ATOM   414  C  CA  . THR B  1 7  ? 27.265  -1.428  -18.653 1.00 82.34  ? 7   THR B CA  1 
ATOM   415  C  C   . THR B  1 7  ? 27.636  -0.787  -17.321 1.00 76.48  ? 7   THR B C   1 
ATOM   416  O  O   . THR B  1 7  ? 28.723  -1.027  -16.784 1.00 70.68  ? 7   THR B O   1 
ATOM   417  C  CB  . THR B  1 7  ? 26.740  -2.858  -18.437 1.00 64.88  ? 7   THR B CB  1 
ATOM   418  O  OG1 . THR B  1 7  ? 25.992  -3.272  -19.589 1.00 43.40  ? 7   THR B OG1 1 
ATOM   419  C  CG2 . THR B  1 7  ? 25.857  -2.945  -17.208 1.00 47.87  ? 7   THR B CG2 1 
ATOM   420  N  N   . ALA B  1 8  ? 26.732  0.043   -16.808 1.00 68.95  ? 8   ALA B N   1 
ATOM   421  C  CA  . ALA B  1 8  ? 26.797  0.574   -15.449 1.00 49.57  ? 8   ALA B CA  1 
ATOM   422  C  C   . ALA B  1 8  ? 25.566  0.077   -14.692 1.00 53.09  ? 8   ALA B C   1 
ATOM   423  O  O   . ALA B  1 8  ? 24.691  0.860   -14.311 1.00 42.88  ? 8   ALA B O   1 
ATOM   424  C  CB  . ALA B  1 8  ? 26.880  2.106   -15.454 1.00 34.77  ? 8   ALA B CB  1 
ATOM   425  N  N   . ASP B  1 9  ? 25.502  -1.240  -14.479 1.00 49.31  ? 9   ASP B N   1 
ATOM   426  C  CA  . ASP B  1 9  ? 24.347  -1.855  -13.838 1.00 58.21  ? 9   ASP B CA  1 
ATOM   427  C  C   . ASP B  1 9  ? 24.253  -1.532  -12.354 1.00 59.19  ? 9   ASP B C   1 
ATOM   428  O  O   . ASP B  1 9  ? 23.259  -1.904  -11.720 1.00 64.51  ? 9   ASP B O   1 
ATOM   429  C  CB  . ASP B  1 9  ? 24.382  -3.372  -14.030 1.00 61.36  ? 9   ASP B CB  1 
ATOM   430  C  CG  . ASP B  1 9  ? 23.007  -3.959  -14.287 1.00 58.53  ? 9   ASP B CG  1 
ATOM   431  O  OD1 . ASP B  1 9  ? 22.009  -3.393  -13.795 1.00 41.77  ? 9   ASP B OD1 1 
ATOM   432  O  OD2 . ASP B  1 9  ? 22.925  -4.990  -14.989 1.00 71.08  ? 9   ASP B OD2 1 
ATOM   433  N  N   . ASP B  1 10 ? 25.260  -0.863  -11.784 1.00 58.36  ? 10  ASP B N   1 
ATOM   434  C  CA  . ASP B  1 10 ? 25.144  -0.409  -10.404 1.00 67.74  ? 10  ASP B CA  1 
ATOM   435  C  C   . ASP B  1 10 ? 23.982  0.562   -10.243 1.00 76.12  ? 10  ASP B C   1 
ATOM   436  O  O   . ASP B  1 10 ? 23.421  0.678   -9.148  1.00 80.89  ? 10  ASP B O   1 
ATOM   437  C  CB  . ASP B  1 10 ? 26.451  0.239   -9.948  1.00 51.85  ? 10  ASP B CB  1 
ATOM   438  N  N   . ILE B  1 11 ? 23.607  1.258   -11.321 1.00 83.07  ? 11  ILE B N   1 
ATOM   439  C  CA  . ILE B  1 11 ? 22.424  2.118   -11.297 1.00 71.03  ? 11  ILE B CA  1 
ATOM   440  C  C   . ILE B  1 11 ? 21.199  1.310   -10.890 1.00 61.64  ? 11  ILE B C   1 
ATOM   441  O  O   . ILE B  1 11 ? 20.512  1.631   -9.914  1.00 50.75  ? 11  ILE B O   1 
ATOM   442  C  CB  . ILE B  1 11 ? 22.217  2.789   -12.665 1.00 41.69  ? 11  ILE B CB  1 
ATOM   443  N  N   . VAL B  1 12 ? 20.915  0.240   -11.636 1.00 53.58  ? 12  VAL B N   1 
ATOM   444  C  CA  . VAL B  1 12 ? 19.808  -0.640  -11.276 1.00 57.13  ? 12  VAL B CA  1 
ATOM   445  C  C   . VAL B  1 12 ? 20.064  -1.286  -9.920  1.00 76.49  ? 12  VAL B C   1 
ATOM   446  O  O   . VAL B  1 12 ? 19.158  -1.391  -9.086  1.00 73.79  ? 12  VAL B O   1 
ATOM   447  C  CB  . VAL B  1 12 ? 19.585  -1.694  -12.377 1.00 52.68  ? 12  VAL B CB  1 
ATOM   448  C  CG1 . VAL B  1 12 ? 18.332  -2.511  -12.093 1.00 41.12  ? 12  VAL B CG1 1 
ATOM   449  C  CG2 . VAL B  1 12 ? 19.504  -1.027  -13.744 1.00 43.57  ? 12  VAL B CG2 1 
ATOM   450  N  N   . TYR B  1 13 ? 21.310  -1.703  -9.670  1.00 74.17  ? 13  TYR B N   1 
ATOM   451  C  CA  . TYR B  1 13 ? 21.659  -2.379  -8.422  1.00 62.97  ? 13  TYR B CA  1 
ATOM   452  C  C   . TYR B  1 13 ? 21.384  -1.487  -7.215  1.00 60.86  ? 13  TYR B C   1 
ATOM   453  O  O   . TYR B  1 13 ? 20.545  -1.810  -6.366  1.00 55.34  ? 13  TYR B O   1 
ATOM   454  C  CB  . TYR B  1 13 ? 23.131  -2.802  -8.463  1.00 67.57  ? 13  TYR B CB  1 
ATOM   455  C  CG  . TYR B  1 13 ? 23.534  -3.863  -7.453  1.00 75.68  ? 13  TYR B CG  1 
ATOM   456  C  CD1 . TYR B  1 13 ? 22.644  -4.320  -6.488  1.00 85.54  ? 13  TYR B CD1 1 
ATOM   457  C  CD2 . TYR B  1 13 ? 24.813  -4.405  -7.470  1.00 83.94  ? 13  TYR B CD2 1 
ATOM   458  C  CE1 . TYR B  1 13 ? 23.017  -5.288  -5.568  1.00 93.14  ? 13  TYR B CE1 1 
ATOM   459  C  CE2 . TYR B  1 13 ? 25.194  -5.370  -6.557  1.00 99.92  ? 13  TYR B CE2 1 
ATOM   460  C  CZ  . TYR B  1 13 ? 24.293  -5.810  -5.608  1.00 100.68 ? 13  TYR B CZ  1 
ATOM   461  O  OH  . TYR B  1 13 ? 24.673  -6.771  -4.698  1.00 79.88  ? 13  TYR B OH  1 
ATOM   462  N  N   . ARG B  1 14 ? 22.088  -0.354  -7.118  1.00 64.22  ? 14  ARG B N   1 
ATOM   463  C  CA  . ARG B  1 14 ? 21.944  0.500   -5.945  1.00 62.99  ? 14  ARG B CA  1 
ATOM   464  C  C   . ARG B  1 14 ? 20.587  1.191   -5.894  1.00 63.50  ? 14  ARG B C   1 
ATOM   465  O  O   . ARG B  1 14 ? 20.232  1.750   -4.851  1.00 50.14  ? 14  ARG B O   1 
ATOM   466  C  CB  . ARG B  1 14 ? 23.065  1.538   -5.898  1.00 44.21  ? 14  ARG B CB  1 
ATOM   467  C  CG  . ARG B  1 14 ? 22.897  2.680   -6.874  1.00 55.49  ? 14  ARG B CG  1 
ATOM   468  C  CD  . ARG B  1 14 ? 24.119  3.578   -6.874  1.00 51.64  ? 14  ARG B CD  1 
ATOM   469  N  NE  . ARG B  1 14 ? 25.262  2.972   -7.551  1.00 64.29  ? 14  ARG B NE  1 
ATOM   470  C  CZ  . ARG B  1 14 ? 26.450  3.557   -7.661  1.00 72.68  ? 14  ARG B CZ  1 
ATOM   471  N  NH1 . ARG B  1 14 ? 27.441  2.944   -8.293  1.00 73.37  ? 14  ARG B NH1 1 
ATOM   472  N  NH2 . ARG B  1 14 ? 26.648  4.757   -7.133  1.00 60.29  ? 14  ARG B NH2 1 
ATOM   473  N  N   . LEU B  1 15 ? 19.827  1.175   -6.992  1.00 68.78  ? 15  LEU B N   1 
ATOM   474  C  CA  . LEU B  1 15 ? 18.436  1.614   -6.925  1.00 65.99  ? 15  LEU B CA  1 
ATOM   475  C  C   . LEU B  1 15 ? 17.524  0.475   -6.490  1.00 56.68  ? 15  LEU B C   1 
ATOM   476  O  O   . LEU B  1 15 ? 16.590  0.692   -5.712  1.00 61.75  ? 15  LEU B O   1 
ATOM   477  C  CB  . LEU B  1 15 ? 17.980  2.171   -8.274  1.00 60.80  ? 15  LEU B CB  1 
ATOM   478  N  N   . THR B  1 16 ? 17.778  -0.742  -6.981  1.00 50.33  ? 16  THR B N   1 
ATOM   479  C  CA  . THR B  1 16 ? 17.015  -1.901  -6.521  1.00 52.84  ? 16  THR B CA  1 
ATOM   480  C  C   . THR B  1 16 ? 17.147  -2.083  -5.015  1.00 54.11  ? 16  THR B C   1 
ATOM   481  O  O   . THR B  1 16 ? 16.217  -2.569  -4.360  1.00 41.50  ? 16  THR B O   1 
ATOM   482  C  CB  . THR B  1 16 ? 17.478  -3.158  -7.261  1.00 57.80  ? 16  THR B CB  1 
ATOM   483  O  OG1 . THR B  1 16 ? 17.484  -2.903  -8.672  1.00 42.99  ? 16  THR B OG1 1 
ATOM   484  C  CG2 . THR B  1 16 ? 16.554  -4.330  -6.974  1.00 69.28  ? 16  THR B CG2 1 
ATOM   485  N  N   . VAL B  1 17 ? 18.296  -1.697  -4.451  1.00 60.78  ? 17  VAL B N   1 
ATOM   486  C  CA  . VAL B  1 17 ? 18.452  -1.636  -3.002  1.00 59.53  ? 17  VAL B CA  1 
ATOM   487  C  C   . VAL B  1 17 ? 17.410  -0.712  -2.390  1.00 53.15  ? 17  VAL B C   1 
ATOM   488  O  O   . VAL B  1 17 ? 16.921  -0.960  -1.281  1.00 59.34  ? 17  VAL B O   1 
ATOM   489  C  CB  . VAL B  1 17 ? 19.885  -1.186  -2.647  1.00 47.76  ? 17  VAL B CB  1 
ATOM   490  C  CG1 . VAL B  1 17 ? 20.021  -0.930  -1.152  1.00 55.13  ? 17  VAL B CG1 1 
ATOM   491  C  CG2 . VAL B  1 17 ? 20.900  -2.221  -3.112  1.00 39.12  ? 17  VAL B CG2 1 
ATOM   492  N  N   . ILE B  1 18 ? 17.043  0.355   -3.097  1.00 40.36  ? 18  ILE B N   1 
ATOM   493  C  CA  . ILE B  1 18 ? 16.068  1.299   -2.562  1.00 37.00  ? 18  ILE B CA  1 
ATOM   494  C  C   . ILE B  1 18 ? 14.650  0.798   -2.796  1.00 37.31  ? 18  ILE B C   1 
ATOM   495  O  O   . ILE B  1 18 ? 13.828  0.774   -1.873  1.00 48.20  ? 18  ILE B O   1 
ATOM   496  C  CB  . ILE B  1 18 ? 16.281  2.693   -3.179  1.00 42.51  ? 18  ILE B CB  1 
ATOM   497  C  CG1 . ILE B  1 18 ? 17.773  3.013   -3.247  1.00 59.49  ? 18  ILE B CG1 1 
ATOM   498  C  CG2 . ILE B  1 18 ? 15.542  3.749   -2.371  1.00 32.25  ? 18  ILE B CG2 1 
ATOM   499  C  CD1 . ILE B  1 18 ? 18.445  3.097   -1.896  1.00 51.48  ? 18  ILE B CD1 1 
ATOM   500  N  N   . ILE B  1 19 ? 14.344  0.389   -4.030  1.00 38.19  ? 19  ILE B N   1 
ATOM   501  C  CA  . ILE B  1 19 ? 12.993  -0.065  -4.349  1.00 44.17  ? 19  ILE B CA  1 
ATOM   502  C  C   . ILE B  1 19 ? 12.603  -1.248  -3.469  1.00 42.04  ? 19  ILE B C   1 
ATOM   503  O  O   . ILE B  1 19 ? 11.479  -1.310  -2.957  1.00 40.31  ? 19  ILE B O   1 
ATOM   504  C  CB  . ILE B  1 19 ? 12.877  -0.399  -5.849  1.00 50.83  ? 19  ILE B CB  1 
ATOM   505  C  CG1 . ILE B  1 19 ? 12.715  0.882   -6.671  1.00 36.68  ? 19  ILE B CG1 1 
ATOM   506  C  CG2 . ILE B  1 19 ? 11.711  -1.341  -6.105  1.00 41.96  ? 19  ILE B CG2 1 
ATOM   507  C  CD1 . ILE B  1 19 ? 13.975  1.338   -7.371  1.00 51.84  ? 19  ILE B CD1 1 
ATOM   508  N  N   . ASP B  1 20 ? 13.532  -2.185  -3.254  1.00 44.30  ? 20  ASP B N   1 
ATOM   509  C  CA  . ASP B  1 20 ? 13.234  -3.341  -2.412  1.00 47.00  ? 20  ASP B CA  1 
ATOM   510  C  C   . ASP B  1 20 ? 13.101  -2.949  -0.945  1.00 45.63  ? 20  ASP B C   1 
ATOM   511  O  O   . ASP B  1 20 ? 12.230  -3.466  -0.239  1.00 34.78  ? 20  ASP B O   1 
ATOM   512  C  CB  . ASP B  1 20 ? 14.307  -4.414  -2.579  1.00 46.97  ? 20  ASP B CB  1 
ATOM   513  C  CG  . ASP B  1 20 ? 14.133  -5.218  -3.849  1.00 72.81  ? 20  ASP B CG  1 
ATOM   514  O  OD1 . ASP B  1 20 ? 12.980  -5.390  -4.303  1.00 53.16  ? 20  ASP B OD1 1 
ATOM   515  O  OD2 . ASP B  1 20 ? 15.153  -5.687  -4.398  1.00 95.72  ? 20  ASP B OD2 1 
ATOM   516  N  N   . ASP B  1 21 ? 13.957  -2.046  -0.463  1.00 47.83  ? 21  ASP B N   1 
ATOM   517  C  CA  . ASP B  1 21 ? 13.891  -1.649  0.941   1.00 51.59  ? 21  ASP B CA  1 
ATOM   518  C  C   . ASP B  1 21 ? 12.569  -0.961  1.254   1.00 40.94  ? 21  ASP B C   1 
ATOM   519  O  O   . ASP B  1 21 ? 11.921  -1.263  2.263   1.00 39.97  ? 21  ASP B O   1 
ATOM   520  C  CB  . ASP B  1 21 ? 15.072  -0.741  1.286   1.00 48.39  ? 21  ASP B CB  1 
ATOM   521  N  N   . ARG B  1 22 ? 12.151  -0.027  0.396   1.00 37.49  ? 22  ARG B N   1 
ATOM   522  C  CA  . ARG B  1 22 ? 10.870  0.641   0.603   1.00 28.99  ? 22  ARG B CA  1 
ATOM   523  C  C   . ARG B  1 22 ? 9.707   -0.320  0.392   1.00 28.76  ? 22  ARG B C   1 
ATOM   524  O  O   . ARG B  1 22 ? 8.683   -0.221  1.078   1.00 34.28  ? 22  ARG B O   1 
ATOM   525  C  CB  . ARG B  1 22 ? 10.739  1.843   -0.330  1.00 33.33  ? 22  ARG B CB  1 
ATOM   526  C  CG  . ARG B  1 22 ? 11.924  2.790   -0.306  1.00 31.56  ? 22  ARG B CG  1 
ATOM   527  C  CD  . ARG B  1 22 ? 12.218  3.299   1.092   1.00 35.25  ? 22  ARG B CD  1 
ATOM   528  N  NE  . ARG B  1 22 ? 13.372  4.195   1.103   1.00 41.61  ? 22  ARG B NE  1 
ATOM   529  C  CZ  . ARG B  1 22 ? 14.636  3.793   1.195   1.00 48.38  ? 22  ARG B CZ  1 
ATOM   530  N  NH1 . ARG B  1 22 ? 14.922  2.501   1.288   1.00 53.96  ? 22  ARG B NH1 1 
ATOM   531  N  NH2 . ARG B  1 22 ? 15.618  4.685   1.195   1.00 31.23  ? 22  ARG B NH2 1 
ATOM   532  N  N   . TYR B  1 23 ? 9.842   -1.251  -0.555  1.00 39.46  ? 23  TYR B N   1 
ATOM   533  C  CA  . TYR B  1 23 ? 8.775   -2.217  -0.799  1.00 36.28  ? 23  TYR B CA  1 
ATOM   534  C  C   . TYR B  1 23 ? 8.635   -3.184  0.368   1.00 43.39  ? 23  TYR B C   1 
ATOM   535  O  O   . TYR B  1 23 ? 7.526   -3.415  0.864   1.00 48.25  ? 23  TYR B O   1 
ATOM   536  C  CB  . TYR B  1 23 ? 9.031   -2.981  -2.100  1.00 33.25  ? 23  TYR B CB  1 
ATOM   537  C  CG  . TYR B  1 23 ? 8.181   -4.223  -2.245  1.00 41.68  ? 23  TYR B CG  1 
ATOM   538  C  CD1 . TYR B  1 23 ? 6.875   -4.144  -2.711  1.00 48.95  ? 23  TYR B CD1 1 
ATOM   539  C  CD2 . TYR B  1 23 ? 8.682   -5.476  -1.912  1.00 33.48  ? 23  TYR B CD2 1 
ATOM   540  C  CE1 . TYR B  1 23 ? 6.091   -5.278  -2.842  1.00 48.92  ? 23  TYR B CE1 1 
ATOM   541  C  CE2 . TYR B  1 23 ? 7.906   -6.612  -2.037  1.00 48.95  ? 23  TYR B CE2 1 
ATOM   542  C  CZ  . TYR B  1 23 ? 6.613   -6.509  -2.503  1.00 52.06  ? 23  TYR B CZ  1 
ATOM   543  O  OH  . TYR B  1 23 ? 5.839   -7.640  -2.631  1.00 42.93  ? 23  TYR B OH  1 
ATOM   544  N  N   . GLU B  1 24 ? 9.752   -3.770  0.814   1.00 39.27  ? 24  GLU B N   1 
ATOM   545  C  CA  . GLU B  1 24 ? 9.705   -4.672  1.962   1.00 37.68  ? 24  GLU B CA  1 
ATOM   546  C  C   . GLU B  1 24 ? 9.158   -3.962  3.194   1.00 44.36  ? 24  GLU B C   1 
ATOM   547  O  O   . GLU B  1 24 ? 8.456   -4.570  4.009   1.00 50.99  ? 24  GLU B O   1 
ATOM   548  C  CB  . GLU B  1 24 ? 11.094  -5.244  2.246   1.00 36.45  ? 24  GLU B CB  1 
ATOM   549  C  CG  . GLU B  1 24 ? 11.660  -6.166  1.165   1.00 32.41  ? 24  GLU B CG  1 
ATOM   550  C  CD  . GLU B  1 24 ? 10.926  -7.490  1.056   1.00 31.80  ? 24  GLU B CD  1 
ATOM   551  O  OE1 . GLU B  1 24 ? 9.864   -7.535  0.402   1.00 40.43  ? 24  GLU B OE1 1 
ATOM   552  O  OE2 . GLU B  1 24 ? 11.419  -8.489  1.623   1.00 42.66  ? 24  GLU B OE2 1 
ATOM   553  N  N   . SER B  1 25 ? 9.472   -2.673  3.347   1.00 30.41  ? 25  SER B N   1 
ATOM   554  C  CA  . SER B  1 25 ? 8.896   -1.897  4.441   1.00 31.82  ? 25  SER B CA  1 
ATOM   555  C  C   . SER B  1 25 ? 7.392   -1.751  4.263   1.00 34.15  ? 25  SER B C   1 
ATOM   556  O  O   . SER B  1 25 ? 6.619   -1.946  5.209   1.00 41.48  ? 25  SER B O   1 
ATOM   557  C  CB  . SER B  1 25 ? 9.568   -0.526  4.522   1.00 33.72  ? 25  SER B CB  1 
ATOM   558  O  OG  . SER B  1 25 ? 10.969  -0.655  4.692   1.00 43.30  ? 25  SER B OG  1 
ATOM   559  N  N   . LEU B  1 26 ? 6.957   -1.411  3.048   1.00 35.55  ? 26  LEU B N   1 
ATOM   560  C  CA  . LEU B  1 26 ? 5.530   -1.368  2.755   1.00 32.26  ? 26  LEU B CA  1 
ATOM   561  C  C   . LEU B  1 26 ? 4.916   -2.760  2.764   1.00 28.15  ? 26  LEU B C   1 
ATOM   562  O  O   . LEU B  1 26 ? 3.728   -2.908  3.074   1.00 36.46  ? 26  LEU B O   1 
ATOM   563  C  CB  . LEU B  1 26 ? 5.295   -0.687  1.407   1.00 38.40  ? 26  LEU B CB  1 
ATOM   564  C  CG  . LEU B  1 26 ? 5.577   0.815   1.389   1.00 38.09  ? 26  LEU B CG  1 
ATOM   565  C  CD1 . LEU B  1 26 ? 5.772   1.312   -0.034  1.00 31.09  ? 26  LEU B CD1 1 
ATOM   566  C  CD2 . LEU B  1 26 ? 4.447   1.568   2.072   1.00 26.27  ? 26  LEU B CD2 1 
ATOM   567  N  N   . LYS B  1 27 ? 5.699   -3.786  2.422   1.00 35.46  ? 27  LYS B N   1 
ATOM   568  C  CA  . LYS B  1 27 ? 5.213   -5.157  2.540   1.00 45.84  ? 27  LYS B CA  1 
ATOM   569  C  C   . LYS B  1 27 ? 4.932   -5.507  3.996   1.00 46.59  ? 27  LYS B C   1 
ATOM   570  O  O   . LYS B  1 27 ? 3.885   -6.079  4.322   1.00 25.54  ? 27  LYS B O   1 
ATOM   571  C  CB  . LYS B  1 27 ? 6.232   -6.126  1.940   1.00 26.91  ? 27  LYS B CB  1 
ATOM   572  C  CG  . LYS B  1 27 ? 6.012   -7.572  2.345   1.00 46.77  ? 27  LYS B CG  1 
ATOM   573  C  CD  . LYS B  1 27 ? 7.246   -8.419  2.090   1.00 37.79  ? 27  LYS B CD  1 
ATOM   574  C  CE  . LYS B  1 27 ? 7.064   -9.824  2.642   1.00 38.75  ? 27  LYS B CE  1 
ATOM   575  N  NZ  . LYS B  1 27 ? 6.768   -9.816  4.103   1.00 32.51  ? 27  LYS B NZ  1 
ATOM   576  N  N   . ASN B  1 28 ? 5.864   -5.163  4.889   1.00 50.06  ? 28  ASN B N   1 
ATOM   577  C  CA  . ASN B  1 28 ? 5.662   -5.427  6.308   1.00 40.76  ? 28  ASN B CA  1 
ATOM   578  C  C   . ASN B  1 28 ? 4.528   -4.586  6.876   1.00 46.59  ? 28  ASN B C   1 
ATOM   579  O  O   . ASN B  1 28 ? 3.815   -5.038  7.778   1.00 56.80  ? 28  ASN B O   1 
ATOM   580  C  CB  . ASN B  1 28 ? 6.957   -5.168  7.081   1.00 43.41  ? 28  ASN B CB  1 
ATOM   581  C  CG  . ASN B  1 28 ? 8.056   -6.156  6.729   1.00 53.46  ? 28  ASN B CG  1 
ATOM   582  O  OD1 . ASN B  1 28 ? 7.788   -7.317  6.417   1.00 67.82  ? 28  ASN B OD1 1 
ATOM   583  N  ND2 . ASN B  1 28 ? 9.302   -5.699  6.780   1.00 33.00  ? 28  ASN B ND2 1 
ATOM   584  N  N   . LEU B  1 29 ? 4.337   -3.371  6.356   1.00 39.43  ? 29  LEU B N   1 
ATOM   585  C  CA  . LEU B  1 29 ? 3.292   -2.496  6.877   1.00 36.06  ? 29  LEU B CA  1 
ATOM   586  C  C   . LEU B  1 29 ? 1.909   -3.063  6.582   1.00 38.65  ? 29  LEU B C   1 
ATOM   587  O  O   . LEU B  1 29 ? 1.061   -3.155  7.478   1.00 44.61  ? 29  LEU B O   1 
ATOM   588  C  CB  . LEU B  1 29 ? 3.440   -1.093  6.286   1.00 29.73  ? 29  LEU B CB  1 
ATOM   589  C  CG  . LEU B  1 29 ? 3.089   0.115   7.163   1.00 27.47  ? 29  LEU B CG  1 
ATOM   590  C  CD1 . LEU B  1 29 ? 1.618   0.132   7.583   1.00 23.60  ? 29  LEU B CD1 1 
ATOM   591  C  CD2 . LEU B  1 29 ? 4.006   0.181   8.380   1.00 55.53  ? 29  LEU B CD2 1 
ATOM   592  N  N   . ILE B  1 30 ? 1.662   -3.449  5.328   1.00 35.23  ? 30  ILE B N   1 
ATOM   593  C  CA  . ILE B  1 30 ? 0.353   -3.983  4.963   1.00 38.67  ? 30  ILE B CA  1 
ATOM   594  C  C   . ILE B  1 30 ? 0.095   -5.302  5.680   1.00 44.90  ? 30  ILE B C   1 
ATOM   595  O  O   . ILE B  1 30 ? -1.006  -5.542  6.190   1.00 42.40  ? 30  ILE B O   1 
ATOM   596  C  CB  . ILE B  1 30 ? 0.243   -4.131  3.436   1.00 29.97  ? 30  ILE B CB  1 
ATOM   597  C  CG1 . ILE B  1 30 ? 0.472   -2.776  2.760   1.00 27.57  ? 30  ILE B CG1 1 
ATOM   598  C  CG2 . ILE B  1 30 ? -1.119  -4.686  3.053   1.00 24.27  ? 30  ILE B CG2 1 
ATOM   599  C  CD1 . ILE B  1 30 ? 0.586   -2.849  1.260   1.00 17.93  ? 30  ILE B CD1 1 
ATOM   600  N  N   . THR B  1 31 ? 1.107   -6.174  5.741   1.00 58.20  ? 31  THR B N   1 
ATOM   601  C  CA  . THR B  1 31 ? 0.951   -7.425  6.478   1.00 50.63  ? 31  THR B CA  1 
ATOM   602  C  C   . THR B  1 31 ? 0.721   -7.172  7.962   1.00 44.92  ? 31  THR B C   1 
ATOM   603  O  O   . THR B  1 31 ? 0.017   -7.946  8.621   1.00 46.64  ? 31  THR B O   1 
ATOM   604  C  CB  . THR B  1 31 ? 2.176   -8.321  6.274   1.00 49.44  ? 31  THR B CB  1 
ATOM   605  O  OG1 . THR B  1 31 ? 3.364   -7.598  6.613   1.00 35.08  ? 31  THR B OG1 1 
ATOM   606  C  CG2 . THR B  1 31 ? 2.267   -8.793  4.827   1.00 48.24  ? 31  THR B CG2 1 
ATOM   607  N  N   . LEU B  1 32 ? 1.289   -6.092  8.501   1.00 49.44  ? 32  LEU B N   1 
ATOM   608  C  CA  . LEU B  1 32 ? 1.078   -5.758  9.908   1.00 47.99  ? 32  LEU B CA  1 
ATOM   609  C  C   . LEU B  1 32 ? -0.368  -5.342  10.155  1.00 39.07  ? 32  LEU B C   1 
ATOM   610  O  O   . LEU B  1 32 ? -1.063  -5.927  10.995  1.00 26.58  ? 32  LEU B O   1 
ATOM   611  C  CB  . LEU B  1 32 ? 2.045   -4.648  10.334  1.00 40.24  ? 32  LEU B CB  1 
ATOM   612  C  CG  . LEU B  1 32 ? 2.464   -4.479  11.801  1.00 32.65  ? 32  LEU B CG  1 
ATOM   613  C  CD1 . LEU B  1 32 ? 3.598   -3.464  11.902  1.00 39.52  ? 32  LEU B CD1 1 
ATOM   614  C  CD2 . LEU B  1 32 ? 1.307   -4.066  12.707  1.00 33.53  ? 32  LEU B CD2 1 
ATOM   615  N  N   . ARG B  1 33 ? -0.840  -4.327  9.425   1.00 38.22  ? 33  ARG B N   1 
ATOM   616  C  CA  . ARG B  1 33 ? -2.187  -3.813  9.651   1.00 35.91  ? 33  ARG B CA  1 
ATOM   617  C  C   . ARG B  1 33 ? -3.243  -4.857  9.318   1.00 40.08  ? 33  ARG B C   1 
ATOM   618  O  O   . ARG B  1 33 ? -4.247  -4.982  10.028  1.00 41.72  ? 33  ARG B O   1 
ATOM   619  C  CB  . ARG B  1 33 ? -2.414  -2.551  8.821   1.00 36.70  ? 33  ARG B CB  1 
ATOM   620  C  CG  . ARG B  1 33 ? -1.303  -1.527  8.929   1.00 33.80  ? 33  ARG B CG  1 
ATOM   621  C  CD  . ARG B  1 33 ? -1.086  -1.074  10.363  1.00 36.68  ? 33  ARG B CD  1 
ATOM   622  N  NE  . ARG B  1 33 ? -2.334  -0.684  11.011  1.00 35.81  ? 33  ARG B NE  1 
ATOM   623  C  CZ  . ARG B  1 33 ? -2.434  0.285   11.914  1.00 29.08  ? 33  ARG B CZ  1 
ATOM   624  N  NH1 . ARG B  1 33 ? -1.359  0.978   12.266  1.00 17.16  ? 33  ARG B NH1 1 
ATOM   625  N  NH2 . ARG B  1 33 ? -3.610  0.572   12.454  1.00 38.64  ? 33  ARG B NH2 1 
ATOM   626  N  N   . ALA B  1 34 ? -3.038  -5.613  8.237   1.00 46.24  ? 34  ALA B N   1 
ATOM   627  C  CA  . ALA B  1 34 ? -3.993  -6.657  7.880   1.00 44.35  ? 34  ALA B CA  1 
ATOM   628  C  C   . ALA B  1 34 ? -4.092  -7.715  8.968   1.00 41.82  ? 34  ALA B C   1 
ATOM   629  O  O   . ALA B  1 34 ? -5.157  -8.311  9.162   1.00 30.64  ? 34  ALA B O   1 
ATOM   630  C  CB  . ALA B  1 34 ? -3.601  -7.295  6.552   1.00 48.68  ? 34  ALA B CB  1 
ATOM   631  N  N   . ASP B  1 35 ? -2.995  -7.966  9.683   1.00 39.36  ? 35  ASP B N   1 
ATOM   632  C  CA  . ASP B  1 35 ? -3.075  -8.802  10.871  1.00 44.56  ? 35  ASP B CA  1 
ATOM   633  C  C   . ASP B  1 35 ? -3.658  -8.036  12.052  1.00 51.29  ? 35  ASP B C   1 
ATOM   634  O  O   . ASP B  1 35 ? -4.311  -8.639  12.912  1.00 49.59  ? 35  ASP B O   1 
ATOM   635  C  CB  . ASP B  1 35 ? -1.691  -9.356  11.221  1.00 45.31  ? 35  ASP B CB  1 
ATOM   636  C  CG  . ASP B  1 35 ? -1.150  -10.287 10.152  1.00 34.44  ? 35  ASP B CG  1 
ATOM   637  O  OD1 . ASP B  1 35 ? -1.960  -10.903 9.427   1.00 39.91  ? 35  ASP B OD1 1 
ATOM   638  O  OD2 . ASP B  1 35 ? 0.088   -10.406 10.036  1.00 34.01  ? 35  ASP B OD2 1 
ATOM   639  N  N   . ARG B  1 36 ? -3.451  -6.717  12.102  1.00 46.51  ? 36  ARG B N   1 
ATOM   640  C  CA  . ARG B  1 36 ? -3.997  -5.909  13.189  1.00 36.47  ? 36  ARG B CA  1 
ATOM   641  C  C   . ARG B  1 36 ? -5.520  -5.943  13.183  1.00 22.06  ? 36  ARG B C   1 
ATOM   642  O  O   . ARG B  1 36 ? -6.153  -6.319  14.176  1.00 29.68  ? 36  ARG B O   1 
ATOM   643  C  CB  . ARG B  1 36 ? -3.491  -4.471  13.078  1.00 37.28  ? 36  ARG B CB  1 
ATOM   644  C  CG  . ARG B  1 36 ? -3.937  -3.570  14.217  1.00 39.88  ? 36  ARG B CG  1 
ATOM   645  C  CD  . ARG B  1 36 ? -3.121  -3.822  15.469  1.00 48.43  ? 36  ARG B CD  1 
ATOM   646  N  NE  . ARG B  1 36 ? -1.854  -3.101  15.452  1.00 56.30  ? 36  ARG B NE  1 
ATOM   647  C  CZ  . ARG B  1 36 ? -1.667  -1.917  16.024  1.00 72.75  ? 36  ARG B CZ  1 
ATOM   648  N  NH1 . ARG B  1 36 ? -2.665  -1.323  16.664  1.00 63.22  ? 36  ARG B NH1 1 
ATOM   649  N  NH2 . ARG B  1 36 ? -0.481  -1.329  15.960  1.00 96.52  ? 36  ARG B NH2 1 
ATOM   650  N  N   . LEU B  1 37 ? -6.130  -5.554  12.062  1.00 26.98  ? 37  LEU B N   1 
ATOM   651  C  CA  . LEU B  1 37 ? -7.581  -5.604  11.946  1.00 20.27  ? 37  LEU B CA  1 
ATOM   652  C  C   . LEU B  1 37 ? -8.125  -7.025  11.975  1.00 26.88  ? 37  LEU B C   1 
ATOM   653  O  O   . LEU B  1 37 ? -9.346  -7.196  12.043  1.00 30.39  ? 37  LEU B O   1 
ATOM   654  C  CB  . LEU B  1 37 ? -8.039  -4.905  10.661  1.00 29.77  ? 37  LEU B CB  1 
ATOM   655  C  CG  . LEU B  1 37 ? -7.953  -3.374  10.592  1.00 31.47  ? 37  LEU B CG  1 
ATOM   656  C  CD1 . LEU B  1 37 ? -6.578  -2.902  10.140  1.00 35.13  ? 37  LEU B CD1 1 
ATOM   657  C  CD2 . LEU B  1 37 ? -9.039  -2.804  9.688   1.00 29.05  ? 37  LEU B CD2 1 
ATOM   658  N  N   . GLU B  1 38 ? -7.259  -8.040  11.924  1.00 33.29  ? 38  GLU B N   1 
ATOM   659  C  CA  . GLU B  1 38 ? -7.720  -9.424  11.981  1.00 34.05  ? 38  GLU B CA  1 
ATOM   660  C  C   . GLU B  1 38 ? -8.015  -9.847  13.414  1.00 36.20  ? 38  GLU B C   1 
ATOM   661  O  O   . GLU B  1 38 ? -9.052  -10.465 13.686  1.00 44.12  ? 38  GLU B O   1 
ATOM   662  C  CB  . GLU B  1 38 ? -6.679  -10.352 11.350  1.00 26.84  ? 38  GLU B CB  1 
ATOM   663  N  N   . MET B  1 39 ? -7.105  -9.535  14.342  1.00 35.75  ? 39  MET B N   1 
ATOM   664  C  CA  . MET B  1 39 ? -7.378  -9.782  15.753  1.00 32.47  ? 39  MET B CA  1 
ATOM   665  C  C   . MET B  1 39 ? -8.587  -8.982  16.214  1.00 33.08  ? 39  MET B C   1 
ATOM   666  O  O   . MET B  1 39 ? -9.478  -9.514  16.884  1.00 35.88  ? 39  MET B O   1 
ATOM   667  C  CB  . MET B  1 39 ? -6.154  -9.433  16.601  1.00 21.51  ? 39  MET B CB  1 
ATOM   668  C  CG  . MET B  1 39 ? -4.831  -9.487  15.857  1.00 28.69  ? 39  MET B CG  1 
ATOM   669  S  SD  . MET B  1 39 ? -4.456  -11.113 15.174  1.00 74.70  ? 39  MET B SD  1 
ATOM   670  C  CE  . MET B  1 39 ? -2.775  -10.875 14.603  1.00 30.24  ? 39  MET B CE  1 
ATOM   671  N  N   . ILE B  1 40 ? -8.641  -7.699  15.844  1.00 33.11  ? 40  ILE B N   1 
ATOM   672  C  CA  . ILE B  1 40 ? -9.789  -6.866  16.168  1.00 21.77  ? 40  ILE B CA  1 
ATOM   673  C  C   . ILE B  1 40 ? -11.044 -7.352  15.458  1.00 23.54  ? 40  ILE B C   1 
ATOM   674  O  O   . ILE B  1 40 ? -12.157 -7.092  15.927  1.00 24.88  ? 40  ILE B O   1 
ATOM   675  C  CB  . ILE B  1 40 ? -9.467  -5.398  15.832  1.00 14.36  ? 40  ILE B CB  1 
ATOM   676  C  CG1 . ILE B  1 40 ? -8.127  -5.012  16.460  1.00 14.68  ? 40  ILE B CG1 1 
ATOM   677  C  CG2 . ILE B  1 40 ? -10.553 -4.475  16.336  1.00 14.36  ? 40  ILE B CG2 1 
ATOM   678  C  CD1 . ILE B  1 40 ? -7.774  -3.551  16.333  1.00 17.54  ? 40  ILE B CD1 1 
ATOM   679  N  N   . ILE B  1 41 ? -10.901 -8.063  14.337  1.00 28.14  ? 41  ILE B N   1 
ATOM   680  C  CA  . ILE B  1 41 ? -12.065 -8.713  13.747  1.00 32.70  ? 41  ILE B CA  1 
ATOM   681  C  C   . ILE B  1 41 ? -12.480 -9.911  14.587  1.00 50.50  ? 41  ILE B C   1 
ATOM   682  O  O   . ILE B  1 41 ? -13.670 -10.245 14.656  1.00 48.86  ? 41  ILE B O   1 
ATOM   683  C  CB  . ILE B  1 41 ? -11.790 -9.121  12.288  1.00 26.76  ? 41  ILE B CB  1 
ATOM   684  N  N   . ASN B  1 42 ? -11.525 -10.572 15.242  1.00 50.70  ? 42  ASN B N   1 
ATOM   685  C  CA  . ASN B  1 42 ? -11.822 -11.737 16.066  1.00 51.67  ? 42  ASN B CA  1 
ATOM   686  C  C   . ASN B  1 42 ? -12.146 -11.355 17.507  1.00 43.66  ? 42  ASN B C   1 
ATOM   687  O  O   . ASN B  1 42 ? -13.116 -11.859 18.082  1.00 44.16  ? 42  ASN B O   1 
ATOM   688  C  CB  . ASN B  1 42 ? -10.646 -12.718 16.034  1.00 49.20  ? 42  ASN B CB  1 
ATOM   689  C  CG  . ASN B  1 42 ? -10.630 -13.570 14.780  1.00 61.33  ? 42  ASN B CG  1 
ATOM   690  O  OD1 . ASN B  1 42 ? -11.035 -14.732 14.802  1.00 87.06  ? 42  ASN B OD1 1 
ATOM   691  N  ND2 . ASN B  1 42 ? -10.163 -12.995 13.677  1.00 50.03  ? 42  ASN B ND2 1 
ATOM   692  N  N   . ASP B  1 43 ? -11.341 -10.474 18.105  1.00 28.24  ? 43  ASP B N   1 
ATOM   693  C  CA  . ASP B  1 43 ? -11.575 -10.092 19.494  1.00 25.65  ? 43  ASP B CA  1 
ATOM   694  C  C   . ASP B  1 43 ? -12.896 -9.352  19.654  1.00 35.35  ? 43  ASP B C   1 
ATOM   695  O  O   . ASP B  1 43 ? -13.629 -9.584  20.622  1.00 45.51  ? 43  ASP B O   1 
ATOM   696  C  CB  . ASP B  1 43 ? -10.417 -9.238  20.011  1.00 28.56  ? 43  ASP B CB  1 
ATOM   697  C  CG  . ASP B  1 43 ? -9.151  -10.042 20.235  1.00 45.58  ? 43  ASP B CG  1 
ATOM   698  O  OD1 . ASP B  1 43 ? -9.173  -11.267 19.992  1.00 58.58  ? 43  ASP B OD1 1 
ATOM   699  O  OD2 . ASP B  1 43 ? -8.134  -9.451  20.654  1.00 37.69  ? 43  ASP B OD2 1 
ATOM   700  N  N   . ASN B  1 44 ? -13.222 -8.458  18.719  1.00 39.61  ? 44  ASN B N   1 
ATOM   701  C  CA  . ASN B  1 44 ? -14.484 -7.736  18.817  1.00 25.06  ? 44  ASN B CA  1 
ATOM   702  C  C   . ASN B  1 44 ? -15.668 -8.658  18.559  1.00 30.56  ? 44  ASN B C   1 
ATOM   703  O  O   . ASN B  1 44 ? -16.669 -8.604  19.283  1.00 33.22  ? 44  ASN B O   1 
ATOM   704  C  CB  . ASN B  1 44 ? -14.499 -6.554  17.849  1.00 39.25  ? 44  ASN B CB  1 
ATOM   705  C  CG  . ASN B  1 44 ? -14.136 -5.246  18.521  1.00 45.07  ? 44  ASN B CG  1 
ATOM   706  O  OD1 . ASN B  1 44 ? -15.010 -4.500  18.957  1.00 38.59  ? 44  ASN B OD1 1 
ATOM   707  N  ND2 . ASN B  1 44 ? -12.842 -4.965  18.618  1.00 41.36  ? 44  ASN B ND2 1 
ATOM   708  N  N   . VAL B  1 45 ? -15.570 -9.518  17.543  1.00 28.61  ? 45  VAL B N   1 
ATOM   709  C  CA  . VAL B  1 45 ? -16.663 -10.440 17.238  1.00 38.70  ? 45  VAL B CA  1 
ATOM   710  C  C   . VAL B  1 45 ? -16.910 -11.376 18.416  1.00 53.94  ? 45  VAL B C   1 
ATOM   711  O  O   . VAL B  1 45 ? -18.056 -11.602 18.822  1.00 50.90  ? 45  VAL B O   1 
ATOM   712  C  CB  . VAL B  1 45 ? -16.363 -11.222 15.946  1.00 34.18  ? 45  VAL B CB  1 
ATOM   713  N  N   . SER B  1 46 ? -15.838 -11.922 18.996  1.00 42.16  ? 46  SER B N   1 
ATOM   714  C  CA  . SER B  1 46 ? -16.002 -12.817 20.139  1.00 43.16  ? 46  SER B CA  1 
ATOM   715  C  C   . SER B  1 46 ? -16.501 -12.075 21.373  1.00 41.13  ? 46  SER B C   1 
ATOM   716  O  O   . SER B  1 46 ? -17.146 -12.678 22.241  1.00 53.74  ? 46  SER B O   1 
ATOM   717  C  CB  . SER B  1 46 ? -14.684 -13.527 20.439  1.00 43.92  ? 46  SER B CB  1 
ATOM   718  O  OG  . SER B  1 46 ? -14.284 -14.317 19.335  1.00 40.19  ? 46  SER B OG  1 
ATOM   719  N  N   . THR B  1 47 ? -16.222 -10.773 21.470  1.00 35.32  ? 47  THR B N   1 
ATOM   720  C  CA  . THR B  1 47 ? -16.724 -9.998  22.601  1.00 37.77  ? 47  THR B CA  1 
ATOM   721  C  C   . THR B  1 47 ? -18.236 -9.811  22.527  1.00 46.39  ? 47  THR B C   1 
ATOM   722  O  O   . THR B  1 47 ? -18.912 -9.828  23.562  1.00 64.21  ? 47  THR B O   1 
ATOM   723  C  CB  . THR B  1 47 ? -16.015 -8.642  22.660  1.00 45.59  ? 47  THR B CB  1 
ATOM   724  O  OG1 . THR B  1 47 ? -14.599 -8.846  22.733  1.00 43.39  ? 47  THR B OG1 1 
ATOM   725  C  CG2 . THR B  1 47 ? -16.462 -7.840  23.873  1.00 39.01  ? 47  THR B CG2 1 
ATOM   726  N  N   . ILE B  1 48 ? -18.786 -9.649  21.320  1.00 36.21  ? 48  ILE B N   1 
ATOM   727  C  CA  . ILE B  1 48 ? -20.228 -9.473  21.183  1.00 31.05  ? 48  ILE B CA  1 
ATOM   728  C  C   . ILE B  1 48 ? -20.963 -10.785 21.418  1.00 50.71  ? 48  ILE B C   1 
ATOM   729  O  O   . ILE B  1 48 ? -22.082 -10.791 21.946  1.00 55.08  ? 48  ILE B O   1 
ATOM   730  C  CB  . ILE B  1 48 ? -20.569 -8.891  19.799  1.00 43.00  ? 48  ILE B CB  1 
ATOM   731  C  CG1 . ILE B  1 48 ? -19.656 -7.709  19.477  1.00 42.15  ? 48  ILE B CG1 1 
ATOM   732  C  CG2 . ILE B  1 48 ? -22.027 -8.457  19.747  1.00 49.96  ? 48  ILE B CG2 1 
ATOM   733  C  CD1 . ILE B  1 48 ? -19.596 -7.368  18.003  1.00 31.36  ? 48  ILE B CD1 1 
ATOM   734  N  N   . LEU B  1 49 ? -20.356 -11.914 21.042  1.00 49.53  ? 49  LEU B N   1 
ATOM   735  C  CA  . LEU B  1 49 ? -21.041 -13.202 21.106  1.00 68.01  ? 49  LEU B CA  1 
ATOM   736  C  C   . LEU B  1 49 ? -21.376 -13.633 22.528  1.00 79.97  ? 49  LEU B C   1 
ATOM   737  O  O   . LEU B  1 49 ? -22.134 -14.595 22.699  1.00 77.24  ? 49  LEU B O   1 
ATOM   738  C  CB  . LEU B  1 49 ? -20.195 -14.281 20.425  1.00 54.13  ? 49  LEU B CB  1 
ATOM   739  C  CG  . LEU B  1 49 ? -19.954 -14.103 18.923  1.00 38.63  ? 49  LEU B CG  1 
ATOM   740  C  CD1 . LEU B  1 49 ? -19.132 -15.256 18.369  1.00 60.47  ? 49  LEU B CD1 1 
ATOM   741  C  CD2 . LEU B  1 49 ? -21.267 -13.962 18.166  1.00 44.93  ? 49  LEU B CD2 1 
ATOM   742  N  N   . ALA B  1 50 ? -20.837 -12.958 23.545  1.00 81.85  ? 50  ALA B N   1 
ATOM   743  C  CA  . ALA B  1 50 ? -21.170 -13.298 24.924  1.00 79.85  ? 50  ALA B CA  1 
ATOM   744  C  C   . ALA B  1 50 ? -22.586 -12.853 25.268  1.00 80.17  ? 50  ALA B C   1 
ATOM   745  O  O   . ALA B  1 50 ? -23.459 -13.677 25.565  1.00 62.67  ? 50  ALA B O   1 
ATOM   746  C  CB  . ALA B  1 50 ? -20.152 -12.667 25.877  1.00 66.73  ? 50  ALA B CB  1 
ATOM   747  N  N   . SER B  1 51 ? -22.835 -11.546 25.230  1.00 72.09  ? 51  SER B N   1 
ATOM   748  C  CA  . SER B  1 51 ? -24.148 -10.989 25.518  1.00 72.29  ? 51  SER B CA  1 
ATOM   749  C  C   . SER B  1 51 ? -25.036 -10.896 24.281  1.00 84.37  ? 51  SER B C   1 
ATOM   750  O  O   . SER B  1 51 ? -26.111 -10.294 24.349  1.00 86.32  ? 51  SER B O   1 
ATOM   751  C  CB  . SER B  1 51 ? -24.002 -9.607  26.162  1.00 75.41  ? 51  SER B CB  1 
ATOM   752  O  OG  . SER B  1 51 ? -23.236 -8.738  25.346  1.00 74.81  ? 51  SER B OG  1 
ATOM   753  N  N   . ILE B  1 52 ? -24.614 -11.477 23.161  1.00 75.21  ? 52  ILE B N   1 
ATOM   754  C  CA  . ILE B  1 52 ? -25.403 -11.439 21.935  1.00 76.19  ? 52  ILE B CA  1 
ATOM   755  C  C   . ILE B  1 52 ? -25.072 -12.638 21.053  1.00 74.51  ? 52  ILE B C   1 
ATOM   756  O  O   . ILE B  1 52 ? -25.299 -13.787 21.434  1.00 78.84  ? 52  ILE B O   1 
ATOM   757  C  CB  . ILE B  1 52 ? -25.179 -10.122 21.171  1.00 75.74  ? 52  ILE B CB  1 
ATOM   758  O  OXT . ILE B  1 52 ? -24.575 -12.486 19.937  1.00 68.77  ? 52  ILE B OXT 1 
ATOM   759  N  N   . ILE C  1 4  ? 31.369  10.831  -15.580 1.00 58.89  ? 4   ILE C N   1 
ATOM   760  C  CA  . ILE C  1 4  ? 30.111  10.096  -15.561 1.00 63.88  ? 4   ILE C CA  1 
ATOM   761  C  C   . ILE C  1 4  ? 30.028  9.223   -14.316 1.00 79.65  ? 4   ILE C C   1 
ATOM   762  O  O   . ILE C  1 4  ? 29.091  8.439   -14.156 1.00 77.59  ? 4   ILE C O   1 
ATOM   763  C  CB  . ILE C  1 4  ? 29.942  9.247   -16.833 1.00 42.98  ? 4   ILE C CB  1 
ATOM   764  N  N   . ASN C  1 5  ? 31.018  9.360   -13.435 1.00 79.52  ? 5   ASN C N   1 
ATOM   765  C  CA  . ASN C  1 5  ? 31.049  8.637   -12.171 1.00 85.97  ? 5   ASN C CA  1 
ATOM   766  C  C   . ASN C  1 5  ? 30.769  9.556   -10.989 1.00 83.45  ? 5   ASN C C   1 
ATOM   767  O  O   . ASN C  1 5  ? 29.832  9.313   -10.222 1.00 72.68  ? 5   ASN C O   1 
ATOM   768  C  CB  . ASN C  1 5  ? 32.403  7.934   -11.994 1.00 84.26  ? 5   ASN C CB  1 
ATOM   769  C  CG  . ASN C  1 5  ? 32.597  6.790   -12.969 1.00 91.23  ? 5   ASN C CG  1 
ATOM   770  O  OD1 . ASN C  1 5  ? 33.220  6.952   -14.020 1.00 82.05  ? 5   ASN C OD1 1 
ATOM   771  N  ND2 . ASN C  1 5  ? 32.061  5.624   -12.628 1.00 94.58  ? 5   ASN C ND2 1 
ATOM   772  N  N   . GLU C  1 6  ? 31.562  10.616  -10.825 1.00 90.85  ? 6   GLU C N   1 
ATOM   773  C  CA  . GLU C  1 6  ? 31.364  11.602  -9.773  1.00 95.46  ? 6   GLU C CA  1 
ATOM   774  C  C   . GLU C  1 6  ? 30.282  12.617  -10.113 1.00 86.37  ? 6   GLU C C   1 
ATOM   775  O  O   . GLU C  1 6  ? 30.255  13.702  -9.518  1.00 93.00  ? 6   GLU C O   1 
ATOM   776  C  CB  . GLU C  1 6  ? 32.680  12.325  -9.473  1.00 89.61  ? 6   GLU C CB  1 
ATOM   777  N  N   . THR C  1 7  ? 29.397  12.295  -11.056 1.00 75.21  ? 7   THR C N   1 
ATOM   778  C  CA  . THR C  1 7  ? 28.324  13.206  -11.430 1.00 71.03  ? 7   THR C CA  1 
ATOM   779  C  C   . THR C  1 7  ? 27.036  12.449  -11.731 1.00 70.45  ? 7   THR C C   1 
ATOM   780  O  O   . THR C  1 7  ? 25.956  12.846  -11.278 1.00 78.99  ? 7   THR C O   1 
ATOM   781  C  CB  . THR C  1 7  ? 28.730  14.044  -12.642 1.00 69.88  ? 7   THR C CB  1 
ATOM   782  N  N   . ALA C  1 8  ? 27.137  11.360  -12.491 1.00 73.57  ? 8   ALA C N   1 
ATOM   783  C  CA  . ALA C  1 8  ? 25.950  10.657  -12.966 1.00 76.59  ? 8   ALA C CA  1 
ATOM   784  C  C   . ALA C  1 8  ? 25.451  9.645   -11.942 1.00 66.86  ? 8   ALA C C   1 
ATOM   785  O  O   . ALA C  1 8  ? 24.861  8.621   -12.304 1.00 51.30  ? 8   ALA C O   1 
ATOM   786  C  CB  . ALA C  1 8  ? 26.242  9.973   -14.304 1.00 71.48  ? 8   ALA C CB  1 
ATOM   787  N  N   . ASP C  1 9  ? 25.678  9.924   -10.662 1.00 73.25  ? 9   ASP C N   1 
ATOM   788  C  CA  . ASP C  1 9  ? 25.102  9.134   -9.583  1.00 67.88  ? 9   ASP C CA  1 
ATOM   789  C  C   . ASP C  1 9  ? 23.762  9.685   -9.111  1.00 68.16  ? 9   ASP C C   1 
ATOM   790  O  O   . ASP C  1 9  ? 23.146  9.099   -8.214  1.00 68.25  ? 9   ASP C O   1 
ATOM   791  C  CB  . ASP C  1 9  ? 26.068  9.063   -8.395  1.00 71.62  ? 9   ASP C CB  1 
ATOM   792  C  CG  . ASP C  1 9  ? 25.938  7.770   -7.614  1.00 73.75  ? 9   ASP C CG  1 
ATOM   793  O  OD1 . ASP C  1 9  ? 24.926  7.061   -7.785  1.00 61.00  ? 9   ASP C OD1 1 
ATOM   794  O  OD2 . ASP C  1 9  ? 26.856  7.461   -6.826  1.00 82.98  ? 9   ASP C OD2 1 
ATOM   795  N  N   . ASP C  1 10 ? 23.298  10.794  -9.694  1.00 61.51  ? 10  ASP C N   1 
ATOM   796  C  CA  . ASP C  1 10 ? 22.016  11.361  -9.292  1.00 59.09  ? 10  ASP C CA  1 
ATOM   797  C  C   . ASP C  1 10 ? 20.860  10.422  -9.608  1.00 45.58  ? 10  ASP C C   1 
ATOM   798  O  O   . ASP C  1 10 ? 19.846  10.428  -8.900  1.00 40.87  ? 10  ASP C O   1 
ATOM   799  C  CB  . ASP C  1 10 ? 21.801  12.713  -9.970  1.00 51.17  ? 10  ASP C CB  1 
ATOM   800  C  CG  . ASP C  1 10 ? 22.749  13.778  -9.456  1.00 63.49  ? 10  ASP C CG  1 
ATOM   801  O  OD1 . ASP C  1 10 ? 23.608  13.452  -8.611  1.00 51.26  ? 10  ASP C OD1 1 
ATOM   802  O  OD2 . ASP C  1 10 ? 22.628  14.941  -9.893  1.00 75.46  ? 10  ASP C OD2 1 
ATOM   803  N  N   . ILE C  1 11 ? 20.995  9.604   -10.656 1.00 40.29  ? 11  ILE C N   1 
ATOM   804  C  CA  . ILE C  1 11 ? 19.931  8.671   -11.019 1.00 44.13  ? 11  ILE C CA  1 
ATOM   805  C  C   . ILE C  1 11 ? 19.592  7.760   -9.852  1.00 51.02  ? 11  ILE C C   1 
ATOM   806  O  O   . ILE C  1 11 ? 18.442  7.329   -9.702  1.00 56.75  ? 11  ILE C O   1 
ATOM   807  C  CB  . ILE C  1 11 ? 20.334  7.863   -12.268 1.00 39.68  ? 11  ILE C CB  1 
ATOM   808  C  CG1 . ILE C  1 11 ? 21.679  7.168   -12.045 1.00 54.66  ? 11  ILE C CG1 1 
ATOM   809  C  CG2 . ILE C  1 11 ? 20.393  8.761   -13.488 1.00 28.49  ? 11  ILE C CG2 1 
ATOM   810  C  CD1 . ILE C  1 11 ? 22.164  6.369   -13.227 1.00 55.85  ? 11  ILE C CD1 1 
ATOM   811  N  N   . VAL C  1 12 ? 20.570  7.460   -9.002  1.00 48.56  ? 12  VAL C N   1 
ATOM   812  C  CA  . VAL C  1 12 ? 20.282  6.725   -7.779  1.00 43.51  ? 12  VAL C CA  1 
ATOM   813  C  C   . VAL C  1 12 ? 19.799  7.674   -6.692  1.00 40.59  ? 12  VAL C C   1 
ATOM   814  O  O   . VAL C  1 12 ? 18.732  7.474   -6.101  1.00 34.53  ? 12  VAL C O   1 
ATOM   815  C  CB  . VAL C  1 12 ? 21.523  5.937   -7.330  1.00 48.57  ? 12  VAL C CB  1 
ATOM   816  N  N   . TYR C  1 13 ? 20.560  8.741   -6.439  1.00 35.93  ? 13  TYR C N   1 
ATOM   817  C  CA  . TYR C  1 13 ? 20.235  9.641   -5.338  1.00 40.17  ? 13  TYR C CA  1 
ATOM   818  C  C   . TYR C  1 13 ? 18.930  10.388  -5.588  1.00 50.94  ? 13  TYR C C   1 
ATOM   819  O  O   . TYR C  1 13 ? 18.050  10.417  -4.720  1.00 59.78  ? 13  TYR C O   1 
ATOM   820  C  CB  . TYR C  1 13 ? 21.382  10.624  -5.109  1.00 45.64  ? 13  TYR C CB  1 
ATOM   821  C  CG  . TYR C  1 13 ? 21.022  11.745  -4.164  1.00 48.88  ? 13  TYR C CG  1 
ATOM   822  C  CD1 . TYR C  1 13 ? 20.762  11.490  -2.823  1.00 44.46  ? 13  TYR C CD1 1 
ATOM   823  C  CD2 . TYR C  1 13 ? 20.941  13.058  -4.611  1.00 43.47  ? 13  TYR C CD2 1 
ATOM   824  C  CE1 . TYR C  1 13 ? 20.431  12.512  -1.955  1.00 58.80  ? 13  TYR C CE1 1 
ATOM   825  C  CE2 . TYR C  1 13 ? 20.612  14.086  -3.750  1.00 66.17  ? 13  TYR C CE2 1 
ATOM   826  C  CZ  . TYR C  1 13 ? 20.358  13.808  -2.423  1.00 71.66  ? 13  TYR C CZ  1 
ATOM   827  O  OH  . TYR C  1 13 ? 20.030  14.829  -1.563  1.00 53.57  ? 13  TYR C OH  1 
ATOM   828  N  N   . ARG C  1 14 ? 18.784  11.004  -6.765  1.00 52.09  ? 14  ARG C N   1 
ATOM   829  C  CA  . ARG C  1 14 ? 17.575  11.779  -7.030  1.00 40.74  ? 14  ARG C CA  1 
ATOM   830  C  C   . ARG C  1 14 ? 16.331  10.900  -7.036  1.00 34.54  ? 14  ARG C C   1 
ATOM   831  O  O   . ARG C  1 14 ? 15.243  11.372  -6.690  1.00 40.38  ? 14  ARG C O   1 
ATOM   832  C  CB  . ARG C  1 14 ? 17.699  12.536  -8.352  1.00 46.29  ? 14  ARG C CB  1 
ATOM   833  C  CG  . ARG C  1 14 ? 18.643  13.726  -8.290  1.00 52.37  ? 14  ARG C CG  1 
ATOM   834  C  CD  . ARG C  1 14 ? 18.232  14.804  -9.279  1.00 66.44  ? 14  ARG C CD  1 
ATOM   835  N  NE  . ARG C  1 14 ? 18.266  14.328  -10.659 1.00 63.85  ? 14  ARG C NE  1 
ATOM   836  C  CZ  . ARG C  1 14 ? 17.758  14.992  -11.692 1.00 53.23  ? 14  ARG C CZ  1 
ATOM   837  N  NH1 . ARG C  1 14 ? 17.165  16.163  -11.505 1.00 39.23  ? 14  ARG C NH1 1 
ATOM   838  N  NH2 . ARG C  1 14 ? 17.837  14.483  -12.914 1.00 49.50  ? 14  ARG C NH2 1 
ATOM   839  N  N   . LEU C  1 15 ? 16.467  9.625   -7.406  1.00 33.33  ? 15  LEU C N   1 
ATOM   840  C  CA  . LEU C  1 15 ? 15.316  8.732   -7.336  1.00 30.22  ? 15  LEU C CA  1 
ATOM   841  C  C   . LEU C  1 15 ? 14.981  8.368   -5.895  1.00 35.04  ? 15  LEU C C   1 
ATOM   842  O  O   . LEU C  1 15 ? 13.805  8.222   -5.548  1.00 32.05  ? 15  LEU C O   1 
ATOM   843  C  CB  . LEU C  1 15 ? 15.560  7.474   -8.165  1.00 41.01  ? 15  LEU C CB  1 
ATOM   844  C  CG  . LEU C  1 15 ? 15.248  7.586   -9.659  1.00 46.72  ? 15  LEU C CG  1 
ATOM   845  C  CD1 . LEU C  1 15 ? 15.003  6.207   -10.246 1.00 38.74  ? 15  LEU C CD1 1 
ATOM   846  C  CD2 . LEU C  1 15 ? 14.059  8.504   -9.923  1.00 28.58  ? 15  LEU C CD2 1 
ATOM   847  N  N   . THR C  1 16 ? 15.999  8.215   -5.039  1.00 49.92  ? 16  THR C N   1 
ATOM   848  C  CA  . THR C  1 16 ? 15.732  7.947   -3.628  1.00 36.96  ? 16  THR C CA  1 
ATOM   849  C  C   . THR C  1 16 ? 14.919  9.072   -3.006  1.00 38.94  ? 16  THR C C   1 
ATOM   850  O  O   . THR C  1 16 ? 14.041  8.828   -2.171  1.00 34.37  ? 16  THR C O   1 
ATOM   851  C  CB  . THR C  1 16 ? 17.037  7.752   -2.856  1.00 37.34  ? 16  THR C CB  1 
ATOM   852  O  OG1 . THR C  1 16 ? 17.899  8.876   -3.075  1.00 59.40  ? 16  THR C OG1 1 
ATOM   853  C  CG2 . THR C  1 16 ? 17.738  6.489   -3.299  1.00 34.21  ? 16  THR C CG2 1 
ATOM   854  N  N   . VAL C  1 17 ? 15.200  10.314  -3.404  1.00 28.12  ? 17  VAL C N   1 
ATOM   855  C  CA  . VAL C  1 17 ? 14.408  11.449  -2.941  1.00 23.86  ? 17  VAL C CA  1 
ATOM   856  C  C   . VAL C  1 17 ? 12.952  11.290  -3.363  1.00 30.30  ? 17  VAL C C   1 
ATOM   857  O  O   . VAL C  1 17 ? 12.032  11.660  -2.622  1.00 48.75  ? 17  VAL C O   1 
ATOM   858  C  CB  . VAL C  1 17 ? 15.017  12.765  -3.461  1.00 42.30  ? 17  VAL C CB  1 
ATOM   859  C  CG1 . VAL C  1 17 ? 14.158  13.956  -3.060  1.00 47.99  ? 17  VAL C CG1 1 
ATOM   860  C  CG2 . VAL C  1 17 ? 16.437  12.928  -2.939  1.00 47.18  ? 17  VAL C CG2 1 
ATOM   861  N  N   . ILE C  1 18 ? 12.716  10.723  -4.547  1.00 35.04  ? 18  ILE C N   1 
ATOM   862  C  CA  . ILE C  1 18 ? 11.346  10.522  -5.013  1.00 21.34  ? 18  ILE C CA  1 
ATOM   863  C  C   . ILE C  1 18 ? 10.727  9.298   -4.350  1.00 20.63  ? 18  ILE C C   1 
ATOM   864  O  O   . ILE C  1 18 ? 9.609   9.361   -3.824  1.00 35.38  ? 18  ILE C O   1 
ATOM   865  C  CB  . ILE C  1 18 ? 11.302  10.416  -6.551  1.00 15.68  ? 18  ILE C CB  1 
ATOM   866  C  CG1 . ILE C  1 18 ? 11.156  11.799  -7.191  1.00 21.38  ? 18  ILE C CG1 1 
ATOM   867  C  CG2 . ILE C  1 18 ? 10.141  9.534   -7.000  1.00 16.28  ? 18  ILE C CG2 1 
ATOM   868  C  CD1 . ILE C  1 18 ? 12.374  12.681  -7.085  1.00 27.51  ? 18  ILE C CD1 1 
ATOM   869  N  N   . ILE C  1 19 ? 11.446  8.172   -4.351  1.00 17.45  ? 19  ILE C N   1 
ATOM   870  C  CA  . ILE C  1 19 ? 10.878  6.921   -3.852  1.00 23.39  ? 19  ILE C CA  1 
ATOM   871  C  C   . ILE C  1 19 ? 10.582  7.010   -2.361  1.00 28.78  ? 19  ILE C C   1 
ATOM   872  O  O   . ILE C  1 19 ? 9.608   6.417   -1.877  1.00 25.34  ? 19  ILE C O   1 
ATOM   873  C  CB  . ILE C  1 19 ? 11.822  5.746   -4.177  1.00 25.96  ? 19  ILE C CB  1 
ATOM   874  C  CG1 . ILE C  1 19 ? 12.047  5.652   -5.687  1.00 26.62  ? 19  ILE C CG1 1 
ATOM   875  C  CG2 . ILE C  1 19 ? 11.251  4.438   -3.659  1.00 32.34  ? 19  ILE C CG2 1 
ATOM   876  C  CD1 . ILE C  1 19 ? 13.045  4.598   -6.089  1.00 20.20  ? 19  ILE C CD1 1 
ATOM   877  N  N   . ASP C  1 20 ? 11.399  7.752   -1.610  1.00 33.69  ? 20  ASP C N   1 
ATOM   878  C  CA  . ASP C  1 20 ? 11.133  7.931   -0.186  1.00 34.62  ? 20  ASP C CA  1 
ATOM   879  C  C   . ASP C  1 20 ? 9.859   8.735   0.042   1.00 27.14  ? 20  ASP C C   1 
ATOM   880  O  O   . ASP C  1 20 ? 9.062   8.405   0.927   1.00 28.81  ? 20  ASP C O   1 
ATOM   881  C  CB  . ASP C  1 20 ? 12.320  8.613   0.492   1.00 38.84  ? 20  ASP C CB  1 
ATOM   882  C  CG  . ASP C  1 20 ? 13.450  7.650   0.792   1.00 39.05  ? 20  ASP C CG  1 
ATOM   883  O  OD1 . ASP C  1 20 ? 13.161  6.521   1.241   1.00 44.01  ? 20  ASP C OD1 1 
ATOM   884  O  OD2 . ASP C  1 20 ? 14.623  8.022   0.578   1.00 31.99  ? 20  ASP C OD2 1 
ATOM   885  N  N   . ASP C  1 21 ? 9.655   9.795   -0.746  1.00 29.20  ? 21  ASP C N   1 
ATOM   886  C  CA  . ASP C  1 21 ? 8.457   10.614  -0.591  1.00 29.05  ? 21  ASP C CA  1 
ATOM   887  C  C   . ASP C  1 21 ? 7.198   9.801   -0.858  1.00 27.99  ? 21  ASP C C   1 
ATOM   888  O  O   . ASP C  1 21 ? 6.222   9.885   -0.103  1.00 36.88  ? 21  ASP C O   1 
ATOM   889  C  CB  . ASP C  1 21 ? 8.530   11.825  -1.523  1.00 28.09  ? 21  ASP C CB  1 
ATOM   890  C  CG  . ASP C  1 21 ? 7.549   12.924  -1.143  1.00 40.89  ? 21  ASP C CG  1 
ATOM   891  O  OD1 . ASP C  1 21 ? 6.365   12.620  -0.889  1.00 56.09  ? 21  ASP C OD1 1 
ATOM   892  O  OD2 . ASP C  1 21 ? 7.968   14.101  -1.097  1.00 35.81  ? 21  ASP C OD2 1 
ATOM   893  N  N   . ARG C  1 22 ? 7.204   8.997   -1.924  1.00 19.31  ? 22  ARG C N   1 
ATOM   894  C  CA  . ARG C  1 22 ? 6.048   8.158   -2.217  1.00 18.47  ? 22  ARG C CA  1 
ATOM   895  C  C   . ARG C  1 22 ? 5.888   7.060   -1.173  1.00 23.98  ? 22  ARG C C   1 
ATOM   896  O  O   . ARG C  1 22 ? 4.760   6.697   -0.817  1.00 27.24  ? 22  ARG C O   1 
ATOM   897  C  CB  . ARG C  1 22 ? 6.174   7.560   -3.617  1.00 23.95  ? 22  ARG C CB  1 
ATOM   898  C  CG  . ARG C  1 22 ? 6.332   8.594   -4.721  1.00 13.84  ? 22  ARG C CG  1 
ATOM   899  C  CD  . ARG C  1 22 ? 5.275   9.681   -4.616  1.00 25.68  ? 22  ARG C CD  1 
ATOM   900  N  NE  . ARG C  1 22 ? 5.218   10.514  -5.815  1.00 29.06  ? 22  ARG C NE  1 
ATOM   901  C  CZ  . ARG C  1 22 ? 5.957   11.600  -6.014  1.00 22.85  ? 22  ARG C CZ  1 
ATOM   902  N  NH1 . ARG C  1 22 ? 5.829   12.288  -7.138  1.00 25.67  ? 22  ARG C NH1 1 
ATOM   903  N  NH2 . ARG C  1 22 ? 6.826   11.999  -5.093  1.00 24.96  ? 22  ARG C NH2 1 
ATOM   904  N  N   . TYR C  1 23 ? 7.000   6.522   -0.670  1.00 29.33  ? 23  TYR C N   1 
ATOM   905  C  CA  . TYR C  1 23 ? 6.920   5.507   0.377   1.00 24.67  ? 23  TYR C CA  1 
ATOM   906  C  C   . TYR C  1 23 ? 6.357   6.093   1.665   1.00 17.90  ? 23  TYR C C   1 
ATOM   907  O  O   . TYR C  1 23 ? 5.456   5.513   2.282   1.00 23.66  ? 23  TYR C O   1 
ATOM   908  C  CB  . TYR C  1 23 ? 8.297   4.891   0.623   1.00 33.00  ? 23  TYR C CB  1 
ATOM   909  C  CG  . TYR C  1 23 ? 8.607   4.643   2.085   1.00 35.47  ? 23  TYR C CG  1 
ATOM   910  C  CD1 . TYR C  1 23 ? 8.091   3.537   2.751   1.00 36.53  ? 23  TYR C CD1 1 
ATOM   911  C  CD2 . TYR C  1 23 ? 9.424   5.513   2.798   1.00 38.22  ? 23  TYR C CD2 1 
ATOM   912  C  CE1 . TYR C  1 23 ? 8.373   3.311   4.087   1.00 44.48  ? 23  TYR C CE1 1 
ATOM   913  C  CE2 . TYR C  1 23 ? 9.710   5.296   4.133   1.00 38.80  ? 23  TYR C CE2 1 
ATOM   914  C  CZ  . TYR C  1 23 ? 9.183   4.193   4.772   1.00 48.86  ? 23  TYR C CZ  1 
ATOM   915  O  OH  . TYR C  1 23 ? 9.469   3.974   6.100   1.00 69.33  ? 23  TYR C OH  1 
ATOM   916  N  N   . GLU C  1 24 ? 6.881   7.244   2.092   1.00 19.02  ? 24  GLU C N   1 
ATOM   917  C  CA  . GLU C  1 24 ? 6.418   7.839   3.340   1.00 26.83  ? 24  GLU C CA  1 
ATOM   918  C  C   . GLU C  1 24 ? 4.973   8.301   3.236   1.00 21.14  ? 24  GLU C C   1 
ATOM   919  O  O   . GLU C  1 24 ? 4.253   8.311   4.242   1.00 26.39  ? 24  GLU C O   1 
ATOM   920  C  CB  . GLU C  1 24 ? 7.324   9.002   3.742   1.00 32.07  ? 24  GLU C CB  1 
ATOM   921  C  CG  . GLU C  1 24 ? 8.157   8.729   4.988   1.00 31.66  ? 24  GLU C CG  1 
ATOM   922  C  CD  . GLU C  1 24 ? 9.627   9.055   4.795   1.00 57.59  ? 24  GLU C CD  1 
ATOM   923  O  OE1 . GLU C  1 24 ? 10.094  9.067   3.636   1.00 43.54  ? 24  GLU C OE1 1 
ATOM   924  O  OE2 . GLU C  1 24 ? 10.318  9.302   5.806   1.00 69.25  ? 24  GLU C OE2 1 
ATOM   925  N  N   . SER C  1 25 ? 4.530   8.684   2.037   1.00 23.00  ? 25  SER C N   1 
ATOM   926  C  CA  . SER C  1 25 ? 3.123   9.020   1.848   1.00 28.36  ? 25  SER C CA  1 
ATOM   927  C  C   . SER C  1 25 ? 2.258   7.766   1.848   1.00 21.48  ? 25  SER C C   1 
ATOM   928  O  O   . SER C  1 25 ? 1.131   7.781   2.359   1.00 18.10  ? 25  SER C O   1 
ATOM   929  C  CB  . SER C  1 25 ? 2.942   9.805   0.550   1.00 16.34  ? 25  SER C CB  1 
ATOM   930  O  OG  . SER C  1 25 ? 3.696   11.004  0.575   1.00 14.19  ? 25  SER C OG  1 
ATOM   931  N  N   . LEU C  1 26 ? 2.766   6.671   1.278   1.00 14.94  ? 26  LEU C N   1 
ATOM   932  C  CA  . LEU C  1 26 ? 2.062   5.397   1.368   1.00 15.14  ? 26  LEU C CA  1 
ATOM   933  C  C   . LEU C  1 26 ? 2.033   4.895   2.806   1.00 25.60  ? 26  LEU C C   1 
ATOM   934  O  O   . LEU C  1 26 ? 0.970   4.538   3.327   1.00 20.91  ? 26  LEU C O   1 
ATOM   935  C  CB  . LEU C  1 26 ? 2.717   4.361   0.451   1.00 15.06  ? 26  LEU C CB  1 
ATOM   936  C  CG  . LEU C  1 26 ? 2.476   4.471   -1.056  1.00 15.40  ? 26  LEU C CG  1 
ATOM   937  C  CD1 . LEU C  1 26 ? 3.423   3.556   -1.818  1.00 18.89  ? 26  LEU C CD1 1 
ATOM   938  C  CD2 . LEU C  1 26 ? 1.031   4.148   -1.404  1.00 13.69  ? 26  LEU C CD2 1 
ATOM   939  N  N   . LYS C  1 27 ? 3.197   4.872   3.463   1.00 37.47  ? 27  LYS C N   1 
ATOM   940  C  CA  . LYS C  1 27 ? 3.278   4.370   4.832   1.00 21.61  ? 27  LYS C CA  1 
ATOM   941  C  C   . LYS C  1 27 ? 2.348   5.139   5.760   1.00 21.01  ? 27  LYS C C   1 
ATOM   942  O  O   . LYS C  1 27 ? 1.660   4.543   6.596   1.00 29.24  ? 27  LYS C O   1 
ATOM   943  C  CB  . LYS C  1 27 ? 4.719   4.455   5.336   1.00 22.77  ? 27  LYS C CB  1 
ATOM   944  C  CG  . LYS C  1 27 ? 4.896   4.011   6.782   1.00 34.10  ? 27  LYS C CG  1 
ATOM   945  C  CD  . LYS C  1 27 ? 6.339   4.161   7.249   1.00 38.92  ? 27  LYS C CD  1 
ATOM   946  C  CE  . LYS C  1 27 ? 6.554   5.449   8.038   1.00 49.27  ? 27  LYS C CE  1 
ATOM   947  N  NZ  . LYS C  1 27 ? 6.305   6.673   7.228   1.00 40.24  ? 27  LYS C NZ  1 
ATOM   948  N  N   . ASN C  1 28 ? 2.308   6.464   5.621   1.00 26.48  ? 28  ASN C N   1 
ATOM   949  C  CA  . ASN C  1 28 ? 1.461   7.268   6.492   1.00 26.39  ? 28  ASN C CA  1 
ATOM   950  C  C   . ASN C  1 28 ? -0.015  7.037   6.196   1.00 18.31  ? 28  ASN C C   1 
ATOM   951  O  O   . ASN C  1 28 ? -0.833  6.966   7.119   1.00 18.21  ? 28  ASN C O   1 
ATOM   952  C  CB  . ASN C  1 28 ? 1.815   8.748   6.348   1.00 32.83  ? 28  ASN C CB  1 
ATOM   953  C  CG  . ASN C  1 28 ? 0.946   9.644   7.210   1.00 50.97  ? 28  ASN C CG  1 
ATOM   954  O  OD1 . ASN C  1 28 ? 0.044   10.317  6.711   1.00 56.82  ? 28  ASN C OD1 1 
ATOM   955  N  ND2 . ASN C  1 28 ? 1.212   9.653   8.512   1.00 37.77  ? 28  ASN C ND2 1 
ATOM   956  N  N   . LEU C  1 29 ? -0.373  6.901   4.917   1.00 21.73  ? 29  LEU C N   1 
ATOM   957  C  CA  . LEU C  1 29 ? -1.782  6.752   4.565   1.00 26.58  ? 29  LEU C CA  1 
ATOM   958  C  C   . LEU C  1 29 ? -2.333  5.414   5.043   1.00 18.39  ? 29  LEU C C   1 
ATOM   959  O  O   . LEU C  1 29 ? -3.455  5.346   5.558   1.00 14.54  ? 29  LEU C O   1 
ATOM   960  C  CB  . LEU C  1 29 ? -1.966  6.909   3.056   1.00 17.69  ? 29  LEU C CB  1 
ATOM   961  C  CG  . LEU C  1 29 ? -3.404  7.111   2.569   1.00 21.05  ? 29  LEU C CG  1 
ATOM   962  C  CD1 . LEU C  1 29 ? -3.448  8.149   1.455   1.00 35.01  ? 29  LEU C CD1 1 
ATOM   963  C  CD2 . LEU C  1 29 ? -4.021  5.799   2.103   1.00 12.11  ? 29  LEU C CD2 1 
ATOM   964  N  N   . ILE C  1 30 ? -1.560  4.337   4.875   1.00 26.57  ? 30  ILE C N   1 
ATOM   965  C  CA  . ILE C  1 30 ? -1.968  3.038   5.402   1.00 20.81  ? 30  ILE C CA  1 
ATOM   966  C  C   . ILE C  1 30 ? -2.158  3.118   6.911   1.00 21.30  ? 30  ILE C C   1 
ATOM   967  O  O   . ILE C  1 30 ? -3.143  2.606   7.455   1.00 21.78  ? 30  ILE C O   1 
ATOM   968  C  CB  . ILE C  1 30 ? -0.939  1.958   5.022   1.00 12.13  ? 30  ILE C CB  1 
ATOM   969  C  CG1 . ILE C  1 30 ? -0.715  1.940   3.511   1.00 23.90  ? 30  ILE C CG1 1 
ATOM   970  C  CG2 . ILE C  1 30 ? -1.403  0.591   5.499   1.00 11.52  ? 30  ILE C CG2 1 
ATOM   971  C  CD1 . ILE C  1 30 ? 0.517   1.170   3.091   1.00 35.52  ? 30  ILE C CD1 1 
ATOM   972  N  N   . THR C  1 31 ? -1.222  3.769   7.604   1.00 27.74  ? 31  THR C N   1 
ATOM   973  C  CA  . THR C  1 31 ? -1.333  3.908   9.052   1.00 22.75  ? 31  THR C CA  1 
ATOM   974  C  C   . THR C  1 31 ? -2.563  4.722   9.434   1.00 20.33  ? 31  THR C C   1 
ATOM   975  O  O   . THR C  1 31 ? -3.278  4.372   10.382  1.00 16.46  ? 31  THR C O   1 
ATOM   976  C  CB  . THR C  1 31 ? -0.064  4.550   9.616   1.00 21.78  ? 31  THR C CB  1 
ATOM   977  O  OG1 . THR C  1 31 ? 1.062   3.700   9.356   1.00 19.16  ? 31  THR C OG1 1 
ATOM   978  C  CG2 . THR C  1 31 ? -0.195  4.765   11.116  1.00 46.17  ? 31  THR C CG2 1 
ATOM   979  N  N   . LEU C  1 32 ? -2.838  5.802   8.699   1.00 32.96  ? 32  LEU C N   1 
ATOM   980  C  CA  . LEU C  1 32 ? -3.989  6.641   9.014   1.00 19.79  ? 32  LEU C CA  1 
ATOM   981  C  C   . LEU C  1 32 ? -5.298  5.894   8.790   1.00 23.47  ? 32  LEU C C   1 
ATOM   982  O  O   . LEU C  1 32 ? -6.166  5.863   9.669   1.00 27.59  ? 32  LEU C O   1 
ATOM   983  C  CB  . LEU C  1 32 ? -3.960  7.920   8.176   1.00 18.02  ? 32  LEU C CB  1 
ATOM   984  C  CG  . LEU C  1 32 ? -2.903  8.970   8.514   1.00 15.73  ? 32  LEU C CG  1 
ATOM   985  C  CD1 . LEU C  1 32 ? -3.077  10.194  7.628   1.00 36.09  ? 32  LEU C CD1 1 
ATOM   986  C  CD2 . LEU C  1 32 ? -2.963  9.353   9.985   1.00 18.31  ? 32  LEU C CD2 1 
ATOM   987  N  N   . ARG C  1 33 ? -5.458  5.287   7.612   1.00 26.42  ? 33  ARG C N   1 
ATOM   988  C  CA  . ARG C  1 33 ? -6.719  4.626   7.294   1.00 29.06  ? 33  ARG C CA  1 
ATOM   989  C  C   . ARG C  1 33 ? -6.943  3.399   8.168   1.00 25.75  ? 33  ARG C C   1 
ATOM   990  O  O   . ARG C  1 33 ? -8.083  3.098   8.539   1.00 32.07  ? 33  ARG C O   1 
ATOM   991  C  CB  . ARG C  1 33 ? -6.755  4.246   5.815   1.00 28.22  ? 33  ARG C CB  1 
ATOM   992  C  CG  . ARG C  1 33 ? -6.894  5.433   4.883   1.00 13.56  ? 33  ARG C CG  1 
ATOM   993  C  CD  . ARG C  1 33 ? -7.971  6.384   5.377   1.00 20.30  ? 33  ARG C CD  1 
ATOM   994  N  NE  . ARG C  1 33 ? -8.585  7.123   4.281   1.00 25.67  ? 33  ARG C NE  1 
ATOM   995  C  CZ  . ARG C  1 33 ? -9.741  6.793   3.712   1.00 28.52  ? 33  ARG C CZ  1 
ATOM   996  N  NH1 . ARG C  1 33 ? -10.221 7.522   2.715   1.00 38.34  ? 33  ARG C NH1 1 
ATOM   997  N  NH2 . ARG C  1 33 ? -10.423 5.739   4.142   1.00 27.44  ? 33  ARG C NH2 1 
ATOM   998  N  N   . ALA C  1 34 ? -5.873  2.678   8.508   1.00 18.57  ? 34  ALA C N   1 
ATOM   999  C  CA  . ALA C  1 34 ? -6.028  1.510   9.367   1.00 27.40  ? 34  ALA C CA  1 
ATOM   1000 C  C   . ALA C  1 34 ? -6.337  1.921   10.801  1.00 18.58  ? 34  ALA C C   1 
ATOM   1001 O  O   . ALA C  1 34 ? -7.152  1.279   11.473  1.00 21.00  ? 34  ALA C O   1 
ATOM   1002 C  CB  . ALA C  1 34 ? -4.775  0.639   9.310   1.00 22.01  ? 34  ALA C CB  1 
ATOM   1003 N  N   . ASP C  1 35 ? -5.696  2.987   11.288  1.00 20.34  ? 35  ASP C N   1 
ATOM   1004 C  CA  . ASP C  1 35 ? -6.071  3.529   12.589  1.00 21.56  ? 35  ASP C CA  1 
ATOM   1005 C  C   . ASP C  1 35 ? -7.487  4.082   12.570  1.00 20.81  ? 35  ASP C C   1 
ATOM   1006 O  O   . ASP C  1 35 ? -8.187  4.028   13.586  1.00 21.06  ? 35  ASP C O   1 
ATOM   1007 C  CB  . ASP C  1 35 ? -5.095  4.625   13.019  1.00 28.04  ? 35  ASP C CB  1 
ATOM   1008 C  CG  . ASP C  1 35 ? -3.726  4.085   13.356  1.00 26.90  ? 35  ASP C CG  1 
ATOM   1009 O  OD1 . ASP C  1 35 ? -3.621  2.880   13.672  1.00 21.31  ? 35  ASP C OD1 1 
ATOM   1010 O  OD2 . ASP C  1 35 ? -2.755  4.870   13.308  1.00 37.68  ? 35  ASP C OD2 1 
ATOM   1011 N  N   . ARG C  1 36 ? -7.921  4.618   11.429  1.00 18.42  ? 36  ARG C N   1 
ATOM   1012 C  CA  . ARG C  1 36 ? -9.270  5.162   11.332  1.00 22.26  ? 36  ARG C CA  1 
ATOM   1013 C  C   . ARG C  1 36 ? -10.304 4.053   11.475  1.00 22.80  ? 36  ARG C C   1 
ATOM   1014 O  O   . ARG C  1 36 ? -11.197 4.125   12.325  1.00 28.98  ? 36  ARG C O   1 
ATOM   1015 C  CB  . ARG C  1 36 ? -9.439  5.900   10.005  1.00 38.05  ? 36  ARG C CB  1 
ATOM   1016 C  CG  . ARG C  1 36 ? -10.488 6.988   10.046  1.00 42.75  ? 36  ARG C CG  1 
ATOM   1017 C  CD  . ARG C  1 36 ? -10.869 7.431   8.652   1.00 46.75  ? 36  ARG C CD  1 
ATOM   1018 N  NE  . ARG C  1 36 ? -12.189 6.940   8.273   1.00 64.99  ? 36  ARG C NE  1 
ATOM   1019 C  CZ  . ARG C  1 36 ? -13.325 7.580   8.531   1.00 58.99  ? 36  ARG C CZ  1 
ATOM   1020 N  NH1 . ARG C  1 36 ? -14.480 7.057   8.148   1.00 31.14  ? 36  ARG C NH1 1 
ATOM   1021 N  NH2 . ARG C  1 36 ? -13.307 8.743   9.172   1.00 33.25  ? 36  ARG C NH2 1 
ATOM   1022 N  N   . LEU C  1 37 ? -10.184 3.004   10.658  1.00 31.44  ? 37  LEU C N   1 
ATOM   1023 C  CA  . LEU C  1 37 ? -11.103 1.876   10.772  1.00 24.21  ? 37  LEU C CA  1 
ATOM   1024 C  C   . LEU C  1 37 ? -11.093 1.284   12.172  1.00 25.11  ? 37  LEU C C   1 
ATOM   1025 O  O   . LEU C  1 37 ? -12.127 0.813   12.653  1.00 45.52  ? 37  LEU C O   1 
ATOM   1026 C  CB  . LEU C  1 37 ? -10.756 0.802   9.745   1.00 26.20  ? 37  LEU C CB  1 
ATOM   1027 C  CG  . LEU C  1 37 ? -10.856 1.250   8.288   1.00 36.78  ? 37  LEU C CG  1 
ATOM   1028 C  CD1 . LEU C  1 37 ? -10.432 0.123   7.367   1.00 36.39  ? 37  LEU C CD1 1 
ATOM   1029 C  CD2 . LEU C  1 37 ? -12.268 1.722   7.960   1.00 35.34  ? 37  LEU C CD2 1 
ATOM   1030 N  N   . GLU C  1 38 ? -9.944  1.310   12.849  1.00 16.30  ? 38  GLU C N   1 
ATOM   1031 C  CA  . GLU C  1 38 ? -9.912  0.841   14.227  1.00 17.99  ? 38  GLU C CA  1 
ATOM   1032 C  C   . GLU C  1 38 ? -10.666 1.782   15.157  1.00 26.71  ? 38  GLU C C   1 
ATOM   1033 O  O   . GLU C  1 38 ? -11.216 1.338   16.171  1.00 44.80  ? 38  GLU C O   1 
ATOM   1034 C  CB  . GLU C  1 38 ? -8.468  0.658   14.684  1.00 24.72  ? 38  GLU C CB  1 
ATOM   1035 C  CG  . GLU C  1 38 ? -7.863  -0.658  14.228  1.00 20.89  ? 38  GLU C CG  1 
ATOM   1036 C  CD  . GLU C  1 38 ? -6.389  -0.766  14.543  1.00 22.13  ? 38  GLU C CD  1 
ATOM   1037 O  OE1 . GLU C  1 38 ? -5.586  -0.880  13.593  1.00 27.99  ? 38  GLU C OE1 1 
ATOM   1038 O  OE2 . GLU C  1 38 ? -6.032  -0.725  15.739  1.00 30.55  ? 38  GLU C OE2 1 
ATOM   1039 N  N   . MET C  1 39 ? -10.716 3.073   14.833  1.00 29.15  ? 39  MET C N   1 
ATOM   1040 C  CA  . MET C  1 39 ? -11.542 4.002   15.592  1.00 24.75  ? 39  MET C CA  1 
ATOM   1041 C  C   . MET C  1 39 ? -12.959 4.105   15.046  1.00 38.51  ? 39  MET C C   1 
ATOM   1042 O  O   . MET C  1 39 ? -13.800 4.757   15.670  1.00 47.87  ? 39  MET C O   1 
ATOM   1043 C  CB  . MET C  1 39 ? -10.899 5.397   15.633  1.00 38.23  ? 39  MET C CB  1 
ATOM   1044 C  CG  . MET C  1 39 ? -11.293 6.343   14.505  1.00 56.95  ? 39  MET C CG  1 
ATOM   1045 S  SD  . MET C  1 39 ? -10.470 7.942   14.651  1.00 81.10  ? 39  MET C SD  1 
ATOM   1046 C  CE  . MET C  1 39 ? -11.189 8.830   13.275  1.00 20.53  ? 39  MET C CE  1 
ATOM   1047 N  N   . ILE C  1 40 ? -13.242 3.489   13.903  1.00 55.00  ? 40  ILE C N   1 
ATOM   1048 C  CA  . ILE C  1 40 ? -14.605 3.344   13.414  1.00 41.11  ? 40  ILE C CA  1 
ATOM   1049 C  C   . ILE C  1 40 ? -15.130 1.929   13.674  1.00 34.06  ? 40  ILE C C   1 
ATOM   1050 O  O   . ILE C  1 40 ? -16.179 1.541   13.158  1.00 59.53  ? 40  ILE C O   1 
ATOM   1051 C  CB  . ILE C  1 40 ? -14.719 3.740   11.931  1.00 35.73  ? 40  ILE C CB  1 
ATOM   1052 C  CG1 . ILE C  1 40 ? -13.969 5.041   11.669  1.00 39.41  ? 40  ILE C CG1 1 
ATOM   1053 C  CG2 . ILE C  1 40 ? -16.160 4.011   11.544  1.00 33.99  ? 40  ILE C CG2 1 
ATOM   1054 C  CD1 . ILE C  1 40 ? -14.540 6.242   12.408  1.00 43.06  ? 40  ILE C CD1 1 
ATOM   1055 N  N   . ILE C  1 41 ? -14.415 1.150   14.487  1.00 35.14  ? 41  ILE C N   1 
ATOM   1056 C  CA  . ILE C  1 41 ? -14.881 -0.155  14.938  1.00 30.01  ? 41  ILE C CA  1 
ATOM   1057 C  C   . ILE C  1 41 ? -15.063 -0.125  16.451  1.00 45.03  ? 41  ILE C C   1 
ATOM   1058 O  O   . ILE C  1 41 ? -16.186 -0.249  16.952  1.00 41.20  ? 41  ILE C O   1 
ATOM   1059 C  CB  . ILE C  1 41 ? -13.918 -1.275  14.506  1.00 37.64  ? 41  ILE C CB  1 
ATOM   1060 C  CG1 . ILE C  1 41 ? -14.058 -1.532  13.004  1.00 36.61  ? 41  ILE C CG1 1 
ATOM   1061 C  CG2 . ILE C  1 41 ? -14.195 -2.553  15.283  1.00 47.77  ? 41  ILE C CG2 1 
ATOM   1062 C  CD1 . ILE C  1 41 ? -13.044 -2.499  12.439  1.00 31.88  ? 41  ILE C CD1 1 
ATOM   1063 N  N   . ASN C  1 42 ? -13.965 0.063   17.191  1.00 46.39  ? 42  ASN C N   1 
ATOM   1064 C  CA  . ASN C  1 42 ? -14.043 0.054   18.649  1.00 35.84  ? 42  ASN C CA  1 
ATOM   1065 C  C   . ASN C  1 42 ? -14.914 1.179   19.191  1.00 51.70  ? 42  ASN C C   1 
ATOM   1066 O  O   . ASN C  1 42 ? -15.423 1.070   20.312  1.00 57.89  ? 42  ASN C O   1 
ATOM   1067 C  CB  . ASN C  1 42 ? -12.637 0.132   19.246  1.00 34.87  ? 42  ASN C CB  1 
ATOM   1068 C  CG  . ASN C  1 42 ? -11.782 -1.060  18.866  1.00 35.88  ? 42  ASN C CG  1 
ATOM   1069 O  OD1 . ASN C  1 42 ? -12.278 -2.183  18.765  1.00 28.25  ? 42  ASN C OD1 1 
ATOM   1070 N  ND2 . ASN C  1 42 ? -10.496 -0.821  18.639  1.00 36.68  ? 42  ASN C ND2 1 
ATOM   1071 N  N   . ASP C  1 43 ? -15.103 2.251   18.419  1.00 38.86  ? 43  ASP C N   1 
ATOM   1072 C  CA  . ASP C  1 43 ? -16.040 3.299   18.804  1.00 46.00  ? 43  ASP C CA  1 
ATOM   1073 C  C   . ASP C  1 43 ? -17.479 2.902   18.498  1.00 50.14  ? 43  ASP C C   1 
ATOM   1074 O  O   . ASP C  1 43 ? -18.393 3.270   19.244  1.00 53.42  ? 43  ASP C O   1 
ATOM   1075 C  CB  . ASP C  1 43 ? -15.681 4.604   18.089  1.00 44.86  ? 43  ASP C CB  1 
ATOM   1076 C  CG  . ASP C  1 43 ? -16.350 5.819   18.703  1.00 80.40  ? 43  ASP C CG  1 
ATOM   1077 O  OD1 . ASP C  1 43 ? -16.999 5.676   19.759  1.00 108.25 ? 43  ASP C OD1 1 
ATOM   1078 O  OD2 . ASP C  1 43 ? -16.221 6.922   18.129  1.00 69.87  ? 43  ASP C OD2 1 
ATOM   1079 N  N   . ASN C  1 44 ? -17.697 2.149   17.420  1.00 46.54  ? 44  ASN C N   1 
ATOM   1080 C  CA  . ASN C  1 44 ? -19.043 1.729   17.046  1.00 51.24  ? 44  ASN C CA  1 
ATOM   1081 C  C   . ASN C  1 44 ? -19.464 0.435   17.731  1.00 41.43  ? 44  ASN C C   1 
ATOM   1082 O  O   . ASN C  1 44 ? -20.630 0.295   18.116  1.00 38.51  ? 44  ASN C O   1 
ATOM   1083 C  CB  . ASN C  1 44 ? -19.146 1.570   15.526  1.00 49.37  ? 44  ASN C CB  1 
ATOM   1084 C  CG  . ASN C  1 44 ? -19.457 2.879   14.823  1.00 49.08  ? 44  ASN C CG  1 
ATOM   1085 O  OD1 . ASN C  1 44 ? -19.985 3.813   15.427  1.00 53.42  ? 44  ASN C OD1 1 
ATOM   1086 N  ND2 . ASN C  1 44 ? -19.140 2.948   13.536  1.00 53.90  ? 44  ASN C ND2 1 
ATOM   1087 N  N   . VAL C  1 45 ? -18.547 -0.523  17.891  1.00 32.08  ? 45  VAL C N   1 
ATOM   1088 C  CA  . VAL C  1 45 ? -18.906 -1.765  18.569  1.00 30.74  ? 45  VAL C CA  1 
ATOM   1089 C  C   . VAL C  1 45 ? -19.254 -1.496  20.027  1.00 40.84  ? 45  VAL C C   1 
ATOM   1090 O  O   . VAL C  1 45 ? -20.120 -2.167  20.601  1.00 45.26  ? 45  VAL C O   1 
ATOM   1091 C  CB  . VAL C  1 45 ? -17.776 -2.804  18.433  1.00 38.20  ? 45  VAL C CB  1 
ATOM   1092 C  CG1 . VAL C  1 45 ? -18.136 -4.082  19.178  1.00 30.58  ? 45  VAL C CG1 1 
ATOM   1093 C  CG2 . VAL C  1 45 ? -17.512 -3.106  16.965  1.00 40.36  ? 45  VAL C CG2 1 
ATOM   1094 N  N   . SER C  1 46 ? -18.610 -0.504  20.645  1.00 55.65  ? 46  SER C N   1 
ATOM   1095 C  CA  . SER C  1 46 ? -18.985 -0.118  22.000  1.00 52.25  ? 46  SER C CA  1 
ATOM   1096 C  C   . SER C  1 46 ? -20.377 0.496   22.068  1.00 38.38  ? 46  SER C C   1 
ATOM   1097 O  O   . SER C  1 46 ? -20.920 0.627   23.169  1.00 36.84  ? 46  SER C O   1 
ATOM   1098 C  CB  . SER C  1 46 ? -17.963 0.859   22.584  1.00 36.88  ? 46  SER C CB  1 
ATOM   1099 O  OG  . SER C  1 46 ? -18.100 2.148   22.011  1.00 46.83  ? 46  SER C OG  1 
ATOM   1100 N  N   . THR C  1 47 ? -20.961 0.877   20.930  1.00 38.32  ? 47  THR C N   1 
ATOM   1101 C  CA  . THR C  1 47 ? -22.323 1.395   20.906  1.00 41.29  ? 47  THR C CA  1 
ATOM   1102 C  C   . THR C  1 47 ? -23.350 0.287   20.721  1.00 45.28  ? 47  THR C C   1 
ATOM   1103 O  O   . THR C  1 47 ? -24.424 0.328   21.333  1.00 45.46  ? 47  THR C O   1 
ATOM   1104 C  CB  . THR C  1 47 ? -22.480 2.434   19.793  1.00 52.96  ? 47  THR C CB  1 
ATOM   1105 O  OG1 . THR C  1 47 ? -21.345 3.307   19.787  1.00 61.90  ? 47  THR C OG1 1 
ATOM   1106 C  CG2 . THR C  1 47 ? -23.738 3.260   20.015  1.00 55.51  ? 47  THR C CG2 1 
ATOM   1107 N  N   . ILE C  1 48 ? -23.043 -0.706  19.883  1.00 46.77  ? 48  ILE C N   1 
ATOM   1108 C  CA  . ILE C  1 48 ? -23.939 -1.846  19.735  1.00 36.68  ? 48  ILE C CA  1 
ATOM   1109 C  C   . ILE C  1 48 ? -23.893 -2.714  20.986  1.00 44.32  ? 48  ILE C C   1 
ATOM   1110 O  O   . ILE C  1 48 ? -24.884 -3.368  21.338  1.00 39.83  ? 48  ILE C O   1 
ATOM   1111 C  CB  . ILE C  1 48 ? -23.592 -2.631  18.454  1.00 32.75  ? 48  ILE C CB  1 
ATOM   1112 C  CG1 . ILE C  1 48 ? -22.273 -3.395  18.599  1.00 37.18  ? 48  ILE C CG1 1 
ATOM   1113 C  CG2 . ILE C  1 48 ? -23.495 -1.677  17.270  1.00 38.15  ? 48  ILE C CG2 1 
ATOM   1114 C  CD1 . ILE C  1 48 ? -22.439 -4.879  18.849  1.00 17.40  ? 48  ILE C CD1 1 
ATOM   1115 N  N   . LEU C  1 49 ? -22.756 -2.724  21.685  1.00 46.42  ? 49  LEU C N   1 
ATOM   1116 C  CA  . LEU C  1 49 ? -22.686 -3.372  22.988  1.00 35.60  ? 49  LEU C CA  1 
ATOM   1117 C  C   . LEU C  1 49 ? -23.407 -2.559  24.055  1.00 46.02  ? 49  LEU C C   1 
ATOM   1118 O  O   . LEU C  1 49 ? -23.966 -3.134  24.995  1.00 57.17  ? 49  LEU C O   1 
ATOM   1119 C  CB  . LEU C  1 49 ? -21.225 -3.600  23.384  1.00 37.70  ? 49  LEU C CB  1 
ATOM   1120 C  CG  . LEU C  1 49 ? -20.614 -4.931  22.942  1.00 36.31  ? 49  LEU C CG  1 
ATOM   1121 C  CD1 . LEU C  1 49 ? -19.101 -4.912  23.083  1.00 19.76  ? 49  LEU C CD1 1 
ATOM   1122 C  CD2 . LEU C  1 49 ? -21.209 -6.072  23.750  1.00 47.95  ? 49  LEU C CD2 1 
ATOM   1123 N  N   . ALA C  1 50 ? -23.415 -1.233  23.925  1.00 40.17  ? 50  ALA C N   1 
ATOM   1124 C  CA  . ALA C  1 50 ? -24.164 -0.377  24.842  1.00 32.31  ? 50  ALA C CA  1 
ATOM   1125 C  C   . ALA C  1 50 ? -25.639 -0.290  24.482  1.00 37.75  ? 50  ALA C C   1 
ATOM   1126 O  O   . ALA C  1 50 ? -26.263 0.762   24.641  1.00 42.44  ? 50  ALA C O   1 
ATOM   1127 C  CB  . ALA C  1 50 ? -23.532 1.012   24.886  1.00 29.17  ? 50  ALA C CB  1 
ATOM   1128 N  N   . SER C  1 51 ? -26.207 -1.389  23.985  1.00 40.43  ? 51  SER C N   1 
ATOM   1129 C  CA  . SER C  1 51 ? -27.626 -1.473  23.662  1.00 54.71  ? 51  SER C CA  1 
ATOM   1130 C  C   . SER C  1 51 ? -28.034 -2.928  23.467  1.00 59.25  ? 51  SER C C   1 
ATOM   1131 O  O   . SER C  1 51 ? -29.218 -3.266  23.576  1.00 70.70  ? 51  SER C O   1 
ATOM   1132 C  CB  . SER C  1 51 ? -27.955 -0.658  22.407  1.00 54.31  ? 51  SER C CB  1 
ATOM   1133 O  OG  . SER C  1 51 ? -28.224 0.699   22.726  1.00 43.33  ? 51  SER C OG  1 
ATOM   1134 N  N   . ILE C  1 52 ? -27.057 -3.789  23.186  1.00 46.73  ? 52  ILE C N   1 
ATOM   1135 C  CA  . ILE C  1 52 ? -27.290 -5.201  22.880  1.00 54.90  ? 52  ILE C CA  1 
ATOM   1136 C  C   . ILE C  1 52 ? -28.220 -5.338  21.680  1.00 65.49  ? 52  ILE C C   1 
ATOM   1137 O  O   . ILE C  1 52 ? -28.028 -4.685  20.654  1.00 59.29  ? 52  ILE C O   1 
ATOM   1138 C  CB  . ILE C  1 52 ? -27.854 -5.970  24.093  1.00 41.95  ? 52  ILE C CB  1 
ATOM   1139 C  CG1 . ILE C  1 52 ? -26.948 -5.796  25.312  1.00 46.30  ? 52  ILE C CG1 1 
ATOM   1140 C  CG2 . ILE C  1 52 ? -28.002 -7.444  23.758  1.00 45.66  ? 52  ILE C CG2 1 
ATOM   1141 C  CD1 . ILE C  1 52 ? -27.448 -6.509  26.552  1.00 48.39  ? 52  ILE C CD1 1 
ATOM   1142 N  N   . SER D  1 2  ? 26.188  18.264  -24.153 1.00 62.92  ? 2   SER D N   1 
ATOM   1143 C  CA  . SER D  1 2  ? 26.218  17.475  -22.926 1.00 46.24  ? 2   SER D CA  1 
ATOM   1144 C  C   . SER D  1 2  ? 25.077  16.468  -22.877 1.00 44.95  ? 2   SER D C   1 
ATOM   1145 O  O   . SER D  1 2  ? 24.133  16.620  -22.094 1.00 42.15  ? 2   SER D O   1 
ATOM   1146 C  CB  . SER D  1 2  ? 26.159  18.389  -21.703 1.00 42.98  ? 2   SER D CB  1 
ATOM   1147 O  OG  . SER D  1 2  ? 26.026  17.632  -20.513 1.00 35.14  ? 2   SER D OG  1 
ATOM   1148 N  N   . ILE D  1 3  ? 25.177  15.428  -23.709 1.00 42.91  ? 3   ILE D N   1 
ATOM   1149 C  CA  . ILE D  1 3  ? 24.165  14.380  -23.720 1.00 41.65  ? 3   ILE D CA  1 
ATOM   1150 C  C   . ILE D  1 3  ? 24.112  13.650  -22.385 1.00 46.67  ? 3   ILE D C   1 
ATOM   1151 O  O   . ILE D  1 3  ? 23.097  13.027  -22.063 1.00 43.46  ? 3   ILE D O   1 
ATOM   1152 C  CB  . ILE D  1 3  ? 24.422  13.391  -24.880 1.00 36.63  ? 3   ILE D CB  1 
ATOM   1153 N  N   . ILE D  1 4  ? 25.191  13.708  -21.600 1.00 54.24  ? 4   ILE D N   1 
ATOM   1154 C  CA  . ILE D  1 4  ? 25.216  13.063  -20.288 1.00 52.79  ? 4   ILE D CA  1 
ATOM   1155 C  C   . ILE D  1 4  ? 24.159  13.677  -19.377 1.00 44.58  ? 4   ILE D C   1 
ATOM   1156 O  O   . ILE D  1 4  ? 23.246  12.993  -18.902 1.00 36.97  ? 4   ILE D O   1 
ATOM   1157 C  CB  . ILE D  1 4  ? 26.619  13.168  -19.664 1.00 51.07  ? 4   ILE D CB  1 
ATOM   1158 C  CG1 . ILE D  1 4  ? 27.610  12.265  -20.405 1.00 44.88  ? 4   ILE D CG1 1 
ATOM   1159 C  CG2 . ILE D  1 4  ? 26.571  12.815  -18.190 1.00 64.10  ? 4   ILE D CG2 1 
ATOM   1160 C  CD1 . ILE D  1 4  ? 27.320  10.787  -20.245 1.00 49.31  ? 4   ILE D CD1 1 
ATOM   1161 N  N   . ASN D  1 5  ? 24.270  14.984  -19.131 1.00 43.18  ? 5   ASN D N   1 
ATOM   1162 C  CA  . ASN D  1 5  ? 23.351  15.646  -18.209 1.00 33.33  ? 5   ASN D CA  1 
ATOM   1163 C  C   . ASN D  1 5  ? 21.915  15.570  -18.707 1.00 40.54  ? 5   ASN D C   1 
ATOM   1164 O  O   . ASN D  1 5  ? 20.992  15.314  -17.925 1.00 50.12  ? 5   ASN D O   1 
ATOM   1165 C  CB  . ASN D  1 5  ? 23.774  17.099  -18.009 1.00 33.99  ? 5   ASN D CB  1 
ATOM   1166 C  CG  . ASN D  1 5  ? 25.076  17.226  -17.248 1.00 50.02  ? 5   ASN D CG  1 
ATOM   1167 O  OD1 . ASN D  1 5  ? 25.080  17.401  -16.029 1.00 71.67  ? 5   ASN D OD1 1 
ATOM   1168 N  ND2 . ASN D  1 5  ? 26.192  17.136  -17.962 1.00 50.79  ? 5   ASN D ND2 1 
ATOM   1169 N  N   . GLU D  1 6  ? 21.705  15.776  -20.007 1.00 39.37  ? 6   GLU D N   1 
ATOM   1170 C  CA  . GLU D  1 6  ? 20.356  15.765  -20.555 1.00 38.04  ? 6   GLU D CA  1 
ATOM   1171 C  C   . GLU D  1 6  ? 19.737  14.373  -20.561 1.00 39.14  ? 6   GLU D C   1 
ATOM   1172 O  O   . GLU D  1 6  ? 18.511  14.259  -20.662 1.00 38.99  ? 6   GLU D O   1 
ATOM   1173 C  CB  . GLU D  1 6  ? 20.364  16.350  -21.969 1.00 42.95  ? 6   GLU D CB  1 
ATOM   1174 C  CG  . GLU D  1 6  ? 20.745  17.824  -22.012 1.00 45.25  ? 6   GLU D CG  1 
ATOM   1175 C  CD  . GLU D  1 6  ? 20.794  18.381  -23.420 1.00 39.94  ? 6   GLU D CD  1 
ATOM   1176 O  OE1 . GLU D  1 6  ? 21.892  18.408  -24.016 1.00 46.17  ? 6   GLU D OE1 1 
ATOM   1177 O  OE2 . GLU D  1 6  ? 19.731  18.789  -23.933 1.00 34.72  ? 6   GLU D OE2 1 
ATOM   1178 N  N   . THR D  1 7  ? 20.547  13.318  -20.451 1.00 32.55  ? 7   THR D N   1 
ATOM   1179 C  CA  . THR D  1 7  ? 20.030  11.955  -20.415 1.00 37.83  ? 7   THR D CA  1 
ATOM   1180 C  C   . THR D  1 7  ? 19.662  11.524  -19.000 1.00 28.78  ? 7   THR D C   1 
ATOM   1181 O  O   . THR D  1 7  ? 18.575  10.982  -18.776 1.00 28.14  ? 7   THR D O   1 
ATOM   1182 C  CB  . THR D  1 7  ? 21.053  10.980  -21.006 1.00 44.39  ? 7   THR D CB  1 
ATOM   1183 O  OG1 . THR D  1 7  ? 21.260  11.285  -22.391 1.00 51.80  ? 7   THR D OG1 1 
ATOM   1184 C  CG2 . THR D  1 7  ? 20.569  9.546   -20.871 1.00 49.38  ? 7   THR D CG2 1 
ATOM   1185 N  N   . ALA D  1 8  ? 20.560  11.755  -18.040 1.00 37.93  ? 8   ALA D N   1 
ATOM   1186 C  CA  . ALA D  1 8  ? 20.268  11.407  -16.653 1.00 43.60  ? 8   ALA D CA  1 
ATOM   1187 C  C   . ALA D  1 8  ? 19.053  12.160  -16.133 1.00 37.49  ? 8   ALA D C   1 
ATOM   1188 O  O   . ALA D  1 8  ? 18.336  11.655  -15.263 1.00 31.71  ? 8   ALA D O   1 
ATOM   1189 C  CB  . ALA D  1 8  ? 21.486  11.686  -15.772 1.00 33.96  ? 8   ALA D CB  1 
ATOM   1190 N  N   . ASP D  1 9  ? 18.804  13.364  -16.652 1.00 38.56  ? 9   ASP D N   1 
ATOM   1191 C  CA  . ASP D  1 9  ? 17.594  14.085  -16.280 1.00 36.31  ? 9   ASP D CA  1 
ATOM   1192 C  C   . ASP D  1 9  ? 16.353  13.432  -16.872 1.00 39.97  ? 9   ASP D C   1 
ATOM   1193 O  O   . ASP D  1 9  ? 15.283  13.471  -16.253 1.00 38.97  ? 9   ASP D O   1 
ATOM   1194 C  CB  . ASP D  1 9  ? 17.692  15.545  -16.724 1.00 41.35  ? 9   ASP D CB  1 
ATOM   1195 C  CG  . ASP D  1 9  ? 18.802  16.294  -16.018 1.00 43.73  ? 9   ASP D CG  1 
ATOM   1196 O  OD1 . ASP D  1 9  ? 19.167  15.896  -14.891 1.00 46.56  ? 9   ASP D OD1 1 
ATOM   1197 O  OD2 . ASP D  1 9  ? 19.310  17.281  -16.589 1.00 44.71  ? 9   ASP D OD2 1 
ATOM   1198 N  N   . ASP D  1 10 ? 16.472  12.829  -18.056 1.00 36.53  ? 10  ASP D N   1 
ATOM   1199 C  CA  . ASP D  1 10 ? 15.329  12.141  -18.648 1.00 26.77  ? 10  ASP D CA  1 
ATOM   1200 C  C   . ASP D  1 10 ? 15.050  10.823  -17.936 1.00 36.27  ? 10  ASP D C   1 
ATOM   1201 O  O   . ASP D  1 10 ? 13.888  10.426  -17.789 1.00 44.02  ? 10  ASP D O   1 
ATOM   1202 C  CB  . ASP D  1 10 ? 15.566  11.907  -20.139 1.00 20.03  ? 10  ASP D CB  1 
ATOM   1203 C  CG  . ASP D  1 10 ? 14.528  12.593  -21.008 1.00 33.92  ? 10  ASP D CG  1 
ATOM   1204 O  OD1 . ASP D  1 10 ? 14.749  13.760  -21.395 1.00 40.07  ? 10  ASP D OD1 1 
ATOM   1205 O  OD2 . ASP D  1 10 ? 13.487  11.968  -21.295 1.00 39.06  ? 10  ASP D OD2 1 
ATOM   1206 N  N   . ILE D  1 11 ? 16.103  10.129  -17.493 1.00 32.14  ? 11  ILE D N   1 
ATOM   1207 C  CA  . ILE D  1 11 ? 15.923  8.885   -16.747 1.00 30.04  ? 11  ILE D CA  1 
ATOM   1208 C  C   . ILE D  1 11 ? 15.222  9.159   -15.424 1.00 25.94  ? 11  ILE D C   1 
ATOM   1209 O  O   . ILE D  1 11 ? 14.245  8.491   -15.067 1.00 20.54  ? 11  ILE D O   1 
ATOM   1210 C  CB  . ILE D  1 11 ? 17.276  8.188   -16.526 1.00 27.51  ? 11  ILE D CB  1 
ATOM   1211 C  CG1 . ILE D  1 11 ? 17.857  7.719   -17.858 1.00 34.38  ? 11  ILE D CG1 1 
ATOM   1212 C  CG2 . ILE D  1 11 ? 17.125  7.026   -15.548 1.00 25.30  ? 11  ILE D CG2 1 
ATOM   1213 C  CD1 . ILE D  1 11 ? 19.358  7.668   -17.873 1.00 40.42  ? 11  ILE D CD1 1 
ATOM   1214 N  N   . VAL D  1 12 ? 15.724  10.143  -14.674 1.00 28.26  ? 12  VAL D N   1 
ATOM   1215 C  CA  . VAL D  1 12 ? 15.070  10.534  -13.429 1.00 25.25  ? 12  VAL D CA  1 
ATOM   1216 C  C   . VAL D  1 12 ? 13.637  10.963  -13.702 1.00 19.72  ? 12  VAL D C   1 
ATOM   1217 O  O   . VAL D  1 12 ? 12.716  10.613  -12.954 1.00 29.04  ? 12  VAL D O   1 
ATOM   1218 C  CB  . VAL D  1 12 ? 15.878  11.642  -12.728 1.00 27.16  ? 12  VAL D CB  1 
ATOM   1219 C  CG1 . VAL D  1 12 ? 15.117  12.180  -11.529 1.00 33.68  ? 12  VAL D CG1 1 
ATOM   1220 C  CG2 . VAL D  1 12 ? 17.238  11.109  -12.300 1.00 36.50  ? 12  VAL D CG2 1 
ATOM   1221 N  N   . TYR D  1 13 ? 13.420  11.692  -14.797 1.00 19.07  ? 13  TYR D N   1 
ATOM   1222 C  CA  . TYR D  1 13 ? 12.078  12.147  -15.143 1.00 27.85  ? 13  TYR D CA  1 
ATOM   1223 C  C   . TYR D  1 13 ? 11.173  10.976  -15.511 1.00 24.99  ? 13  TYR D C   1 
ATOM   1224 O  O   . TYR D  1 13 ? 10.114  10.783  -14.905 1.00 23.25  ? 13  TYR D O   1 
ATOM   1225 C  CB  . TYR D  1 13 ? 12.142  13.156  -16.291 1.00 20.73  ? 13  TYR D CB  1 
ATOM   1226 C  CG  . TYR D  1 13 ? 10.791  13.703  -16.690 1.00 14.50  ? 13  TYR D CG  1 
ATOM   1227 C  CD1 . TYR D  1 13 ? 10.192  14.722  -15.962 1.00 13.59  ? 13  TYR D CD1 1 
ATOM   1228 C  CD2 . TYR D  1 13 ? 10.112  13.202  -17.794 1.00 22.97  ? 13  TYR D CD2 1 
ATOM   1229 C  CE1 . TYR D  1 13 ? 8.956   15.228  -16.320 1.00 23.32  ? 13  TYR D CE1 1 
ATOM   1230 C  CE2 . TYR D  1 13 ? 8.875   13.701  -18.160 1.00 25.60  ? 13  TYR D CE2 1 
ATOM   1231 C  CZ  . TYR D  1 13 ? 8.301   14.714  -17.419 1.00 20.25  ? 13  TYR D CZ  1 
ATOM   1232 O  OH  . TYR D  1 13 ? 7.071   15.216  -17.780 1.00 20.40  ? 13  TYR D OH  1 
ATOM   1233 N  N   . ARG D  1 14 ? 11.572  10.192  -16.517 1.00 22.75  ? 14  ARG D N   1 
ATOM   1234 C  CA  . ARG D  1 14 ? 10.734  9.090   -16.985 1.00 24.23  ? 14  ARG D CA  1 
ATOM   1235 C  C   . ARG D  1 14 ? 10.400  8.135   -15.850 1.00 19.69  ? 14  ARG D C   1 
ATOM   1236 O  O   . ARG D  1 14 ? 9.248   7.713   -15.693 1.00 27.27  ? 14  ARG D O   1 
ATOM   1237 C  CB  . ARG D  1 14 ? 11.429  8.347   -18.125 1.00 30.10  ? 14  ARG D CB  1 
ATOM   1238 C  CG  . ARG D  1 14 ? 11.120  8.898   -19.504 1.00 29.70  ? 14  ARG D CG  1 
ATOM   1239 C  CD  . ARG D  1 14 ? 12.282  8.671   -20.454 1.00 18.27  ? 14  ARG D CD  1 
ATOM   1240 N  NE  . ARG D  1 14 ? 12.629  7.260   -20.584 1.00 22.85  ? 14  ARG D NE  1 
ATOM   1241 C  CZ  . ARG D  1 14 ? 13.772  6.820   -21.103 1.00 33.25  ? 14  ARG D CZ  1 
ATOM   1242 N  NH1 . ARG D  1 14 ? 14.684  7.683   -21.531 1.00 35.95  ? 14  ARG D NH1 1 
ATOM   1243 N  NH2 . ARG D  1 14 ? 14.008  5.518   -21.187 1.00 38.77  ? 14  ARG D NH2 1 
ATOM   1244 N  N   . LEU D  1 15 ? 11.399  7.791   -15.037 1.00 15.46  ? 15  LEU D N   1 
ATOM   1245 C  CA  . LEU D  1 15 ? 11.137  6.936   -13.887 1.00 10.71  ? 15  LEU D CA  1 
ATOM   1246 C  C   . LEU D  1 15 ? 10.292  7.648   -12.842 1.00 15.85  ? 15  LEU D C   1 
ATOM   1247 O  O   . LEU D  1 15 ? 9.467   7.007   -12.183 1.00 15.19  ? 15  LEU D O   1 
ATOM   1248 C  CB  . LEU D  1 15 ? 12.454  6.442   -13.285 1.00 20.19  ? 15  LEU D CB  1 
ATOM   1249 C  CG  . LEU D  1 15 ? 13.146  5.357   -14.118 1.00 24.26  ? 15  LEU D CG  1 
ATOM   1250 C  CD1 . LEU D  1 15 ? 14.547  5.060   -13.612 1.00 10.60  ? 15  LEU D CD1 1 
ATOM   1251 C  CD2 . LEU D  1 15 ? 12.308  4.088   -14.135 1.00 20.66  ? 15  LEU D CD2 1 
ATOM   1252 N  N   . THR D  1 16 ? 10.462  8.965   -12.683 1.00 20.61  ? 16  THR D N   1 
ATOM   1253 C  CA  . THR D  1 16 ? 9.577   9.707   -11.790 1.00 17.15  ? 16  THR D CA  1 
ATOM   1254 C  C   . THR D  1 16 ? 8.129   9.580   -12.238 1.00 15.32  ? 16  THR D C   1 
ATOM   1255 O  O   . THR D  1 16 ? 7.233   9.376   -11.414 1.00 17.47  ? 16  THR D O   1 
ATOM   1256 C  CB  . THR D  1 16 ? 9.981   11.181  -11.721 1.00 19.63  ? 16  THR D CB  1 
ATOM   1257 O  OG1 . THR D  1 16 ? 11.331  11.287  -11.252 1.00 25.39  ? 16  THR D OG1 1 
ATOM   1258 C  CG2 . THR D  1 16 ? 9.064   11.937  -10.772 1.00 28.58  ? 16  THR D CG2 1 
ATOM   1259 N  N   . VAL D  1 17 ? 7.884   9.687   -13.547 1.00 17.52  ? 17  VAL D N   1 
ATOM   1260 C  CA  . VAL D  1 17 ? 6.525   9.525   -14.056 1.00 15.99  ? 17  VAL D CA  1 
ATOM   1261 C  C   . VAL D  1 17 ? 6.035   8.099   -13.837 1.00 18.39  ? 17  VAL D C   1 
ATOM   1262 O  O   . VAL D  1 17 ? 4.842   7.875   -13.594 1.00 22.70  ? 17  VAL D O   1 
ATOM   1263 C  CB  . VAL D  1 17 ? 6.454   9.924   -15.542 1.00 25.69  ? 17  VAL D CB  1 
ATOM   1264 C  CG1 . VAL D  1 17 ? 5.002   10.008  -16.000 1.00 30.57  ? 17  VAL D CG1 1 
ATOM   1265 C  CG2 . VAL D  1 17 ? 7.165   11.251  -15.777 1.00 23.25  ? 17  VAL D CG2 1 
ATOM   1266 N  N   . ILE D  1 18 ? 6.934   7.114   -13.906 1.00 12.65  ? 18  ILE D N   1 
ATOM   1267 C  CA  . ILE D  1 18 ? 6.541   5.736   -13.629 1.00 11.85  ? 18  ILE D CA  1 
ATOM   1268 C  C   . ILE D  1 18 ? 6.328   5.538   -12.134 1.00 18.32  ? 18  ILE D C   1 
ATOM   1269 O  O   . ILE D  1 18 ? 5.316   4.971   -11.704 1.00 27.22  ? 18  ILE D O   1 
ATOM   1270 C  CB  . ILE D  1 18 ? 7.585   4.754   -14.186 1.00 10.66  ? 18  ILE D CB  1 
ATOM   1271 C  CG1 . ILE D  1 18 ? 7.752   4.945   -15.694 1.00 32.63  ? 18  ILE D CG1 1 
ATOM   1272 C  CG2 . ILE D  1 18 ? 7.169   3.329   -13.888 1.00 12.33  ? 18  ILE D CG2 1 
ATOM   1273 C  CD1 . ILE D  1 18 ? 6.462   4.816   -16.476 1.00 45.66  ? 18  ILE D CD1 1 
ATOM   1274 N  N   . ILE D  1 19 ? 7.274   6.012   -11.318 1.00 14.45  ? 19  ILE D N   1 
ATOM   1275 C  CA  . ILE D  1 19 ? 7.167   5.847   -9.870  1.00 16.10  ? 19  ILE D CA  1 
ATOM   1276 C  C   . ILE D  1 19 ? 5.954   6.596   -9.333  1.00 12.15  ? 19  ILE D C   1 
ATOM   1277 O  O   . ILE D  1 19 ? 5.228   6.091   -8.468  1.00 25.57  ? 19  ILE D O   1 
ATOM   1278 C  CB  . ILE D  1 19 ? 8.470   6.304   -9.188  1.00 19.07  ? 19  ILE D CB  1 
ATOM   1279 C  CG1 . ILE D  1 19 ? 9.617   5.354   -9.545  1.00 28.59  ? 19  ILE D CG1 1 
ATOM   1280 C  CG2 . ILE D  1 19 ? 8.286   6.385   -7.682  1.00 15.76  ? 19  ILE D CG2 1 
ATOM   1281 C  CD1 . ILE D  1 19 ? 10.989  5.908   -9.232  1.00 18.34  ? 19  ILE D CD1 1 
ATOM   1282 N  N   . ASP D  1 20 ? 5.709   7.806   -9.842  1.00 12.58  ? 20  ASP D N   1 
ATOM   1283 C  CA  . ASP D  1 20 ? 4.543   8.568   -9.405  1.00 13.31  ? 20  ASP D CA  1 
ATOM   1284 C  C   . ASP D  1 20 ? 3.245   7.906   -9.850  1.00 19.23  ? 20  ASP D C   1 
ATOM   1285 O  O   . ASP D  1 20 ? 2.219   8.042   -9.173  1.00 23.62  ? 20  ASP D O   1 
ATOM   1286 C  CB  . ASP D  1 20 ? 4.622   10.000  -9.935  1.00 18.42  ? 20  ASP D CB  1 
ATOM   1287 C  CG  . ASP D  1 20 ? 3.633   10.935  -9.260  1.00 54.53  ? 20  ASP D CG  1 
ATOM   1288 O  OD1 . ASP D  1 20 ? 3.054   10.547  -8.223  1.00 56.80  ? 20  ASP D OD1 1 
ATOM   1289 O  OD2 . ASP D  1 20 ? 3.436   12.059  -9.766  1.00 63.01  ? 20  ASP D OD2 1 
ATOM   1290 N  N   . ASP D  1 21 ? 3.267   7.187   -10.976 1.00 15.07  ? 21  ASP D N   1 
ATOM   1291 C  CA  . ASP D  1 21 ? 2.058   6.516   -11.443 1.00 29.51  ? 21  ASP D CA  1 
ATOM   1292 C  C   . ASP D  1 21 ? 1.662   5.381   -10.506 1.00 33.78  ? 21  ASP D C   1 
ATOM   1293 O  O   . ASP D  1 21 ? 0.479   5.219   -10.182 1.00 34.91  ? 21  ASP D O   1 
ATOM   1294 C  CB  . ASP D  1 21 ? 2.262   5.996   -12.868 1.00 36.55  ? 21  ASP D CB  1 
ATOM   1295 C  CG  . ASP D  1 21 ? 0.950   5.670   -13.570 1.00 49.49  ? 21  ASP D CG  1 
ATOM   1296 O  OD1 . ASP D  1 21 ? 0.045   5.100   -12.927 1.00 51.63  ? 21  ASP D OD1 1 
ATOM   1297 O  OD2 . ASP D  1 21 ? 0.819   5.989   -14.771 1.00 59.87  ? 21  ASP D OD2 1 
ATOM   1298 N  N   . ARG D  1 22 ? 2.636   4.590   -10.054 1.00 22.22  ? 22  ARG D N   1 
ATOM   1299 C  CA  . ARG D  1 22 ? 2.317   3.461   -9.187  1.00 21.12  ? 22  ARG D CA  1 
ATOM   1300 C  C   . ARG D  1 22 ? 1.904   3.929   -7.798  1.00 20.97  ? 22  ARG D C   1 
ATOM   1301 O  O   . ARG D  1 22 ? 1.027   3.326   -7.173  1.00 39.81  ? 22  ARG D O   1 
ATOM   1302 C  CB  . ARG D  1 22 ? 3.510   2.511   -9.106  1.00 20.98  ? 22  ARG D CB  1 
ATOM   1303 C  CG  . ARG D  1 22 ? 4.126   2.214   -10.457 1.00 23.06  ? 22  ARG D CG  1 
ATOM   1304 C  CD  . ARG D  1 22 ? 3.094   1.701   -11.447 1.00 35.22  ? 22  ARG D CD  1 
ATOM   1305 N  NE  . ARG D  1 22 ? 3.555   1.840   -12.824 1.00 41.76  ? 22  ARG D NE  1 
ATOM   1306 C  CZ  . ARG D  1 22 ? 2.870   1.430   -13.886 1.00 36.38  ? 22  ARG D CZ  1 
ATOM   1307 N  NH1 . ARG D  1 22 ? 1.688   0.848   -13.730 1.00 26.89  ? 22  ARG D NH1 1 
ATOM   1308 N  NH2 . ARG D  1 22 ? 3.368   1.599   -15.104 1.00 28.50  ? 22  ARG D NH2 1 
ATOM   1309 N  N   . TYR D  1 23 ? 2.523   5.002   -7.302  1.00 22.43  ? 23  TYR D N   1 
ATOM   1310 C  CA  . TYR D  1 23 ? 2.103   5.568   -6.025  1.00 20.07  ? 23  TYR D CA  1 
ATOM   1311 C  C   . TYR D  1 23 ? 0.641   5.991   -6.069  1.00 17.82  ? 23  TYR D C   1 
ATOM   1312 O  O   . TYR D  1 23 ? -0.141  5.657   -5.171  1.00 22.26  ? 23  TYR D O   1 
ATOM   1313 C  CB  . TYR D  1 23 ? 2.989   6.757   -5.651  1.00 12.19  ? 23  TYR D CB  1 
ATOM   1314 C  CG  . TYR D  1 23 ? 2.358   7.668   -4.622  1.00 15.96  ? 23  TYR D CG  1 
ATOM   1315 C  CD1 . TYR D  1 23 ? 2.343   7.322   -3.278  1.00 16.91  ? 23  TYR D CD1 1 
ATOM   1316 C  CD2 . TYR D  1 23 ? 1.770   8.871   -4.995  1.00 23.28  ? 23  TYR D CD2 1 
ATOM   1317 C  CE1 . TYR D  1 23 ? 1.764   8.148   -2.336  1.00 13.48  ? 23  TYR D CE1 1 
ATOM   1318 C  CE2 . TYR D  1 23 ? 1.188   9.702   -4.058  1.00 22.33  ? 23  TYR D CE2 1 
ATOM   1319 C  CZ  . TYR D  1 23 ? 1.189   9.336   -2.730  1.00 12.73  ? 23  TYR D CZ  1 
ATOM   1320 O  OH  . TYR D  1 23 ? 0.612   10.162  -1.794  1.00 29.90  ? 23  TYR D OH  1 
ATOM   1321 N  N   . GLU D  1 24 ? 0.254   6.733   -7.109  1.00 19.84  ? 24  GLU D N   1 
ATOM   1322 C  CA  . GLU D  1 24 ? -1.129  7.186   -7.217  1.00 22.81  ? 24  GLU D CA  1 
ATOM   1323 C  C   . GLU D  1 24 ? -2.083  6.013   -7.398  1.00 24.61  ? 24  GLU D C   1 
ATOM   1324 O  O   . GLU D  1 24 ? -3.199  6.025   -6.866  1.00 24.49  ? 24  GLU D O   1 
ATOM   1325 C  CB  . GLU D  1 24 ? -1.270  8.178   -8.372  1.00 27.85  ? 24  GLU D CB  1 
ATOM   1326 C  CG  . GLU D  1 24 ? -0.897  9.608   -8.012  1.00 33.58  ? 24  GLU D CG  1 
ATOM   1327 C  CD  . GLU D  1 24 ? -1.906  10.259  -7.083  1.00 32.18  ? 24  GLU D CD  1 
ATOM   1328 O  OE1 . GLU D  1 24 ? -3.042  9.748   -6.978  1.00 23.10  ? 24  GLU D OE1 1 
ATOM   1329 O  OE2 . GLU D  1 24 ? -1.564  11.284  -6.457  1.00 45.32  ? 24  GLU D OE2 1 
ATOM   1330 N  N   . SER D  1 25 ? -1.662  4.992   -8.147  1.00 26.78  ? 25  SER D N   1 
ATOM   1331 C  CA  . SER D  1 25 ? -2.487  3.797   -8.294  1.00 32.64  ? 25  SER D CA  1 
ATOM   1332 C  C   . SER D  1 25 ? -2.661  3.095   -6.954  1.00 26.12  ? 25  SER D C   1 
ATOM   1333 O  O   . SER D  1 25 ? -3.773  2.704   -6.583  1.00 28.41  ? 25  SER D O   1 
ATOM   1334 C  CB  . SER D  1 25 ? -1.867  2.855   -9.323  1.00 33.86  ? 25  SER D CB  1 
ATOM   1335 O  OG  . SER D  1 25 ? -1.767  3.478   -10.590 1.00 32.04  ? 25  SER D OG  1 
ATOM   1336 N  N   . LEU D  1 26 ? -1.565  2.933   -6.209  1.00 18.99  ? 26  LEU D N   1 
ATOM   1337 C  CA  . LEU D  1 26 ? -1.655  2.360   -4.871  1.00 14.84  ? 26  LEU D CA  1 
ATOM   1338 C  C   . LEU D  1 26 ? -2.422  3.278   -3.930  1.00 25.54  ? 26  LEU D C   1 
ATOM   1339 O  O   . LEU D  1 26 ? -3.228  2.809   -3.118  1.00 32.71  ? 26  LEU D O   1 
ATOM   1340 C  CB  . LEU D  1 26 ? -0.255  2.090   -4.323  1.00 13.13  ? 26  LEU D CB  1 
ATOM   1341 C  CG  . LEU D  1 26 ? 0.557   1.013   -5.038  1.00 20.26  ? 26  LEU D CG  1 
ATOM   1342 C  CD1 . LEU D  1 26 ? 2.026   1.119   -4.665  1.00 21.03  ? 26  LEU D CD1 1 
ATOM   1343 C  CD2 . LEU D  1 26 ? 0.014   -0.366  -4.708  1.00 33.89  ? 26  LEU D CD2 1 
ATOM   1344 N  N   . LYS D  1 27 ? -2.178  4.588   -4.020  1.00 27.32  ? 27  LYS D N   1 
ATOM   1345 C  CA  . LYS D  1 27 ? -2.872  5.540   -3.159  1.00 13.84  ? 27  LYS D CA  1 
ATOM   1346 C  C   . LYS D  1 27 ? -4.378  5.467   -3.365  1.00 21.69  ? 27  LYS D C   1 
ATOM   1347 O  O   . LYS D  1 27 ? -5.148  5.389   -2.401  1.00 21.24  ? 27  LYS D O   1 
ATOM   1348 C  CB  . LYS D  1 27 ? -2.362  6.955   -3.428  1.00 11.84  ? 27  LYS D CB  1 
ATOM   1349 C  CG  . LYS D  1 27 ? -3.272  8.045   -2.895  1.00 26.39  ? 27  LYS D CG  1 
ATOM   1350 C  CD  . LYS D  1 27 ? -3.134  9.319   -3.707  1.00 27.26  ? 27  LYS D CD  1 
ATOM   1351 C  CE  . LYS D  1 27 ? -4.265  10.287  -3.402  1.00 28.77  ? 27  LYS D CE  1 
ATOM   1352 N  NZ  . LYS D  1 27 ? -4.304  11.419  -4.370  1.00 33.79  ? 27  LYS D NZ  1 
ATOM   1353 N  N   . ASN D  1 28 ? -4.820  5.489   -4.625  1.00 19.97  ? 28  ASN D N   1 
ATOM   1354 C  CA  . ASN D  1 28 ? -6.251  5.430   -4.896  1.00 19.57  ? 28  ASN D CA  1 
ATOM   1355 C  C   . ASN D  1 28 ? -6.828  4.060   -4.572  1.00 27.39  ? 28  ASN D C   1 
ATOM   1356 O  O   . ASN D  1 28 ? -7.985  3.963   -4.150  1.00 36.24  ? 28  ASN D O   1 
ATOM   1357 C  CB  . ASN D  1 28 ? -6.528  5.803   -6.353  1.00 19.24  ? 28  ASN D CB  1 
ATOM   1358 C  CG  . ASN D  1 28 ? -6.371  7.290   -6.613  1.00 28.42  ? 28  ASN D CG  1 
ATOM   1359 O  OD1 . ASN D  1 28 ? -7.311  8.066   -6.435  1.00 38.22  ? 28  ASN D OD1 1 
ATOM   1360 N  ND2 . ASN D  1 28 ? -5.179  7.695   -7.034  1.00 25.20  ? 28  ASN D ND2 1 
ATOM   1361 N  N   . LEU D  1 29 ? -6.041  2.995   -4.748  1.00 23.58  ? 29  LEU D N   1 
ATOM   1362 C  CA  . LEU D  1 29 ? -6.530  1.656   -4.431  1.00 23.35  ? 29  LEU D CA  1 
ATOM   1363 C  C   . LEU D  1 29 ? -6.764  1.501   -2.933  1.00 27.39  ? 29  LEU D C   1 
ATOM   1364 O  O   . LEU D  1 29 ? -7.827  1.032   -2.507  1.00 33.01  ? 29  LEU D O   1 
ATOM   1365 C  CB  . LEU D  1 29 ? -5.541  0.604   -4.932  1.00 27.22  ? 29  LEU D CB  1 
ATOM   1366 C  CG  . LEU D  1 29 ? -5.966  -0.860  -4.792  1.00 19.16  ? 29  LEU D CG  1 
ATOM   1367 C  CD1 . LEU D  1 29 ? -7.157  -1.166  -5.691  1.00 16.34  ? 29  LEU D CD1 1 
ATOM   1368 C  CD2 . LEU D  1 29 ? -4.801  -1.790  -5.099  1.00 24.49  ? 29  LEU D CD2 1 
ATOM   1369 N  N   . ILE D  1 30 ? -5.781  1.889   -2.117  1.00 30.79  ? 30  ILE D N   1 
ATOM   1370 C  CA  . ILE D  1 30 ? -5.937  1.808   -0.666  1.00 20.93  ? 30  ILE D CA  1 
ATOM   1371 C  C   . ILE D  1 30 ? -7.082  2.700   -0.208  1.00 30.31  ? 30  ILE D C   1 
ATOM   1372 O  O   . ILE D  1 30 ? -7.939  2.285   0.580   1.00 36.58  ? 30  ILE D O   1 
ATOM   1373 C  CB  . ILE D  1 30 ? -4.619  2.176   0.039   1.00 18.55  ? 30  ILE D CB  1 
ATOM   1374 C  CG1 . ILE D  1 30 ? -3.533  1.158   -0.307  1.00 20.04  ? 30  ILE D CG1 1 
ATOM   1375 C  CG2 . ILE D  1 30 ? -4.821  2.252   1.546   1.00 24.19  ? 30  ILE D CG2 1 
ATOM   1376 C  CD1 . ILE D  1 30 ? -2.158  1.532   0.195   1.00 17.79  ? 30  ILE D CD1 1 
ATOM   1377 N  N   . THR D  1 31 ? -7.120  3.939   -0.708  1.00 21.15  ? 31  THR D N   1 
ATOM   1378 C  CA  . THR D  1 31 ? -8.192  4.855   -0.333  1.00 15.97  ? 31  THR D CA  1 
ATOM   1379 C  C   . THR D  1 31 ? -9.551  4.319   -0.764  1.00 22.73  ? 31  THR D C   1 
ATOM   1380 O  O   . THR D  1 31 ? -10.547 4.480   -0.048  1.00 40.06  ? 31  THR D O   1 
ATOM   1381 C  CB  . THR D  1 31 ? -7.942  6.233   -0.940  1.00 16.23  ? 31  THR D CB  1 
ATOM   1382 O  OG1 . THR D  1 31 ? -6.623  6.675   -0.595  1.00 19.10  ? 31  THR D OG1 1 
ATOM   1383 C  CG2 . THR D  1 31 ? -8.954  7.238   -0.417  1.00 26.72  ? 31  THR D CG2 1 
ATOM   1384 N  N   . LEU D  1 32 ? -9.615  3.672   -1.930  1.00 31.73  ? 32  LEU D N   1 
ATOM   1385 C  CA  . LEU D  1 32 ? -10.872 3.078   -2.374  1.00 41.91  ? 32  LEU D CA  1 
ATOM   1386 C  C   . LEU D  1 32 ? -11.243 1.881   -1.507  1.00 43.08  ? 32  LEU D C   1 
ATOM   1387 O  O   . LEU D  1 32 ? -12.391 1.753   -1.065  1.00 50.86  ? 32  LEU D O   1 
ATOM   1388 C  CB  . LEU D  1 32 ? -10.779 2.669   -3.845  1.00 34.97  ? 32  LEU D CB  1 
ATOM   1389 N  N   . ARG D  1 33 ? -10.278 0.996   -1.246  1.00 37.53  ? 33  ARG D N   1 
ATOM   1390 C  CA  . ARG D  1 33 ? -10.549 -0.166  -0.407  1.00 27.12  ? 33  ARG D CA  1 
ATOM   1391 C  C   . ARG D  1 33 ? -10.864 0.248   1.024   1.00 32.99  ? 33  ARG D C   1 
ATOM   1392 O  O   . ARG D  1 33 ? -11.764 -0.319  1.655   1.00 23.22  ? 33  ARG D O   1 
ATOM   1393 C  CB  . ARG D  1 33 ? -9.361  -1.127  -0.442  1.00 37.06  ? 33  ARG D CB  1 
ATOM   1394 N  N   . ALA D  1 34 ? -10.143 1.242   1.552   1.00 27.61  ? 34  ALA D N   1 
ATOM   1395 C  CA  . ALA D  1 34 ? -10.381 1.677   2.925   1.00 29.13  ? 34  ALA D CA  1 
ATOM   1396 C  C   . ALA D  1 34 ? -11.780 2.256   3.089   1.00 40.84  ? 34  ALA D C   1 
ATOM   1397 O  O   . ALA D  1 34 ? -12.469 1.965   4.073   1.00 47.61  ? 34  ALA D O   1 
ATOM   1398 C  CB  . ALA D  1 34 ? -9.324  2.695   3.349   1.00 19.32  ? 34  ALA D CB  1 
ATOM   1399 N  N   . ASP D  1 35 ? -12.218 3.081   2.134   1.00 39.38  ? 35  ASP D N   1 
ATOM   1400 C  CA  . ASP D  1 35 ? -13.579 3.600   2.189   1.00 32.87  ? 35  ASP D CA  1 
ATOM   1401 C  C   . ASP D  1 35 ? -14.605 2.498   1.967   1.00 36.73  ? 35  ASP D C   1 
ATOM   1402 O  O   . ASP D  1 35 ? -15.720 2.576   2.495   1.00 30.99  ? 35  ASP D O   1 
ATOM   1403 C  CB  . ASP D  1 35 ? -13.762 4.719   1.163   1.00 35.40  ? 35  ASP D CB  1 
ATOM   1404 C  CG  . ASP D  1 35 ? -13.049 5.994   1.564   1.00 26.26  ? 35  ASP D CG  1 
ATOM   1405 O  OD1 . ASP D  1 35 ? -12.947 6.258   2.781   1.00 30.14  ? 35  ASP D OD1 1 
ATOM   1406 O  OD2 . ASP D  1 35 ? -12.589 6.731   0.665   1.00 26.20  ? 35  ASP D OD2 1 
ATOM   1407 N  N   . ARG D  1 36 ? -14.247 1.464   1.201   1.00 42.36  ? 36  ARG D N   1 
ATOM   1408 C  CA  . ARG D  1 36 ? -15.145 0.326   1.035   1.00 58.27  ? 36  ARG D CA  1 
ATOM   1409 C  C   . ARG D  1 36 ? -15.318 -0.425  2.349   1.00 47.50  ? 36  ARG D C   1 
ATOM   1410 O  O   . ARG D  1 36 ? -16.415 -0.903  2.662   1.00 60.45  ? 36  ARG D O   1 
ATOM   1411 C  CB  . ARG D  1 36 ? -14.614 -0.613  -0.048  1.00 62.17  ? 36  ARG D CB  1 
ATOM   1412 C  CG  . ARG D  1 36 ? -15.670 -1.534  -0.638  1.00 47.22  ? 36  ARG D CG  1 
ATOM   1413 C  CD  . ARG D  1 36 ? -15.152 -2.950  -0.858  1.00 48.02  ? 36  ARG D CD  1 
ATOM   1414 N  NE  . ARG D  1 36 ? -13.845 -2.975  -1.510  1.00 49.36  ? 36  ARG D NE  1 
ATOM   1415 C  CZ  . ARG D  1 36 ? -12.714 -3.352  -0.919  1.00 49.21  ? 36  ARG D CZ  1 
ATOM   1416 N  NH1 . ARG D  1 36 ? -12.715 -3.747  0.348   1.00 50.90  ? 36  ARG D NH1 1 
ATOM   1417 N  NH2 . ARG D  1 36 ? -11.578 -3.337  -1.601  1.00 45.59  ? 36  ARG D NH2 1 
ATOM   1418 N  N   . LEU D  1 37 ? -14.242 -0.540  3.132   1.00 37.07  ? 37  LEU D N   1 
ATOM   1419 C  CA  . LEU D  1 37 ? -14.335 -1.177  4.439   1.00 39.16  ? 37  LEU D CA  1 
ATOM   1420 C  C   . LEU D  1 37 ? -15.210 -0.376  5.391   1.00 51.92  ? 37  LEU D C   1 
ATOM   1421 O  O   . LEU D  1 37 ? -15.797 -0.947  6.314   1.00 61.81  ? 37  LEU D O   1 
ATOM   1422 C  CB  . LEU D  1 37 ? -12.938 -1.367  5.027   1.00 34.47  ? 37  LEU D CB  1 
ATOM   1423 C  CG  . LEU D  1 37 ? -12.025 -2.210  4.134   1.00 50.02  ? 37  LEU D CG  1 
ATOM   1424 C  CD1 . LEU D  1 37 ? -10.574 -2.106  4.568   1.00 22.94  ? 37  LEU D CD1 1 
ATOM   1425 C  CD2 . LEU D  1 37 ? -12.488 -3.659  4.111   1.00 38.32  ? 37  LEU D CD2 1 
ATOM   1426 N  N   . GLU D  1 38 ? -15.310 0.941   5.187   1.00 42.25  ? 38  GLU D N   1 
ATOM   1427 C  CA  . GLU D  1 38 ? -16.245 1.733   5.979   1.00 26.90  ? 38  GLU D CA  1 
ATOM   1428 C  C   . GLU D  1 38 ? -17.681 1.490   5.532   1.00 49.91  ? 38  GLU D C   1 
ATOM   1429 O  O   . GLU D  1 38 ? -18.599 1.473   6.359   1.00 55.10  ? 38  GLU D O   1 
ATOM   1430 C  CB  . GLU D  1 38 ? -15.894 3.216   5.884   1.00 26.79  ? 38  GLU D CB  1 
ATOM   1431 C  CG  . GLU D  1 38 ? -16.928 4.128   6.522   1.00 32.92  ? 38  GLU D CG  1 
ATOM   1432 C  CD  . GLU D  1 38 ? -16.511 5.581   6.509   1.00 45.52  ? 38  GLU D CD  1 
ATOM   1433 O  OE1 . GLU D  1 38 ? -15.318 5.853   6.260   1.00 40.88  ? 38  GLU D OE1 1 
ATOM   1434 O  OE2 . GLU D  1 38 ? -17.373 6.453   6.751   1.00 41.64  ? 38  GLU D OE2 1 
ATOM   1435 N  N   . MET D  1 39 ? -17.892 1.289   4.226   1.00 51.60  ? 39  MET D N   1 
ATOM   1436 C  CA  . MET D  1 39 ? -19.228 0.976   3.731   1.00 47.12  ? 39  MET D CA  1 
ATOM   1437 C  C   . MET D  1 39 ? -19.730 -0.352  4.285   1.00 54.16  ? 39  MET D C   1 
ATOM   1438 O  O   . MET D  1 39 ? -20.943 -0.554  4.402   1.00 67.80  ? 39  MET D O   1 
ATOM   1439 C  CB  . MET D  1 39 ? -19.229 0.955   2.199   1.00 56.57  ? 39  MET D CB  1 
ATOM   1440 C  CG  . MET D  1 39 ? -19.350 -0.434  1.578   1.00 78.04  ? 39  MET D CG  1 
ATOM   1441 S  SD  . MET D  1 39 ? -18.959 -0.483  -0.184  1.00 69.94  ? 39  MET D SD  1 
ATOM   1442 C  CE  . MET D  1 39 ? -19.269 -2.208  -0.549  1.00 75.45  ? 39  MET D CE  1 
ATOM   1443 N  N   . ILE D  1 40 ? -18.817 -1.261  4.637   1.00 45.29  ? 40  ILE D N   1 
ATOM   1444 C  CA  . ILE D  1 40 ? -19.182 -2.532  5.251   1.00 34.85  ? 40  ILE D CA  1 
ATOM   1445 C  C   . ILE D  1 40 ? -19.112 -2.487  6.770   1.00 55.63  ? 40  ILE D C   1 
ATOM   1446 O  O   . ILE D  1 40 ? -19.386 -3.502  7.425   1.00 70.19  ? 40  ILE D O   1 
ATOM   1447 C  CB  . ILE D  1 40 ? -18.300 -3.680  4.717   1.00 45.29  ? 40  ILE D CB  1 
ATOM   1448 N  N   . ILE D  1 41 ? -18.746 -1.349  7.348   1.00 54.82  ? 41  ILE D N   1 
ATOM   1449 C  CA  . ILE D  1 41 ? -18.738 -1.167  8.798   1.00 60.33  ? 41  ILE D CA  1 
ATOM   1450 C  C   . ILE D  1 41 ? -19.942 -0.359  9.262   1.00 76.11  ? 41  ILE D C   1 
ATOM   1451 O  O   . ILE D  1 41 ? -20.607 -0.723  10.233  1.00 93.29  ? 41  ILE D O   1 
ATOM   1452 C  CB  . ILE D  1 41 ? -17.411 -0.515  9.251   1.00 59.62  ? 41  ILE D CB  1 
ATOM   1453 C  CG1 . ILE D  1 41 ? -16.307 -1.568  9.344   1.00 45.75  ? 41  ILE D CG1 1 
ATOM   1454 C  CG2 . ILE D  1 41 ? -17.583 0.201   10.587  1.00 50.76  ? 41  ILE D CG2 1 
ATOM   1455 C  CD1 . ILE D  1 41 ? -14.929 -0.987  9.560   1.00 34.99  ? 41  ILE D CD1 1 
ATOM   1456 N  N   . ASN D  1 42 ? -20.243 0.745   8.576   1.00 63.07  ? 42  ASN D N   1 
ATOM   1457 C  CA  . ASN D  1 42 ? -21.454 1.495   8.885   1.00 75.22  ? 42  ASN D CA  1 
ATOM   1458 C  C   . ASN D  1 42 ? -22.713 0.748   8.464   1.00 79.64  ? 42  ASN D C   1 
ATOM   1459 O  O   . ASN D  1 42 ? -23.810 1.111   8.903   1.00 72.83  ? 42  ASN D O   1 
ATOM   1460 C  CB  . ASN D  1 42 ? -21.412 2.874   8.220   1.00 72.28  ? 42  ASN D CB  1 
ATOM   1461 C  CG  . ASN D  1 42 ? -20.481 3.837   8.932   1.00 53.74  ? 42  ASN D CG  1 
ATOM   1462 O  OD1 . ASN D  1 42 ? -19.572 3.425   9.654   1.00 45.54  ? 42  ASN D OD1 1 
ATOM   1463 N  ND2 . ASN D  1 42 ? -20.708 5.133   8.738   1.00 34.22  ? 42  ASN D ND2 1 
ATOM   1464 N  N   . ASP D  1 43 ? -22.580 -0.284  7.625   1.00 68.44  ? 43  ASP D N   1 
ATOM   1465 C  CA  . ASP D  1 43 ? -23.739 -1.088  7.254   1.00 67.44  ? 43  ASP D CA  1 
ATOM   1466 C  C   . ASP D  1 43 ? -24.191 -1.983  8.400   1.00 59.04  ? 43  ASP D C   1 
ATOM   1467 O  O   . ASP D  1 43 ? -25.375 -2.322  8.490   1.00 69.58  ? 43  ASP D O   1 
ATOM   1468 C  CB  . ASP D  1 43 ? -23.422 -1.930  6.017   1.00 54.30  ? 43  ASP D CB  1 
ATOM   1469 N  N   . ASN D  1 44 ? -23.266 -2.377  9.280   1.00 62.76  ? 44  ASN D N   1 
ATOM   1470 C  CA  . ASN D  1 44 ? -23.637 -3.167  10.448  1.00 70.11  ? 44  ASN D CA  1 
ATOM   1471 C  C   . ASN D  1 44 ? -24.133 -2.293  11.592  1.00 84.71  ? 44  ASN D C   1 
ATOM   1472 O  O   . ASN D  1 44 ? -24.976 -2.735  12.382  1.00 75.23  ? 44  ASN D O   1 
ATOM   1473 C  CB  . ASN D  1 44 ? -22.451 -4.009  10.918  1.00 47.45  ? 44  ASN D CB  1 
ATOM   1474 C  CG  . ASN D  1 44 ? -21.988 -4.997  9.870   1.00 43.67  ? 44  ASN D CG  1 
ATOM   1475 O  OD1 . ASN D  1 44 ? -22.794 -5.539  9.114   1.00 43.86  ? 44  ASN D OD1 1 
ATOM   1476 N  ND2 . ASN D  1 44 ? -20.683 -5.235  9.819   1.00 47.50  ? 44  ASN D ND2 1 
ATOM   1477 N  N   . VAL D  1 45 ? -23.625 -1.065  11.702  1.00 87.25  ? 45  VAL D N   1 
ATOM   1478 C  CA  . VAL D  1 45 ? -24.080 -0.175  12.763  1.00 68.42  ? 45  VAL D CA  1 
ATOM   1479 C  C   . VAL D  1 45 ? -25.533 0.227   12.537  1.00 74.69  ? 45  VAL D C   1 
ATOM   1480 O  O   . VAL D  1 45 ? -26.331 0.272   13.478  1.00 81.32  ? 45  VAL D O   1 
ATOM   1481 C  CB  . VAL D  1 45 ? -23.154 1.051   12.867  1.00 67.96  ? 45  VAL D CB  1 
ATOM   1482 C  CG1 . VAL D  1 45 ? -23.602 1.964   13.996  1.00 44.27  ? 45  VAL D CG1 1 
ATOM   1483 C  CG2 . VAL D  1 45 ? -21.714 0.608   13.075  1.00 47.78  ? 45  VAL D CG2 1 
ATOM   1484 N  N   . SER D  1 46 ? -25.908 0.505   11.287  1.00 72.58  ? 46  SER D N   1 
ATOM   1485 C  CA  . SER D  1 46 ? -27.299 0.844   11.012  1.00 68.68  ? 46  SER D CA  1 
ATOM   1486 C  C   . SER D  1 46 ? -28.223 -0.360  11.137  1.00 59.98  ? 46  SER D C   1 
ATOM   1487 O  O   . SER D  1 46 ? -29.420 -0.185  11.383  1.00 58.59  ? 46  SER D O   1 
ATOM   1488 C  CB  . SER D  1 46 ? -27.429 1.458   9.614   1.00 84.14  ? 46  SER D CB  1 
ATOM   1489 O  OG  . SER D  1 46 ? -28.764 1.855   9.348   1.00 107.72 ? 46  SER D OG  1 
ATOM   1490 N  N   . THR D  1 47 ? -27.696 -1.572  10.973  1.00 64.36  ? 47  THR D N   1 
ATOM   1491 C  CA  . THR D  1 47 ? -28.489 -2.795  11.010  1.00 73.59  ? 47  THR D CA  1 
ATOM   1492 C  C   . THR D  1 47 ? -28.609 -3.365  12.419  1.00 77.71  ? 47  THR D C   1 
ATOM   1493 O  O   . THR D  1 47 ? -29.718 -3.659  12.880  1.00 83.46  ? 47  THR D O   1 
ATOM   1494 C  CB  . THR D  1 47 ? -27.876 -3.847  10.079  1.00 77.46  ? 47  THR D CB  1 
ATOM   1495 O  OG1 . THR D  1 47 ? -27.923 -3.382  8.724   1.00 79.27  ? 47  THR D OG1 1 
ATOM   1496 C  CG2 . THR D  1 47 ? -28.634 -5.165  10.199  1.00 86.04  ? 47  THR D CG2 1 
ATOM   1497 N  N   . ILE D  1 48 ? -27.482 -3.518  13.117  1.00 72.77  ? 48  ILE D N   1 
ATOM   1498 C  CA  . ILE D  1 48 ? -27.483 -4.216  14.398  1.00 70.24  ? 48  ILE D CA  1 
ATOM   1499 C  C   . ILE D  1 48 ? -27.738 -3.290  15.586  1.00 81.26  ? 48  ILE D C   1 
ATOM   1500 O  O   . ILE D  1 48 ? -28.123 -3.774  16.660  1.00 103.72 ? 48  ILE D O   1 
ATOM   1501 C  CB  . ILE D  1 48 ? -26.165 -4.996  14.586  1.00 59.92  ? 48  ILE D CB  1 
ATOM   1502 C  CG1 . ILE D  1 48 ? -26.457 -6.449  14.978  1.00 58.09  ? 48  ILE D CG1 1 
ATOM   1503 C  CG2 . ILE D  1 48 ? -25.255 -4.328  15.616  1.00 57.09  ? 48  ILE D CG2 1 
ATOM   1504 C  CD1 . ILE D  1 48 ? -27.149 -7.251  13.891  1.00 57.33  ? 48  ILE D CD1 1 
ATOM   1505 N  N   . LEU D  1 49 ? -27.556 -1.977  15.424  1.00 63.43  ? 49  LEU D N   1 
ATOM   1506 C  CA  . LEU D  1 49 ? -27.881 -1.046  16.502  1.00 65.65  ? 49  LEU D CA  1 
ATOM   1507 C  C   . LEU D  1 49 ? -29.351 -0.645  16.448  1.00 77.45  ? 49  LEU D C   1 
ATOM   1508 O  O   . LEU D  1 49 ? -30.057 -0.707  17.460  1.00 101.47 ? 49  LEU D O   1 
ATOM   1509 C  CB  . LEU D  1 49 ? -26.981 0.190   16.419  1.00 61.18  ? 49  LEU D CB  1 
ATOM   1510 C  CG  . LEU D  1 49 ? -26.701 1.121   17.611  1.00 50.25  ? 49  LEU D CG  1 
ATOM   1511 C  CD1 . LEU D  1 49 ? -25.710 2.190   17.172  1.00 32.38  ? 49  LEU D CD1 1 
ATOM   1512 C  CD2 . LEU D  1 49 ? -27.951 1.775   18.199  1.00 54.01  ? 49  LEU D CD2 1 
ATOM   1513 N  N   . ALA D  1 50 ? -29.832 -0.240  15.271  1.00 52.51  ? 50  ALA D N   1 
ATOM   1514 C  CA  . ALA D  1 50 ? -31.211 0.224   15.149  1.00 55.39  ? 50  ALA D CA  1 
ATOM   1515 C  C   . ALA D  1 50 ? -32.195 -0.939  15.212  1.00 81.73  ? 50  ALA D C   1 
ATOM   1516 O  O   . ALA D  1 50 ? -33.006 -1.034  16.141  1.00 89.63  ? 50  ALA D O   1 
ATOM   1517 C  CB  . ALA D  1 50 ? -31.386 1.011   13.850  1.00 52.09  ? 50  ALA D CB  1 
ATOM   1518 N  N   . SER D  1 51 ? -32.139 -1.838  14.228  1.00 85.03  ? 51  SER D N   1 
ATOM   1519 C  CA  . SER D  1 51 ? -33.148 -2.884  14.086  1.00 89.78  ? 51  SER D CA  1 
ATOM   1520 C  C   . SER D  1 51 ? -32.796 -4.167  14.834  1.00 91.13  ? 51  SER D C   1 
ATOM   1521 O  O   . SER D  1 51 ? -33.689 -4.814  15.391  1.00 106.35 ? 51  SER D O   1 
ATOM   1522 C  CB  . SER D  1 51 ? -33.372 -3.198  12.603  1.00 88.50  ? 51  SER D CB  1 
ATOM   1523 O  OG  . SER D  1 51 ? -33.876 -2.067  11.910  1.00 73.19  ? 51  SER D OG  1 
ATOM   1524 N  N   . ILE D  1 52 ? -31.515 -4.539  14.849  1.00 88.41  ? 52  ILE D N   1 
ATOM   1525 C  CA  . ILE D  1 52 ? -31.014 -5.784  15.447  1.00 88.22  ? 52  ILE D CA  1 
ATOM   1526 C  C   . ILE D  1 52 ? -31.529 -7.005  14.682  1.00 69.02  ? 52  ILE D C   1 
ATOM   1527 O  O   . ILE D  1 52 ? -30.846 -8.026  14.601  1.00 49.44  ? 52  ILE D O   1 
ATOM   1528 C  CB  . ILE D  1 52 ? -31.367 -5.890  16.952  1.00 84.29  ? 52  ILE D CB  1 
ATOM   1529 C  CG1 . ILE D  1 52 ? -31.021 -4.586  17.675  1.00 60.77  ? 52  ILE D CG1 1 
ATOM   1530 C  CG2 . ILE D  1 52 ? -30.610 -7.042  17.593  1.00 72.53  ? 52  ILE D CG2 1 
ATOM   1531 C  CD1 . ILE D  1 52 ? -31.574 -4.487  19.079  1.00 50.71  ? 52  ILE D CD1 1 
ATOM   1532 O  OXT . ILE D  1 52 ? -32.620 -7.012  14.112  1.00 71.56  ? 52  ILE D OXT 1 
HETATM 1533 HG HG  . HG  E  2 .  ? 25.528  7.402   -18.441 0.57 95.56  ? 101 HG  A HG  1 
HETATM 1534 I  I   . IOD F  3 .  ? 22.702  6.920   -19.055 0.57 39.82  ? 102 IOD A I   1 
HETATM 1535 I  I   . IOD G  3 .  ? 24.789  4.123   -17.781 0.57 57.63  ? 103 IOD A I   1 
HETATM 1536 I  I   . IOD H  3 .  ? 26.587  5.752   -21.486 0.57 65.27  ? 104 IOD A I   1 
HETATM 1537 HG HG1 A HGN I  4 .  ? 7.124   2.418   -3.642  0.60 43.00  ? 105 HGN A HG1 1 
HETATM 1538 HG HG1 B HGN I  4 .  ? 5.351   3.085   -4.457  0.40 45.25  ? 105 HGN A HG1 1 
HETATM 1539 HG HG2 A HGN I  4 .  ? 5.307   0.753   -5.684  0.60 45.28  ? 105 HGN A HG2 1 
HETATM 1540 HG HG2 B HGN I  4 .  ? 7.026   0.401   -3.975  0.40 36.84  ? 105 HGN A HG2 1 
HETATM 1541 NA NA  . NA  J  5 .  ? 13.051  -8.906  -8.684  1.00 25.79  ? 106 NA  A NA  1 
HETATM 1542 NA NA  . NA  K  5 .  ? 8.710   -9.901  -5.831  1.00 18.68  ? 107 NA  A NA  1 
HETATM 1543 HG HG  . HG  L  2 .  ? -3.278  -7.940  17.494  0.52 104.96 ? 101 HG  B HG  1 
HETATM 1544 I  I   . IOD M  3 .  ? 10.530  -2.740  7.657   0.40 32.57  ? 102 IOD B I   1 
HETATM 1545 I  I   . IOD N  3 .  ? -4.900  -5.684  17.824  0.52 39.67  ? 103 IOD B I   1 
HETATM 1546 I  I   . IOD O  3 .  ? -0.912  -8.017  15.595  0.52 40.11  ? 104 IOD B I   1 
HETATM 1547 I  I   . IOD P  3 .  ? -0.365  -7.486  20.055  0.52 101.68 ? 105 IOD B I   1 
HETATM 1548 I  I   . IOD Q  3 .  ? 2.187   -4.971  17.877  0.49 110.15 ? 106 IOD B I   1 
HETATM 1549 S  S   . SO4 R  6 .  ? -2.854  -1.918  20.849  0.87 93.25  ? 107 SO4 B S   1 
HETATM 1550 O  O1  . SO4 R  6 .  ? -1.784  -2.420  19.991  0.87 71.71  ? 107 SO4 B O1  1 
HETATM 1551 O  O2  . SO4 R  6 .  ? -3.289  -2.976  21.758  0.87 70.10  ? 107 SO4 B O2  1 
HETATM 1552 O  O3  . SO4 R  6 .  ? -2.364  -0.783  21.625  0.87 76.89  ? 107 SO4 B O3  1 
HETATM 1553 O  O4  . SO4 R  6 .  ? -3.981  -1.494  20.022  0.87 69.32  ? 107 SO4 B O4  1 
HETATM 1554 K  K   . K   S  7 .  ? 29.824  6.821   -20.341 1.00 45.09  ? 108 K   B K   1 
HETATM 1555 K  K   . K   T  7 .  ? 2.064   -4.430  22.481  1.00 76.15  ? 109 K   B K   1 
HETATM 1556 K  K   . K   U  7 .  ? -1.410  -13.499 12.899  1.00 58.73  ? 110 K   B K   1 
HETATM 1557 K  K   . K   V  7 .  ? -0.073  6.836   15.579  1.00 55.79  ? 101 K   C K   1 
HETATM 1558 C  C1  . GOL W  8 .  ? 17.261  17.582  -0.433  1.00 44.40  ? 102 GOL C C1  1 
HETATM 1559 O  O1  . GOL W  8 .  ? 17.086  16.214  -0.143  1.00 60.33  ? 102 GOL C O1  1 
HETATM 1560 C  C2  . GOL W  8 .  ? 18.109  17.729  -1.691  1.00 51.93  ? 102 GOL C C2  1 
HETATM 1561 O  O2  . GOL W  8 .  ? 18.116  16.508  -2.398  1.00 48.69  ? 102 GOL C O2  1 
HETATM 1562 C  C3  . GOL W  8 .  ? 17.518  18.822  -2.572  1.00 59.73  ? 102 GOL C C3  1 
HETATM 1563 O  O3  . GOL W  8 .  ? 17.451  20.027  -1.842  1.00 62.05  ? 102 GOL C O3  1 
HETATM 1564 HG HG  . HG  X  2 .  ? -18.073 4.970   -0.979  0.56 57.19  ? 101 HG  D HG  1 
HETATM 1565 I  I   . IOD Y  3 .  ? 24.144  10.081  -18.054 0.57 85.14  ? 102 IOD D I   1 
HETATM 1566 I  I   . IOD Z  3 .  ? -19.255 5.274   3.385   0.56 87.84  ? 103 IOD D I   1 
HETATM 1567 I  I   . IOD AA 3 .  ? -20.287 2.714   -0.786  0.56 22.56  ? 104 IOD D I   1 
HETATM 1568 I  I   . IOD BA 3 .  ? -20.758 5.856   -2.931  0.56 27.19  ? 105 IOD D I   1 
HETATM 1569 I  I   . IOD CA 3 .  ? 17.111  11.826  -23.923 0.52 87.06  ? 106 IOD D I   1 
HETATM 1570 HG HG1 A HGN DA 4 .  ? -6.186  -0.040  5.072   0.41 45.55  ? 107 HGN D HG1 1 
HETATM 1571 HG HG1 B HGN DA 4 .  ? -7.450  -1.312  4.468   0.59 95.04  ? 107 HGN D HG1 1 
HETATM 1572 HG HG2 A HGN DA 4 .  ? -7.455  -2.567  3.571   0.41 75.19  ? 107 HGN D HG2 1 
HETATM 1573 HG HG2 B HGN DA 4 .  ? -4.569  -2.703  4.529   0.59 93.45  ? 107 HGN D HG2 1 
HETATM 1574 K  K   . K   EA 7 .  ? -7.379  12.208  -11.198 1.00 83.27  ? 108 K   D K   1 
HETATM 1575 K  K   . K   FA 7 .  ? -22.996 2.571   -4.479  1.00 50.30  ? 109 K   D K   1 
HETATM 1576 C  C1  . GOL GA 8 .  ? 17.474  16.479  -25.410 1.00 44.66  ? 110 GOL D C1  1 
HETATM 1577 O  O1  . GOL GA 8 .  ? 16.194  16.078  -24.973 1.00 51.61  ? 110 GOL D O1  1 
HETATM 1578 C  C2  . GOL GA 8 .  ? 18.182  15.310  -26.086 1.00 49.17  ? 110 GOL D C2  1 
HETATM 1579 O  O2  . GOL GA 8 .  ? 18.660  15.714  -27.350 1.00 33.32  ? 110 GOL D O2  1 
HETATM 1580 C  C3  . GOL GA 8 .  ? 19.349  14.851  -25.219 1.00 52.27  ? 110 GOL D C3  1 
HETATM 1581 O  O3  . GOL GA 8 .  ? 20.375  14.334  -26.039 1.00 47.69  ? 110 GOL D O3  1 
HETATM 1582 HG HG  A HGI HA 9 .  ? -17.811 -5.202  13.919  0.51 48.97  ? 111 HGI D HG  1 
HETATM 1583 HG HG  B HGI HA 9 .  ? -19.418 -5.148  12.640  0.49 61.53  ? 111 HGI D HG  1 
HETATM 1584 I  I1  A HGI HA 9 .  ? -16.540 -7.460  14.467  0.51 45.66  ? 111 HGI D I1  1 
HETATM 1585 I  I1  B HGI HA 9 .  ? -18.844 -7.625  11.884  0.49 36.27  ? 111 HGI D I1  1 
HETATM 1586 I  I2  A HGI HA 9 .  ? -19.052 -2.928  13.355  0.51 70.49  ? 111 HGI D I2  1 
HETATM 1587 I  I2  B HGI HA 9 .  ? -20.001 -2.676  13.395  0.49 37.61  ? 111 HGI D I2  1 
# 
loop_
_pdbx_poly_seq_scheme.asym_id 
_pdbx_poly_seq_scheme.entity_id 
_pdbx_poly_seq_scheme.seq_id 
_pdbx_poly_seq_scheme.mon_id 
_pdbx_poly_seq_scheme.ndb_seq_num 
_pdbx_poly_seq_scheme.pdb_seq_num 
_pdbx_poly_seq_scheme.auth_seq_num 
_pdbx_poly_seq_scheme.pdb_mon_id 
_pdbx_poly_seq_scheme.auth_mon_id 
_pdbx_poly_seq_scheme.pdb_strand_id 
_pdbx_poly_seq_scheme.pdb_ins_code 
_pdbx_poly_seq_scheme.hetero 
A 1 1  GLY 1  1  ?  ?   ?   A . n 
A 1 2  SER 2  2  2  SER SER A . n 
A 1 3  ILE 3  3  3  ILE ILE A . n 
A 1 4  ILE 4  4  4  ILE ILE A . n 
A 1 5  ASN 5  5  5  ASN ASN A . n 
A 1 6  GLU 6  6  6  GLU GLU A . n 
A 1 7  THR 7  7  7  THR THR A . n 
A 1 8  ALA 8  8  8  ALA ALA A . n 
A 1 9  ASP 9  9  9  ASP ASP A . n 
A 1 10 ASP 10 10 10 ASP ASP A . n 
A 1 11 ILE 11 11 11 ILE ILE A . n 
A 1 12 VAL 12 12 12 VAL VAL A . n 
A 1 13 TYR 13 13 13 TYR TYR A . n 
A 1 14 ARG 14 14 14 ARG ARG A . n 
A 1 15 LEU 15 15 15 LEU LEU A . n 
A 1 16 THR 16 16 16 THR THR A . n 
A 1 17 VAL 17 17 17 VAL VAL A . n 
A 1 18 ILE 18 18 18 ILE ILE A . n 
A 1 19 ILE 19 19 19 ILE ILE A . n 
A 1 20 ASP 20 20 20 ASP ASP A . n 
A 1 21 ASP 21 21 21 ASP ASP A . n 
A 1 22 ARG 22 22 22 ARG ARG A . n 
A 1 23 TYR 23 23 23 TYR TYR A . n 
A 1 24 GLU 24 24 24 GLU GLU A . n 
A 1 25 SER 25 25 25 SER SER A . n 
A 1 26 LEU 26 26 26 LEU LEU A . n 
A 1 27 LYS 27 27 27 LYS LYS A . n 
A 1 28 ASN 28 28 28 ASN ASN A . n 
A 1 29 LEU 29 29 29 LEU LEU A . n 
A 1 30 ILE 30 30 30 ILE ILE A . n 
A 1 31 THR 31 31 31 THR THR A . n 
A 1 32 LEU 32 32 32 LEU LEU A . n 
A 1 33 ARG 33 33 33 ARG ARG A . n 
A 1 34 ALA 34 34 34 ALA ALA A . n 
A 1 35 ASP 35 35 35 ASP ASP A . n 
A 1 36 ARG 36 36 36 ARG ARG A . n 
A 1 37 LEU 37 37 37 LEU LEU A . n 
A 1 38 GLU 38 38 38 GLU GLU A . n 
A 1 39 MET 39 39 39 MET MET A . n 
A 1 40 ILE 40 40 40 ILE ILE A . n 
A 1 41 ILE 41 41 41 ILE ILE A . n 
A 1 42 ASN 42 42 42 ASN ASN A . n 
A 1 43 ASP 43 43 43 ASP ASP A . n 
A 1 44 ASN 44 44 44 ASN ASN A . n 
A 1 45 VAL 45 45 45 VAL VAL A . n 
A 1 46 SER 46 46 46 SER SER A . n 
A 1 47 THR 47 47 47 THR THR A . n 
A 1 48 ILE 48 48 48 ILE ILE A . n 
A 1 49 LEU 49 49 49 LEU LEU A . n 
A 1 50 ALA 50 50 50 ALA ALA A . n 
A 1 51 SER 51 51 51 SER SER A . n 
A 1 52 ILE 52 52 52 ILE ILE A . n 
B 1 1  GLY 1  1  ?  ?   ?   B . n 
B 1 2  SER 2  2  ?  ?   ?   B . n 
B 1 3  ILE 3  3  ?  ?   ?   B . n 
B 1 4  ILE 4  4  4  ILE ILE B . n 
B 1 5  ASN 5  5  5  ASN ASN B . n 
B 1 6  GLU 6  6  6  GLU GLU B . n 
B 1 7  THR 7  7  7  THR THR B . n 
B 1 8  ALA 8  8  8  ALA ALA B . n 
B 1 9  ASP 9  9  9  ASP ASP B . n 
B 1 10 ASP 10 10 10 ASP ASP B . n 
B 1 11 ILE 11 11 11 ILE ILE B . n 
B 1 12 VAL 12 12 12 VAL VAL B . n 
B 1 13 TYR 13 13 13 TYR TYR B . n 
B 1 14 ARG 14 14 14 ARG ARG B . n 
B 1 15 LEU 15 15 15 LEU LEU B . n 
B 1 16 THR 16 16 16 THR THR B . n 
B 1 17 VAL 17 17 17 VAL VAL B . n 
B 1 18 ILE 18 18 18 ILE ILE B . n 
B 1 19 ILE 19 19 19 ILE ILE B . n 
B 1 20 ASP 20 20 20 ASP ASP B . n 
B 1 21 ASP 21 21 21 ASP ASP B . n 
B 1 22 ARG 22 22 22 ARG ARG B . n 
B 1 23 TYR 23 23 23 TYR TYR B . n 
B 1 24 GLU 24 24 24 GLU GLU B . n 
B 1 25 SER 25 25 25 SER SER B . n 
B 1 26 LEU 26 26 26 LEU LEU B . n 
B 1 27 LYS 27 27 27 LYS LYS B . n 
B 1 28 ASN 28 28 28 ASN ASN B . n 
B 1 29 LEU 29 29 29 LEU LEU B . n 
B 1 30 ILE 30 30 30 ILE ILE B . n 
B 1 31 THR 31 31 31 THR THR B . n 
B 1 32 LEU 32 32 32 LEU LEU B . n 
B 1 33 ARG 33 33 33 ARG ARG B . n 
B 1 34 ALA 34 34 34 ALA ALA B . n 
B 1 35 ASP 35 35 35 ASP ASP B . n 
B 1 36 ARG 36 36 36 ARG ARG B . n 
B 1 37 LEU 37 37 37 LEU LEU B . n 
B 1 38 GLU 38 38 38 GLU GLU B . n 
B 1 39 MET 39 39 39 MET MET B . n 
B 1 40 ILE 40 40 40 ILE ILE B . n 
B 1 41 ILE 41 41 41 ILE ILE B . n 
B 1 42 ASN 42 42 42 ASN ASN B . n 
B 1 43 ASP 43 43 43 ASP ASP B . n 
B 1 44 ASN 44 44 44 ASN ASN B . n 
B 1 45 VAL 45 45 45 VAL VAL B . n 
B 1 46 SER 46 46 46 SER SER B . n 
B 1 47 THR 47 47 47 THR THR B . n 
B 1 48 ILE 48 48 48 ILE ILE B . n 
B 1 49 LEU 49 49 49 LEU LEU B . n 
B 1 50 ALA 50 50 50 ALA ALA B . n 
B 1 51 SER 51 51 51 SER SER B . n 
B 1 52 ILE 52 52 52 ILE ILE B . n 
C 1 1  GLY 1  1  ?  ?   ?   C . n 
C 1 2  SER 2  2  ?  ?   ?   C . n 
C 1 3  ILE 3  3  ?  ?   ?   C . n 
C 1 4  ILE 4  4  4  ILE ILE C . n 
C 1 5  ASN 5  5  5  ASN ASN C . n 
C 1 6  GLU 6  6  6  GLU GLU C . n 
C 1 7  THR 7  7  7  THR THR C . n 
C 1 8  ALA 8  8  8  ALA ALA C . n 
C 1 9  ASP 9  9  9  ASP ASP C . n 
C 1 10 ASP 10 10 10 ASP ASP C . n 
C 1 11 ILE 11 11 11 ILE ILE C . n 
C 1 12 VAL 12 12 12 VAL VAL C . n 
C 1 13 TYR 13 13 13 TYR TYR C . n 
C 1 14 ARG 14 14 14 ARG ARG C . n 
C 1 15 LEU 15 15 15 LEU LEU C . n 
C 1 16 THR 16 16 16 THR THR C . n 
C 1 17 VAL 17 17 17 VAL VAL C . n 
C 1 18 ILE 18 18 18 ILE ILE C . n 
C 1 19 ILE 19 19 19 ILE ILE C . n 
C 1 20 ASP 20 20 20 ASP ASP C . n 
C 1 21 ASP 21 21 21 ASP ASP C . n 
C 1 22 ARG 22 22 22 ARG ARG C . n 
C 1 23 TYR 23 23 23 TYR TYR C . n 
C 1 24 GLU 24 24 24 GLU GLU C . n 
C 1 25 SER 25 25 25 SER SER C . n 
C 1 26 LEU 26 26 26 LEU LEU C . n 
C 1 27 LYS 27 27 27 LYS LYS C . n 
C 1 28 ASN 28 28 28 ASN ASN C . n 
C 1 29 LEU 29 29 29 LEU LEU C . n 
C 1 30 ILE 30 30 30 ILE ILE C . n 
C 1 31 THR 31 31 31 THR THR C . n 
C 1 32 LEU 32 32 32 LEU LEU C . n 
C 1 33 ARG 33 33 33 ARG ARG C . n 
C 1 34 ALA 34 34 34 ALA ALA C . n 
C 1 35 ASP 35 35 35 ASP ASP C . n 
C 1 36 ARG 36 36 36 ARG ARG C . n 
C 1 37 LEU 37 37 37 LEU LEU C . n 
C 1 38 GLU 38 38 38 GLU GLU C . n 
C 1 39 MET 39 39 39 MET MET C . n 
C 1 40 ILE 40 40 40 ILE ILE C . n 
C 1 41 ILE 41 41 41 ILE ILE C . n 
C 1 42 ASN 42 42 42 ASN ASN C . n 
C 1 43 ASP 43 43 43 ASP ASP C . n 
C 1 44 ASN 44 44 44 ASN ASN C . n 
C 1 45 VAL 45 45 45 VAL VAL C . n 
C 1 46 SER 46 46 46 SER SER C . n 
C 1 47 THR 47 47 47 THR THR C . n 
C 1 48 ILE 48 48 48 ILE ILE C . n 
C 1 49 LEU 49 49 49 LEU LEU C . n 
C 1 50 ALA 50 50 50 ALA ALA C . n 
C 1 51 SER 51 51 51 SER SER C . n 
C 1 52 ILE 52 52 52 ILE ILE C . n 
D 1 1  GLY 1  1  ?  ?   ?   D . n 
D 1 2  SER 2  2  2  SER SER D . n 
D 1 3  ILE 3  3  3  ILE ILE D . n 
D 1 4  ILE 4  4  4  ILE ILE D . n 
D 1 5  ASN 5  5  5  ASN ASN D . n 
D 1 6  GLU 6  6  6  GLU GLU D . n 
D 1 7  THR 7  7  7  THR THR D . n 
D 1 8  ALA 8  8  8  ALA ALA D . n 
D 1 9  ASP 9  9  9  ASP ASP D . n 
D 1 10 ASP 10 10 10 ASP ASP D . n 
D 1 11 ILE 11 11 11 ILE ILE D . n 
D 1 12 VAL 12 12 12 VAL VAL D . n 
D 1 13 TYR 13 13 13 TYR TYR D . n 
D 1 14 ARG 14 14 14 ARG ARG D . n 
D 1 15 LEU 15 15 15 LEU LEU D . n 
D 1 16 THR 16 16 16 THR THR D . n 
D 1 17 VAL 17 17 17 VAL VAL D . n 
D 1 18 ILE 18 18 18 ILE ILE D . n 
D 1 19 ILE 19 19 19 ILE ILE D . n 
D 1 20 ASP 20 20 20 ASP ASP D . n 
D 1 21 ASP 21 21 21 ASP ASP D . n 
D 1 22 ARG 22 22 22 ARG ARG D . n 
D 1 23 TYR 23 23 23 TYR TYR D . n 
D 1 24 GLU 24 24 24 GLU GLU D . n 
D 1 25 SER 25 25 25 SER SER D . n 
D 1 26 LEU 26 26 26 LEU LEU D . n 
D 1 27 LYS 27 27 27 LYS LYS D . n 
D 1 28 ASN 28 28 28 ASN ASN D . n 
D 1 29 LEU 29 29 29 LEU LEU D . n 
D 1 30 ILE 30 30 30 ILE ILE D . n 
D 1 31 THR 31 31 31 THR THR D . n 
D 1 32 LEU 32 32 32 LEU LEU D . n 
D 1 33 ARG 33 33 33 ARG ARG D . n 
D 1 34 ALA 34 34 34 ALA ALA D . n 
D 1 35 ASP 35 35 35 ASP ASP D . n 
D 1 36 ARG 36 36 36 ARG ARG D . n 
D 1 37 LEU 37 37 37 LEU LEU D . n 
D 1 38 GLU 38 38 38 GLU GLU D . n 
D 1 39 MET 39 39 39 MET MET D . n 
D 1 40 ILE 40 40 40 ILE ILE D . n 
D 1 41 ILE 41 41 41 ILE ILE D . n 
D 1 42 ASN 42 42 42 ASN ASN D . n 
D 1 43 ASP 43 43 43 ASP ASP D . n 
D 1 44 ASN 44 44 44 ASN ASN D . n 
D 1 45 VAL 45 45 45 VAL VAL D . n 
D 1 46 SER 46 46 46 SER SER D . n 
D 1 47 THR 47 47 47 THR THR D . n 
D 1 48 ILE 48 48 48 ILE ILE D . n 
D 1 49 LEU 49 49 49 LEU LEU D . n 
D 1 50 ALA 50 50 50 ALA ALA D . n 
D 1 51 SER 51 51 51 SER SER D . n 
D 1 52 ILE 52 52 52 ILE ILE D . n 
# 
loop_
_pdbx_nonpoly_scheme.asym_id 
_pdbx_nonpoly_scheme.entity_id 
_pdbx_nonpoly_scheme.mon_id 
_pdbx_nonpoly_scheme.ndb_seq_num 
_pdbx_nonpoly_scheme.pdb_seq_num 
_pdbx_nonpoly_scheme.auth_seq_num 
_pdbx_nonpoly_scheme.pdb_mon_id 
_pdbx_nonpoly_scheme.auth_mon_id 
_pdbx_nonpoly_scheme.pdb_strand_id 
_pdbx_nonpoly_scheme.pdb_ins_code 
E  2 HG  1 101 6  HG  HG  A . 
F  3 IOD 1 102 11 IOD IOD A . 
G  3 IOD 1 103 12 IOD IOD A . 
H  3 IOD 1 104 14 IOD IOD A . 
I  4 HGN 1 105 1  HGN HGN A . 
J  5 NA  1 106 2  NA  NA  A . 
K  5 NA  1 107 3  NA  NA  A . 
L  2 HG  1 101 8  HG  HG  B . 
M  3 IOD 1 102 10 IOD IOD B . 
N  3 IOD 1 103 19 IOD IOD B . 
O  3 IOD 1 104 21 IOD IOD B . 
P  3 IOD 1 105 22 IOD IOD B . 
Q  3 IOD 1 106 23 IOD IOD B . 
R  6 SO4 1 107 4  SO4 SO4 B . 
S  7 K   1 108 1  K   K   B . 
T  7 K   1 109 4  K   K   B . 
U  7 K   1 110 5  K   K   B . 
V  7 K   1 101 6  K   K   C . 
W  8 GOL 1 102 1  GOL GOL C . 
X  2 HG  1 101 7  HG  HG  D . 
Y  3 IOD 1 102 13 IOD IOD D . 
Z  3 IOD 1 103 15 IOD IOD D . 
AA 3 IOD 1 104 16 IOD IOD D . 
BA 3 IOD 1 105 18 IOD IOD D . 
CA 3 IOD 1 106 24 IOD IOD D . 
DA 4 HGN 1 107 2  HGN HGN D . 
EA 7 K   1 108 2  K   K   D . 
FA 7 K   1 109 3  K   K   D . 
GA 8 GOL 1 110 2  GOL GOL D . 
HA 9 HGI 1 111 1  HGI HGI D . 
# 
_pdbx_struct_assembly.id                   1 
_pdbx_struct_assembly.details              author_and_software_defined_assembly 
_pdbx_struct_assembly.method_details       PISA 
_pdbx_struct_assembly.oligomeric_details   tetrameric 
_pdbx_struct_assembly.oligomeric_count     4 
# 
_pdbx_struct_assembly_gen.assembly_id       1 
_pdbx_struct_assembly_gen.oper_expression   1 
_pdbx_struct_assembly_gen.asym_id_list      A,B,C,D,E,F,G,H,I,J,K,L,M,N,O,P,Q,R,S,T,U,V,W,X,Y,Z,AA,BA,CA,DA,EA,FA,GA,HA 
# 
loop_
_pdbx_struct_assembly_prop.biol_id 
_pdbx_struct_assembly_prop.type 
_pdbx_struct_assembly_prop.value 
_pdbx_struct_assembly_prop.details 
1 'ABSA (A^2)' 10200 ? 
1 MORE         -129  ? 
1 'SSA (A^2)'  11920 ? 
# 
_pdbx_struct_oper_list.id                   1 
_pdbx_struct_oper_list.type                 'identity operation' 
_pdbx_struct_oper_list.name                 1_555 
_pdbx_struct_oper_list.symmetry_operation   x,y,z 
_pdbx_struct_oper_list.matrix[1][1]         1.0000000000 
_pdbx_struct_oper_list.matrix[1][2]         0.0000000000 
_pdbx_struct_oper_list.matrix[1][3]         0.0000000000 
_pdbx_struct_oper_list.vector[1]            0.0000000000 
_pdbx_struct_oper_list.matrix[2][1]         0.0000000000 
_pdbx_struct_oper_list.matrix[2][2]         1.0000000000 
_pdbx_struct_oper_list.matrix[2][3]         0.0000000000 
_pdbx_struct_oper_list.vector[2]            0.0000000000 
_pdbx_struct_oper_list.matrix[3][1]         0.0000000000 
_pdbx_struct_oper_list.matrix[3][2]         0.0000000000 
_pdbx_struct_oper_list.matrix[3][3]         1.0000000000 
_pdbx_struct_oper_list.vector[3]            0.0000000000 
# 
loop_
_pdbx_audit_revision_history.ordinal 
_pdbx_audit_revision_history.data_content_type 
_pdbx_audit_revision_history.major_revision 
_pdbx_audit_revision_history.minor_revision 
_pdbx_audit_revision_history.revision_date 
1 'Structure model' 1 0 2018-02-07 
2 'Structure model' 1 1 2018-02-14 
3 'Structure model' 1 2 2018-06-20 
4 'Structure model' 1 3 2018-08-22 
5 'Structure model' 1 4 2020-01-08 
6 'Structure model' 1 5 2023-10-04 
# 
_pdbx_audit_revision_details.ordinal             1 
_pdbx_audit_revision_details.revision_ordinal    1 
_pdbx_audit_revision_details.data_content_type   'Structure model' 
_pdbx_audit_revision_details.provider            repository 
_pdbx_audit_revision_details.type                'Initial release' 
_pdbx_audit_revision_details.description         ? 
_pdbx_audit_revision_details.details             ? 
# 
loop_
_pdbx_audit_revision_group.ordinal 
_pdbx_audit_revision_group.revision_ordinal 
_pdbx_audit_revision_group.data_content_type 
_pdbx_audit_revision_group.group 
1 2 'Structure model' 'Author supporting evidence' 
2 3 'Structure model' 'Data collection'            
3 3 'Structure model' 'Database references'        
4 4 'Structure model' 'Data collection'            
5 4 'Structure model' 'Database references'        
6 5 'Structure model' 'Author supporting evidence' 
7 6 'Structure model' 'Data collection'            
8 6 'Structure model' 'Database references'        
9 6 'Structure model' 'Refinement description'     
# 
loop_
_pdbx_audit_revision_category.ordinal 
_pdbx_audit_revision_category.revision_ordinal 
_pdbx_audit_revision_category.data_content_type 
_pdbx_audit_revision_category.category 
1  2 'Structure model' pdbx_audit_support            
2  3 'Structure model' citation                      
3  3 'Structure model' citation_author               
4  3 'Structure model' diffrn_source                 
5  4 'Structure model' citation                      
6  5 'Structure model' pdbx_audit_support            
7  6 'Structure model' chem_comp_atom                
8  6 'Structure model' chem_comp_bond                
9  6 'Structure model' database_2                    
10 6 'Structure model' pdbx_initial_refinement_model 
# 
loop_
_pdbx_audit_revision_item.ordinal 
_pdbx_audit_revision_item.revision_ordinal 
_pdbx_audit_revision_item.data_content_type 
_pdbx_audit_revision_item.item 
1  2 'Structure model' '_pdbx_audit_support.funding_organization' 
2  3 'Structure model' '_citation.country'                        
3  3 'Structure model' '_citation.journal_abbrev'                 
4  3 'Structure model' '_citation.journal_id_ASTM'                
5  3 'Structure model' '_citation.journal_id_CSD'                 
6  3 'Structure model' '_citation.journal_id_ISSN'                
7  3 'Structure model' '_citation.pdbx_database_id_DOI'           
8  3 'Structure model' '_citation.pdbx_database_id_PubMed'        
9  3 'Structure model' '_citation.title'                          
10 3 'Structure model' '_citation.year'                           
11 3 'Structure model' '_diffrn_source.pdbx_synchrotron_site'     
12 4 'Structure model' '_citation.journal_volume'                 
13 4 'Structure model' '_citation.page_first'                     
14 4 'Structure model' '_citation.page_last'                      
15 5 'Structure model' '_pdbx_audit_support.funding_organization' 
16 6 'Structure model' '_database_2.pdbx_DOI'                     
17 6 'Structure model' '_database_2.pdbx_database_accession'      
# 
loop_
_software.citation_id 
_software.classification 
_software.compiler_name 
_software.compiler_version 
_software.contact_author 
_software.contact_author_email 
_software.date 
_software.description 
_software.dependencies 
_software.hardware 
_software.language 
_software.location 
_software.mods 
_software.name 
_software.os 
_software.os_version 
_software.type 
_software.version 
_software.pdbx_ordinal 
? refinement       ? ? ? ? ? ? ? ? ? ? ? PHENIX ? ? ? 1.11.1_2575 1 
? 'data reduction' ? ? ? ? ? ? ? ? ? ? ? MOSFLM ? ? ? .           2 
? 'data scaling'   ? ? ? ? ? ? ? ? ? ? ? SCALA  ? ? ? .           3 
? 'model building' ? ? ? ? ? ? ? ? ? ? ? Coot   ? ? ? .           4 
? phasing          ? ? ? ? ? ? ? ? ? ? ? PHASER ? ? ? .           5 
# 
loop_
_pdbx_validate_torsion.id 
_pdbx_validate_torsion.PDB_model_num 
_pdbx_validate_torsion.auth_comp_id 
_pdbx_validate_torsion.auth_asym_id 
_pdbx_validate_torsion.auth_seq_id 
_pdbx_validate_torsion.PDB_ins_code 
_pdbx_validate_torsion.label_alt_id 
_pdbx_validate_torsion.phi 
_pdbx_validate_torsion.psi 
1 1 ILE A 41 ? ? -122.61 -57.42  
2 1 ASN B 5  ? ? 56.81   -145.90 
3 1 ALA B 8  ? ? -117.46 66.04   
4 1 THR C 7  ? ? -142.62 -45.08  
5 1 ALA C 50 ? ? -81.57  35.23   
6 1 SER C 51 ? ? -165.28 -20.94  
# 
loop_
_pdbx_unobs_or_zero_occ_atoms.id 
_pdbx_unobs_or_zero_occ_atoms.PDB_model_num 
_pdbx_unobs_or_zero_occ_atoms.polymer_flag 
_pdbx_unobs_or_zero_occ_atoms.occupancy_flag 
_pdbx_unobs_or_zero_occ_atoms.auth_asym_id 
_pdbx_unobs_or_zero_occ_atoms.auth_comp_id 
_pdbx_unobs_or_zero_occ_atoms.auth_seq_id 
_pdbx_unobs_or_zero_occ_atoms.PDB_ins_code 
_pdbx_unobs_or_zero_occ_atoms.auth_atom_id 
_pdbx_unobs_or_zero_occ_atoms.label_alt_id 
_pdbx_unobs_or_zero_occ_atoms.label_asym_id 
_pdbx_unobs_or_zero_occ_atoms.label_comp_id 
_pdbx_unobs_or_zero_occ_atoms.label_seq_id 
_pdbx_unobs_or_zero_occ_atoms.label_atom_id 
1  1 Y 1 A ARG 22 ? CG  ? A ARG 22 CG  
2  1 Y 1 A ARG 22 ? CD  ? A ARG 22 CD  
3  1 Y 1 A ARG 22 ? NE  ? A ARG 22 NE  
4  1 Y 1 A ARG 22 ? CZ  ? A ARG 22 CZ  
5  1 Y 1 A ARG 22 ? NH1 ? A ARG 22 NH1 
6  1 Y 1 A ARG 22 ? NH2 ? A ARG 22 NH2 
7  1 Y 1 A ASN 42 ? CG  ? A ASN 42 CG  
8  1 Y 1 A ASN 42 ? OD1 ? A ASN 42 OD1 
9  1 Y 1 A ASN 42 ? ND2 ? A ASN 42 ND2 
10 1 Y 1 A ILE 48 ? CG1 ? A ILE 48 CG1 
11 1 Y 1 A ILE 48 ? CG2 ? A ILE 48 CG2 
12 1 Y 1 A ILE 48 ? CD1 ? A ILE 48 CD1 
13 1 Y 1 A ILE 52 ? CG1 ? A ILE 52 CG1 
14 1 Y 1 A ILE 52 ? CG2 ? A ILE 52 CG2 
15 1 Y 1 A ILE 52 ? CD1 ? A ILE 52 CD1 
16 1 Y 1 B ILE 4  ? CG1 ? B ILE 4  CG1 
17 1 Y 1 B ILE 4  ? CG2 ? B ILE 4  CG2 
18 1 Y 1 B ILE 4  ? CD1 ? B ILE 4  CD1 
19 1 Y 1 B GLU 6  ? CG  ? B GLU 6  CG  
20 1 Y 1 B GLU 6  ? CD  ? B GLU 6  CD  
21 1 Y 1 B GLU 6  ? OE1 ? B GLU 6  OE1 
22 1 Y 1 B GLU 6  ? OE2 ? B GLU 6  OE2 
23 1 Y 1 B ASP 10 ? CG  ? B ASP 10 CG  
24 1 Y 1 B ASP 10 ? OD1 ? B ASP 10 OD1 
25 1 Y 1 B ASP 10 ? OD2 ? B ASP 10 OD2 
26 1 Y 1 B ILE 11 ? CG1 ? B ILE 11 CG1 
27 1 Y 1 B ILE 11 ? CG2 ? B ILE 11 CG2 
28 1 Y 1 B ILE 11 ? CD1 ? B ILE 11 CD1 
29 1 Y 1 B LEU 15 ? CG  ? B LEU 15 CG  
30 1 Y 1 B LEU 15 ? CD1 ? B LEU 15 CD1 
31 1 Y 1 B LEU 15 ? CD2 ? B LEU 15 CD2 
32 1 Y 1 B ASP 21 ? CG  ? B ASP 21 CG  
33 1 Y 1 B ASP 21 ? OD1 ? B ASP 21 OD1 
34 1 Y 1 B ASP 21 ? OD2 ? B ASP 21 OD2 
35 1 Y 1 B GLU 38 ? CG  ? B GLU 38 CG  
36 1 Y 1 B GLU 38 ? CD  ? B GLU 38 CD  
37 1 Y 1 B GLU 38 ? OE1 ? B GLU 38 OE1 
38 1 Y 1 B GLU 38 ? OE2 ? B GLU 38 OE2 
39 1 Y 1 B ILE 41 ? CG1 ? B ILE 41 CG1 
40 1 Y 1 B ILE 41 ? CG2 ? B ILE 41 CG2 
41 1 Y 1 B ILE 41 ? CD1 ? B ILE 41 CD1 
42 1 Y 1 B VAL 45 ? CG1 ? B VAL 45 CG1 
43 1 Y 1 B VAL 45 ? CG2 ? B VAL 45 CG2 
44 1 Y 1 B ILE 52 ? CG1 ? B ILE 52 CG1 
45 1 Y 1 B ILE 52 ? CG2 ? B ILE 52 CG2 
46 1 Y 1 B ILE 52 ? CD1 ? B ILE 52 CD1 
47 1 Y 1 C ILE 4  ? CG1 ? C ILE 4  CG1 
48 1 Y 1 C ILE 4  ? CG2 ? C ILE 4  CG2 
49 1 Y 1 C ILE 4  ? CD1 ? C ILE 4  CD1 
50 1 Y 1 C GLU 6  ? CG  ? C GLU 6  CG  
51 1 Y 1 C GLU 6  ? CD  ? C GLU 6  CD  
52 1 Y 1 C GLU 6  ? OE1 ? C GLU 6  OE1 
53 1 Y 1 C GLU 6  ? OE2 ? C GLU 6  OE2 
54 1 Y 1 C THR 7  ? OG1 ? C THR 7  OG1 
55 1 Y 1 C THR 7  ? CG2 ? C THR 7  CG2 
56 1 Y 1 C VAL 12 ? CG1 ? C VAL 12 CG1 
57 1 Y 1 C VAL 12 ? CG2 ? C VAL 12 CG2 
58 1 Y 1 D ILE 3  ? CG1 ? D ILE 3  CG1 
59 1 Y 1 D ILE 3  ? CG2 ? D ILE 3  CG2 
60 1 Y 1 D ILE 3  ? CD1 ? D ILE 3  CD1 
61 1 Y 1 D LEU 32 ? CG  ? D LEU 32 CG  
62 1 Y 1 D LEU 32 ? CD1 ? D LEU 32 CD1 
63 1 Y 1 D LEU 32 ? CD2 ? D LEU 32 CD2 
64 1 Y 1 D ARG 33 ? CG  ? D ARG 33 CG  
65 1 Y 1 D ARG 33 ? CD  ? D ARG 33 CD  
66 1 Y 1 D ARG 33 ? NE  ? D ARG 33 NE  
67 1 Y 1 D ARG 33 ? CZ  ? D ARG 33 CZ  
68 1 Y 1 D ARG 33 ? NH1 ? D ARG 33 NH1 
69 1 Y 1 D ARG 33 ? NH2 ? D ARG 33 NH2 
70 1 Y 1 D ILE 40 ? CG1 ? D ILE 40 CG1 
71 1 Y 1 D ILE 40 ? CG2 ? D ILE 40 CG2 
72 1 Y 1 D ILE 40 ? CD1 ? D ILE 40 CD1 
73 1 Y 1 D ASP 43 ? CG  ? D ASP 43 CG  
74 1 Y 1 D ASP 43 ? OD1 ? D ASP 43 OD1 
75 1 Y 1 D ASP 43 ? OD2 ? D ASP 43 OD2 
# 
loop_
_pdbx_unobs_or_zero_occ_residues.id 
_pdbx_unobs_or_zero_occ_residues.PDB_model_num 
_pdbx_unobs_or_zero_occ_residues.polymer_flag 
_pdbx_unobs_or_zero_occ_residues.occupancy_flag 
_pdbx_unobs_or_zero_occ_residues.auth_asym_id 
_pdbx_unobs_or_zero_occ_residues.auth_comp_id 
_pdbx_unobs_or_zero_occ_residues.auth_seq_id 
_pdbx_unobs_or_zero_occ_residues.PDB_ins_code 
_pdbx_unobs_or_zero_occ_residues.label_asym_id 
_pdbx_unobs_or_zero_occ_residues.label_comp_id 
_pdbx_unobs_or_zero_occ_residues.label_seq_id 
1 1 Y 1 A GLY 1 ? A GLY 1 
2 1 Y 1 B GLY 1 ? B GLY 1 
3 1 Y 1 B SER 2 ? B SER 2 
4 1 Y 1 B ILE 3 ? B ILE 3 
5 1 Y 1 C GLY 1 ? C GLY 1 
6 1 Y 1 C SER 2 ? C SER 2 
7 1 Y 1 C ILE 3 ? C ILE 3 
8 1 Y 1 D GLY 1 ? D GLY 1 
# 
loop_
_chem_comp_atom.comp_id 
_chem_comp_atom.atom_id 
_chem_comp_atom.type_symbol 
_chem_comp_atom.pdbx_aromatic_flag 
_chem_comp_atom.pdbx_stereo_config 
_chem_comp_atom.pdbx_ordinal 
ALA N    N  N N 1   
ALA CA   C  N S 2   
ALA C    C  N N 3   
ALA O    O  N N 4   
ALA CB   C  N N 5   
ALA OXT  O  N N 6   
ALA H    H  N N 7   
ALA H2   H  N N 8   
ALA HA   H  N N 9   
ALA HB1  H  N N 10  
ALA HB2  H  N N 11  
ALA HB3  H  N N 12  
ALA HXT  H  N N 13  
ARG N    N  N N 14  
ARG CA   C  N S 15  
ARG C    C  N N 16  
ARG O    O  N N 17  
ARG CB   C  N N 18  
ARG CG   C  N N 19  
ARG CD   C  N N 20  
ARG NE   N  N N 21  
ARG CZ   C  N N 22  
ARG NH1  N  N N 23  
ARG NH2  N  N N 24  
ARG OXT  O  N N 25  
ARG H    H  N N 26  
ARG H2   H  N N 27  
ARG HA   H  N N 28  
ARG HB2  H  N N 29  
ARG HB3  H  N N 30  
ARG HG2  H  N N 31  
ARG HG3  H  N N 32  
ARG HD2  H  N N 33  
ARG HD3  H  N N 34  
ARG HE   H  N N 35  
ARG HH11 H  N N 36  
ARG HH12 H  N N 37  
ARG HH21 H  N N 38  
ARG HH22 H  N N 39  
ARG HXT  H  N N 40  
ASN N    N  N N 41  
ASN CA   C  N S 42  
ASN C    C  N N 43  
ASN O    O  N N 44  
ASN CB   C  N N 45  
ASN CG   C  N N 46  
ASN OD1  O  N N 47  
ASN ND2  N  N N 48  
ASN OXT  O  N N 49  
ASN H    H  N N 50  
ASN H2   H  N N 51  
ASN HA   H  N N 52  
ASN HB2  H  N N 53  
ASN HB3  H  N N 54  
ASN HD21 H  N N 55  
ASN HD22 H  N N 56  
ASN HXT  H  N N 57  
ASP N    N  N N 58  
ASP CA   C  N S 59  
ASP C    C  N N 60  
ASP O    O  N N 61  
ASP CB   C  N N 62  
ASP CG   C  N N 63  
ASP OD1  O  N N 64  
ASP OD2  O  N N 65  
ASP OXT  O  N N 66  
ASP H    H  N N 67  
ASP H2   H  N N 68  
ASP HA   H  N N 69  
ASP HB2  H  N N 70  
ASP HB3  H  N N 71  
ASP HD2  H  N N 72  
ASP HXT  H  N N 73  
GLU N    N  N N 74  
GLU CA   C  N S 75  
GLU C    C  N N 76  
GLU O    O  N N 77  
GLU CB   C  N N 78  
GLU CG   C  N N 79  
GLU CD   C  N N 80  
GLU OE1  O  N N 81  
GLU OE2  O  N N 82  
GLU OXT  O  N N 83  
GLU H    H  N N 84  
GLU H2   H  N N 85  
GLU HA   H  N N 86  
GLU HB2  H  N N 87  
GLU HB3  H  N N 88  
GLU HG2  H  N N 89  
GLU HG3  H  N N 90  
GLU HE2  H  N N 91  
GLU HXT  H  N N 92  
GLY N    N  N N 93  
GLY CA   C  N N 94  
GLY C    C  N N 95  
GLY O    O  N N 96  
GLY OXT  O  N N 97  
GLY H    H  N N 98  
GLY H2   H  N N 99  
GLY HA2  H  N N 100 
GLY HA3  H  N N 101 
GLY HXT  H  N N 102 
GOL C1   C  N N 103 
GOL O1   O  N N 104 
GOL C2   C  N N 105 
GOL O2   O  N N 106 
GOL C3   C  N N 107 
GOL O3   O  N N 108 
GOL H11  H  N N 109 
GOL H12  H  N N 110 
GOL HO1  H  N N 111 
GOL H2   H  N N 112 
GOL HO2  H  N N 113 
GOL H31  H  N N 114 
GOL H32  H  N N 115 
GOL HO3  H  N N 116 
HG  HG   HG N N 117 
HGI HG   HG N N 118 
HGI I1   I  N N 119 
HGI I2   I  N N 120 
HGN HG1  HG N N 121 
HGN HG2  HG N N 122 
ILE N    N  N N 123 
ILE CA   C  N S 124 
ILE C    C  N N 125 
ILE O    O  N N 126 
ILE CB   C  N S 127 
ILE CG1  C  N N 128 
ILE CG2  C  N N 129 
ILE CD1  C  N N 130 
ILE OXT  O  N N 131 
ILE H    H  N N 132 
ILE H2   H  N N 133 
ILE HA   H  N N 134 
ILE HB   H  N N 135 
ILE HG12 H  N N 136 
ILE HG13 H  N N 137 
ILE HG21 H  N N 138 
ILE HG22 H  N N 139 
ILE HG23 H  N N 140 
ILE HD11 H  N N 141 
ILE HD12 H  N N 142 
ILE HD13 H  N N 143 
ILE HXT  H  N N 144 
IOD I    I  N N 145 
K   K    K  N N 146 
LEU N    N  N N 147 
LEU CA   C  N S 148 
LEU C    C  N N 149 
LEU O    O  N N 150 
LEU CB   C  N N 151 
LEU CG   C  N N 152 
LEU CD1  C  N N 153 
LEU CD2  C  N N 154 
LEU OXT  O  N N 155 
LEU H    H  N N 156 
LEU H2   H  N N 157 
LEU HA   H  N N 158 
LEU HB2  H  N N 159 
LEU HB3  H  N N 160 
LEU HG   H  N N 161 
LEU HD11 H  N N 162 
LEU HD12 H  N N 163 
LEU HD13 H  N N 164 
LEU HD21 H  N N 165 
LEU HD22 H  N N 166 
LEU HD23 H  N N 167 
LEU HXT  H  N N 168 
LYS N    N  N N 169 
LYS CA   C  N S 170 
LYS C    C  N N 171 
LYS O    O  N N 172 
LYS CB   C  N N 173 
LYS CG   C  N N 174 
LYS CD   C  N N 175 
LYS CE   C  N N 176 
LYS NZ   N  N N 177 
LYS OXT  O  N N 178 
LYS H    H  N N 179 
LYS H2   H  N N 180 
LYS HA   H  N N 181 
LYS HB2  H  N N 182 
LYS HB3  H  N N 183 
LYS HG2  H  N N 184 
LYS HG3  H  N N 185 
LYS HD2  H  N N 186 
LYS HD3  H  N N 187 
LYS HE2  H  N N 188 
LYS HE3  H  N N 189 
LYS HZ1  H  N N 190 
LYS HZ2  H  N N 191 
LYS HZ3  H  N N 192 
LYS HXT  H  N N 193 
MET N    N  N N 194 
MET CA   C  N S 195 
MET C    C  N N 196 
MET O    O  N N 197 
MET CB   C  N N 198 
MET CG   C  N N 199 
MET SD   S  N N 200 
MET CE   C  N N 201 
MET OXT  O  N N 202 
MET H    H  N N 203 
MET H2   H  N N 204 
MET HA   H  N N 205 
MET HB2  H  N N 206 
MET HB3  H  N N 207 
MET HG2  H  N N 208 
MET HG3  H  N N 209 
MET HE1  H  N N 210 
MET HE2  H  N N 211 
MET HE3  H  N N 212 
MET HXT  H  N N 213 
NA  NA   NA N N 214 
SER N    N  N N 215 
SER CA   C  N S 216 
SER C    C  N N 217 
SER O    O  N N 218 
SER CB   C  N N 219 
SER OG   O  N N 220 
SER OXT  O  N N 221 
SER H    H  N N 222 
SER H2   H  N N 223 
SER HA   H  N N 224 
SER HB2  H  N N 225 
SER HB3  H  N N 226 
SER HG   H  N N 227 
SER HXT  H  N N 228 
SO4 S    S  N N 229 
SO4 O1   O  N N 230 
SO4 O2   O  N N 231 
SO4 O3   O  N N 232 
SO4 O4   O  N N 233 
THR N    N  N N 234 
THR CA   C  N S 235 
THR C    C  N N 236 
THR O    O  N N 237 
THR CB   C  N R 238 
THR OG1  O  N N 239 
THR CG2  C  N N 240 
THR OXT  O  N N 241 
THR H    H  N N 242 
THR H2   H  N N 243 
THR HA   H  N N 244 
THR HB   H  N N 245 
THR HG1  H  N N 246 
THR HG21 H  N N 247 
THR HG22 H  N N 248 
THR HG23 H  N N 249 
THR HXT  H  N N 250 
TYR N    N  N N 251 
TYR CA   C  N S 252 
TYR C    C  N N 253 
TYR O    O  N N 254 
TYR CB   C  N N 255 
TYR CG   C  Y N 256 
TYR CD1  C  Y N 257 
TYR CD2  C  Y N 258 
TYR CE1  C  Y N 259 
TYR CE2  C  Y N 260 
TYR CZ   C  Y N 261 
TYR OH   O  N N 262 
TYR OXT  O  N N 263 
TYR H    H  N N 264 
TYR H2   H  N N 265 
TYR HA   H  N N 266 
TYR HB2  H  N N 267 
TYR HB3  H  N N 268 
TYR HD1  H  N N 269 
TYR HD2  H  N N 270 
TYR HE1  H  N N 271 
TYR HE2  H  N N 272 
TYR HH   H  N N 273 
TYR HXT  H  N N 274 
VAL N    N  N N 275 
VAL CA   C  N S 276 
VAL C    C  N N 277 
VAL O    O  N N 278 
VAL CB   C  N N 279 
VAL CG1  C  N N 280 
VAL CG2  C  N N 281 
VAL OXT  O  N N 282 
VAL H    H  N N 283 
VAL H2   H  N N 284 
VAL HA   H  N N 285 
VAL HB   H  N N 286 
VAL HG11 H  N N 287 
VAL HG12 H  N N 288 
VAL HG13 H  N N 289 
VAL HG21 H  N N 290 
VAL HG22 H  N N 291 
VAL HG23 H  N N 292 
VAL HXT  H  N N 293 
# 
loop_
_chem_comp_bond.comp_id 
_chem_comp_bond.atom_id_1 
_chem_comp_bond.atom_id_2 
_chem_comp_bond.value_order 
_chem_comp_bond.pdbx_aromatic_flag 
_chem_comp_bond.pdbx_stereo_config 
_chem_comp_bond.pdbx_ordinal 
ALA N   CA   sing N N 1   
ALA N   H    sing N N 2   
ALA N   H2   sing N N 3   
ALA CA  C    sing N N 4   
ALA CA  CB   sing N N 5   
ALA CA  HA   sing N N 6   
ALA C   O    doub N N 7   
ALA C   OXT  sing N N 8   
ALA CB  HB1  sing N N 9   
ALA CB  HB2  sing N N 10  
ALA CB  HB3  sing N N 11  
ALA OXT HXT  sing N N 12  
ARG N   CA   sing N N 13  
ARG N   H    sing N N 14  
ARG N   H2   sing N N 15  
ARG CA  C    sing N N 16  
ARG CA  CB   sing N N 17  
ARG CA  HA   sing N N 18  
ARG C   O    doub N N 19  
ARG C   OXT  sing N N 20  
ARG CB  CG   sing N N 21  
ARG CB  HB2  sing N N 22  
ARG CB  HB3  sing N N 23  
ARG CG  CD   sing N N 24  
ARG CG  HG2  sing N N 25  
ARG CG  HG3  sing N N 26  
ARG CD  NE   sing N N 27  
ARG CD  HD2  sing N N 28  
ARG CD  HD3  sing N N 29  
ARG NE  CZ   sing N N 30  
ARG NE  HE   sing N N 31  
ARG CZ  NH1  sing N N 32  
ARG CZ  NH2  doub N N 33  
ARG NH1 HH11 sing N N 34  
ARG NH1 HH12 sing N N 35  
ARG NH2 HH21 sing N N 36  
ARG NH2 HH22 sing N N 37  
ARG OXT HXT  sing N N 38  
ASN N   CA   sing N N 39  
ASN N   H    sing N N 40  
ASN N   H2   sing N N 41  
ASN CA  C    sing N N 42  
ASN CA  CB   sing N N 43  
ASN CA  HA   sing N N 44  
ASN C   O    doub N N 45  
ASN C   OXT  sing N N 46  
ASN CB  CG   sing N N 47  
ASN CB  HB2  sing N N 48  
ASN CB  HB3  sing N N 49  
ASN CG  OD1  doub N N 50  
ASN CG  ND2  sing N N 51  
ASN ND2 HD21 sing N N 52  
ASN ND2 HD22 sing N N 53  
ASN OXT HXT  sing N N 54  
ASP N   CA   sing N N 55  
ASP N   H    sing N N 56  
ASP N   H2   sing N N 57  
ASP CA  C    sing N N 58  
ASP CA  CB   sing N N 59  
ASP CA  HA   sing N N 60  
ASP C   O    doub N N 61  
ASP C   OXT  sing N N 62  
ASP CB  CG   sing N N 63  
ASP CB  HB2  sing N N 64  
ASP CB  HB3  sing N N 65  
ASP CG  OD1  doub N N 66  
ASP CG  OD2  sing N N 67  
ASP OD2 HD2  sing N N 68  
ASP OXT HXT  sing N N 69  
GLU N   CA   sing N N 70  
GLU N   H    sing N N 71  
GLU N   H2   sing N N 72  
GLU CA  C    sing N N 73  
GLU CA  CB   sing N N 74  
GLU CA  HA   sing N N 75  
GLU C   O    doub N N 76  
GLU C   OXT  sing N N 77  
GLU CB  CG   sing N N 78  
GLU CB  HB2  sing N N 79  
GLU CB  HB3  sing N N 80  
GLU CG  CD   sing N N 81  
GLU CG  HG2  sing N N 82  
GLU CG  HG3  sing N N 83  
GLU CD  OE1  doub N N 84  
GLU CD  OE2  sing N N 85  
GLU OE2 HE2  sing N N 86  
GLU OXT HXT  sing N N 87  
GLY N   CA   sing N N 88  
GLY N   H    sing N N 89  
GLY N   H2   sing N N 90  
GLY CA  C    sing N N 91  
GLY CA  HA2  sing N N 92  
GLY CA  HA3  sing N N 93  
GLY C   O    doub N N 94  
GLY C   OXT  sing N N 95  
GLY OXT HXT  sing N N 96  
GOL C1  O1   sing N N 97  
GOL C1  C2   sing N N 98  
GOL C1  H11  sing N N 99  
GOL C1  H12  sing N N 100 
GOL O1  HO1  sing N N 101 
GOL C2  O2   sing N N 102 
GOL C2  C3   sing N N 103 
GOL C2  H2   sing N N 104 
GOL O2  HO2  sing N N 105 
GOL C3  O3   sing N N 106 
GOL C3  H31  sing N N 107 
GOL C3  H32  sing N N 108 
GOL O3  HO3  sing N N 109 
HGI HG  I1   sing N N 110 
HGI HG  I2   sing N N 111 
HGN HG2 HG1  sing N N 112 
ILE N   CA   sing N N 113 
ILE N   H    sing N N 114 
ILE N   H2   sing N N 115 
ILE CA  C    sing N N 116 
ILE CA  CB   sing N N 117 
ILE CA  HA   sing N N 118 
ILE C   O    doub N N 119 
ILE C   OXT  sing N N 120 
ILE CB  CG1  sing N N 121 
ILE CB  CG2  sing N N 122 
ILE CB  HB   sing N N 123 
ILE CG1 CD1  sing N N 124 
ILE CG1 HG12 sing N N 125 
ILE CG1 HG13 sing N N 126 
ILE CG2 HG21 sing N N 127 
ILE CG2 HG22 sing N N 128 
ILE CG2 HG23 sing N N 129 
ILE CD1 HD11 sing N N 130 
ILE CD1 HD12 sing N N 131 
ILE CD1 HD13 sing N N 132 
ILE OXT HXT  sing N N 133 
LEU N   CA   sing N N 134 
LEU N   H    sing N N 135 
LEU N   H2   sing N N 136 
LEU CA  C    sing N N 137 
LEU CA  CB   sing N N 138 
LEU CA  HA   sing N N 139 
LEU C   O    doub N N 140 
LEU C   OXT  sing N N 141 
LEU CB  CG   sing N N 142 
LEU CB  HB2  sing N N 143 
LEU CB  HB3  sing N N 144 
LEU CG  CD1  sing N N 145 
LEU CG  CD2  sing N N 146 
LEU CG  HG   sing N N 147 
LEU CD1 HD11 sing N N 148 
LEU CD1 HD12 sing N N 149 
LEU CD1 HD13 sing N N 150 
LEU CD2 HD21 sing N N 151 
LEU CD2 HD22 sing N N 152 
LEU CD2 HD23 sing N N 153 
LEU OXT HXT  sing N N 154 
LYS N   CA   sing N N 155 
LYS N   H    sing N N 156 
LYS N   H2   sing N N 157 
LYS CA  C    sing N N 158 
LYS CA  CB   sing N N 159 
LYS CA  HA   sing N N 160 
LYS C   O    doub N N 161 
LYS C   OXT  sing N N 162 
LYS CB  CG   sing N N 163 
LYS CB  HB2  sing N N 164 
LYS CB  HB3  sing N N 165 
LYS CG  CD   sing N N 166 
LYS CG  HG2  sing N N 167 
LYS CG  HG3  sing N N 168 
LYS CD  CE   sing N N 169 
LYS CD  HD2  sing N N 170 
LYS CD  HD3  sing N N 171 
LYS CE  NZ   sing N N 172 
LYS CE  HE2  sing N N 173 
LYS CE  HE3  sing N N 174 
LYS NZ  HZ1  sing N N 175 
LYS NZ  HZ2  sing N N 176 
LYS NZ  HZ3  sing N N 177 
LYS OXT HXT  sing N N 178 
MET N   CA   sing N N 179 
MET N   H    sing N N 180 
MET N   H2   sing N N 181 
MET CA  C    sing N N 182 
MET CA  CB   sing N N 183 
MET CA  HA   sing N N 184 
MET C   O    doub N N 185 
MET C   OXT  sing N N 186 
MET CB  CG   sing N N 187 
MET CB  HB2  sing N N 188 
MET CB  HB3  sing N N 189 
MET CG  SD   sing N N 190 
MET CG  HG2  sing N N 191 
MET CG  HG3  sing N N 192 
MET SD  CE   sing N N 193 
MET CE  HE1  sing N N 194 
MET CE  HE2  sing N N 195 
MET CE  HE3  sing N N 196 
MET OXT HXT  sing N N 197 
SER N   CA   sing N N 198 
SER N   H    sing N N 199 
SER N   H2   sing N N 200 
SER CA  C    sing N N 201 
SER CA  CB   sing N N 202 
SER CA  HA   sing N N 203 
SER C   O    doub N N 204 
SER C   OXT  sing N N 205 
SER CB  OG   sing N N 206 
SER CB  HB2  sing N N 207 
SER CB  HB3  sing N N 208 
SER OG  HG   sing N N 209 
SER OXT HXT  sing N N 210 
SO4 S   O1   doub N N 211 
SO4 S   O2   doub N N 212 
SO4 S   O3   sing N N 213 
SO4 S   O4   sing N N 214 
THR N   CA   sing N N 215 
THR N   H    sing N N 216 
THR N   H2   sing N N 217 
THR CA  C    sing N N 218 
THR CA  CB   sing N N 219 
THR CA  HA   sing N N 220 
THR C   O    doub N N 221 
THR C   OXT  sing N N 222 
THR CB  OG1  sing N N 223 
THR CB  CG2  sing N N 224 
THR CB  HB   sing N N 225 
THR OG1 HG1  sing N N 226 
THR CG2 HG21 sing N N 227 
THR CG2 HG22 sing N N 228 
THR CG2 HG23 sing N N 229 
THR OXT HXT  sing N N 230 
TYR N   CA   sing N N 231 
TYR N   H    sing N N 232 
TYR N   H2   sing N N 233 
TYR CA  C    sing N N 234 
TYR CA  CB   sing N N 235 
TYR CA  HA   sing N N 236 
TYR C   O    doub N N 237 
TYR C   OXT  sing N N 238 
TYR CB  CG   sing N N 239 
TYR CB  HB2  sing N N 240 
TYR CB  HB3  sing N N 241 
TYR CG  CD1  doub Y N 242 
TYR CG  CD2  sing Y N 243 
TYR CD1 CE1  sing Y N 244 
TYR CD1 HD1  sing N N 245 
TYR CD2 CE2  doub Y N 246 
TYR CD2 HD2  sing N N 247 
TYR CE1 CZ   doub Y N 248 
TYR CE1 HE1  sing N N 249 
TYR CE2 CZ   sing Y N 250 
TYR CE2 HE2  sing N N 251 
TYR CZ  OH   sing N N 252 
TYR OH  HH   sing N N 253 
TYR OXT HXT  sing N N 254 
VAL N   CA   sing N N 255 
VAL N   H    sing N N 256 
VAL N   H2   sing N N 257 
VAL CA  C    sing N N 258 
VAL CA  CB   sing N N 259 
VAL CA  HA   sing N N 260 
VAL C   O    doub N N 261 
VAL C   OXT  sing N N 262 
VAL CB  CG1  sing N N 263 
VAL CB  CG2  sing N N 264 
VAL CB  HB   sing N N 265 
VAL CG1 HG11 sing N N 266 
VAL CG1 HG12 sing N N 267 
VAL CG1 HG13 sing N N 268 
VAL CG2 HG21 sing N N 269 
VAL CG2 HG22 sing N N 270 
VAL CG2 HG23 sing N N 271 
VAL OXT HXT  sing N N 272 
# 
loop_
_pdbx_audit_support.funding_organization 
_pdbx_audit_support.country 
_pdbx_audit_support.grant_number 
_pdbx_audit_support.ordinal 
'Natural Sciences and Engineering Research Council (NSERC, Canada)' Canada RGPIN-342077-2012  1 
'Natural Sciences and Engineering Research Council (NSERC, Canada)' Canada RGPIN-004954-2017  2 
'Natural Sciences and Engineering Research Council (NSERC, Canada)' Canada 'STGP 479210-2015' 3 
# 
loop_
_pdbx_entity_nonpoly.entity_id 
_pdbx_entity_nonpoly.name 
_pdbx_entity_nonpoly.comp_id 
2 'MERCURY (II) ION'    HG  
3 'IODIDE ION'          IOD 
4 mercuriomercury       HGN 
5 'SODIUM ION'          NA  
6 'SULFATE ION'         SO4 
7 'POTASSIUM ION'       K   
8 GLYCEROL              GOL 
9 'MERCURY (II) IODIDE' HGI 
# 
_pdbx_initial_refinement_model.id               1 
_pdbx_initial_refinement_model.entity_id_list   ? 
_pdbx_initial_refinement_model.type             'experimental model' 
_pdbx_initial_refinement_model.source_name      PDB 
_pdbx_initial_refinement_model.accession_code   1YBK 
_pdbx_initial_refinement_model.details          ? 
# 
_pdbx_struct_assembly_auth_evidence.id                     1 
_pdbx_struct_assembly_auth_evidence.assembly_id            1 
_pdbx_struct_assembly_auth_evidence.experimental_support   'light scattering' 
_pdbx_struct_assembly_auth_evidence.details                ? 
# 
